data_6RX1
# 
_entry.id   6RX1 
# 
_audit_conform.dict_name       mmcif_pdbx.dic 
_audit_conform.dict_version    5.397 
_audit_conform.dict_location   http://mmcif.pdb.org/dictionaries/ascii/mmcif_pdbx.dic 
# 
loop_
_database_2.database_id 
_database_2.database_code 
_database_2.pdbx_database_accession 
_database_2.pdbx_DOI 
PDB   6RX1         pdb_00006rx1 10.2210/pdb6rx1/pdb 
WWPDB D_1292100801 ?            ?                   
# 
loop_
_pdbx_audit_revision_history.ordinal 
_pdbx_audit_revision_history.data_content_type 
_pdbx_audit_revision_history.major_revision 
_pdbx_audit_revision_history.minor_revision 
_pdbx_audit_revision_history.revision_date 
1 'Structure model' 1 0 2019-11-20 
2 'Structure model' 1 1 2019-12-25 
3 'Structure model' 1 2 2024-01-24 
4 'Structure model' 1 3 2024-10-23 
# 
_pdbx_audit_revision_details.ordinal             1 
_pdbx_audit_revision_details.revision_ordinal    1 
_pdbx_audit_revision_details.data_content_type   'Structure model' 
_pdbx_audit_revision_details.provider            repository 
_pdbx_audit_revision_details.type                'Initial release' 
_pdbx_audit_revision_details.description         ? 
_pdbx_audit_revision_details.details             ? 
# 
loop_
_pdbx_audit_revision_group.ordinal 
_pdbx_audit_revision_group.revision_ordinal 
_pdbx_audit_revision_group.data_content_type 
_pdbx_audit_revision_group.group 
1 2 'Structure model' 'Database references'    
2 3 'Structure model' 'Data collection'        
3 3 'Structure model' 'Database references'    
4 3 'Structure model' 'Refinement description' 
5 4 'Structure model' 'Structure summary'      
# 
loop_
_pdbx_audit_revision_category.ordinal 
_pdbx_audit_revision_category.revision_ordinal 
_pdbx_audit_revision_category.data_content_type 
_pdbx_audit_revision_category.category 
1 2 'Structure model' citation                      
2 3 'Structure model' chem_comp_atom                
3 3 'Structure model' chem_comp_bond                
4 3 'Structure model' database_2                    
5 3 'Structure model' pdbx_initial_refinement_model 
6 4 'Structure model' pdbx_entry_details            
7 4 'Structure model' pdbx_modification_feature     
# 
loop_
_pdbx_audit_revision_item.ordinal 
_pdbx_audit_revision_item.revision_ordinal 
_pdbx_audit_revision_item.data_content_type 
_pdbx_audit_revision_item.item 
1 2 'Structure model' '_citation.journal_volume'                     
2 2 'Structure model' '_citation.page_first'                         
3 2 'Structure model' '_citation.page_last'                          
4 2 'Structure model' '_citation.title'                              
5 3 'Structure model' '_database_2.pdbx_DOI'                         
6 3 'Structure model' '_database_2.pdbx_database_accession'          
7 4 'Structure model' '_pdbx_entry_details.has_protein_modification' 
# 
_pdbx_database_status.status_code                     REL 
_pdbx_database_status.status_code_sf                  REL 
_pdbx_database_status.status_code_mr                  ? 
_pdbx_database_status.entry_id                        6RX1 
_pdbx_database_status.recvd_initial_deposition_date   2019-06-07 
_pdbx_database_status.SG_entry                        N 
_pdbx_database_status.deposit_site                    PDBE 
_pdbx_database_status.process_site                    PDBE 
_pdbx_database_status.status_code_cs                  ? 
_pdbx_database_status.methods_development_category    ? 
_pdbx_database_status.pdb_format_compatible           Y 
_pdbx_database_status.status_code_nmr_data            ? 
# 
loop_
_audit_author.name 
_audit_author.pdbx_ordinal 
_audit_author.identifier_ORCID 
'Ruigrok, K.'  1 0000-0002-4699-7606 
'Backovic, M.' 2 0000-0001-8814-4428 
'Vaney, M.C.'  3 0000-0002-9071-9988 
'Rey, F.A.'    4 0000-0002-9953-7988 
# 
loop_
_citation.abstract 
_citation.abstract_id_CAS 
_citation.book_id_ISBN 
_citation.book_publisher 
_citation.book_publisher_city 
_citation.book_title 
_citation.coordinate_linkage 
_citation.country 
_citation.database_id_Medline 
_citation.details 
_citation.id 
_citation.journal_abbrev 
_citation.journal_id_ASTM 
_citation.journal_id_CSD 
_citation.journal_id_ISSN 
_citation.journal_full 
_citation.journal_issue 
_citation.journal_volume 
_citation.language 
_citation.page_first 
_citation.page_last 
_citation.title 
_citation.year 
_citation.database_id_CSD 
_citation.pdbx_database_id_DOI 
_citation.pdbx_database_id_PubMed 
_citation.unpublished_flag 
? ? ? ? ? ? ? UK ? ? primary J.Mol.Biol. JMOBAK 0070 1089-8638 ? ? 431 ? 4922 4940 
'X-ray Structures of the Post-fusion 6-Helix Bundle of the Human Syncytins and their Functional Implications.' 2019 ? 
10.1016/j.jmb.2019.10.020 31711961 ? 
? ? ? ? ? ? ? UK ? ? 1       J.Mol.Biol. JMOBAK 0070 0022-2836 ? ? 352 ? 1029 1034 
;Crystal structure of a pivotal domain of human syncytin-2, a 40 million years old endogenous retrovirus fusogenic envelope gene captured by primates.
;
2005 ? 10.1016/j.jmb.2005.07.058 16140326 ? 
# 
loop_
_citation_author.citation_id 
_citation_author.name 
_citation_author.ordinal 
_citation_author.identifier_ORCID 
primary 'Ruigrok, K.'    1  ? 
primary 'Vaney, M.C.'    2  ? 
primary 'Buchrieser, J.' 3  ? 
primary 'Baquero, E.'    4  ? 
primary 'Hellert, J.'    5  ? 
primary 'Baron, B.'      6  ? 
primary 'England, P.'    7  ? 
primary 'Schwartz, O.'   8  ? 
primary 'Rey, F.A.'      9  ? 
primary 'Backovic, M.'   10 ? 
1       'Renard, M.'     11 ? 
1       'Varela, P.F.'   12 ? 
1       'Letzelter, C.'  13 ? 
1       'Duquerroy, S.'  14 ? 
1       'Rey, F.A.'      15 ? 
1       'Heidmann, T.'   16 ? 
# 
loop_
_entity.id 
_entity.type 
_entity.src_method 
_entity.pdbx_description 
_entity.formula_weight 
_entity.pdbx_number_of_molecules 
_entity.pdbx_ec 
_entity.pdbx_mutation 
_entity.pdbx_fragment 
_entity.details 
1 polymer     man Syncytin-1     12614.133 1  ? ? ? 
;The following sequence MHHHHHHENLYFQS at the N-terminal of the protein sequence is from an expression tag with the 1st residue MET as the initiating methionine. The 3 first residues 'TST' from the protein sequence are disordered in density.
;
2 non-polymer syn GLYCEROL       92.094    1  ? ? ? ? 
3 non-polymer nat 'CHLORIDE ION' 35.453    1  ? ? ? ? 
4 water       nat water          18.015    70 ? ? ? ? 
# 
_entity_name_com.entity_id   1 
_entity_name_com.name        
;Endogenous retrovirus group W member 1,Env-W,Envelope polyprotein gPr73,Enverin,HERV-7q Envelope protein,HERV-W envelope protein,HERV-W_7q21.2 provirus ancestral Env polyprotein,Syncytin
;
# 
_entity_poly.entity_id                      1 
_entity_poly.type                           'polypeptide(L)' 
_entity_poly.nstd_linkage                   no 
_entity_poly.nstd_monomer                   no 
_entity_poly.pdbx_seq_one_letter_code       
;MHHHHHHENLYFQSTSTQFYYKLSQELNGDMERVADSLVTLQDQLNSLAAVVLQNRRALDLLTAERGGTCLFLGEECCYY
VNQSGIVTEKVKEIRDRIQRRAEELRNT
;
_entity_poly.pdbx_seq_one_letter_code_can   
;MHHHHHHENLYFQSTSTQFYYKLSQELNGDMERVADSLVTLQDQLNSLAAVVLQNRRALDLLTAERGGTCLFLGEECCYY
VNQSGIVTEKVKEIRDRIQRRAEELRNT
;
_entity_poly.pdbx_strand_id                 A 
_entity_poly.pdbx_target_identifier         ? 
# 
loop_
_pdbx_entity_nonpoly.entity_id 
_pdbx_entity_nonpoly.name 
_pdbx_entity_nonpoly.comp_id 
2 GLYCEROL       GOL 
3 'CHLORIDE ION' CL  
4 water          HOH 
# 
loop_
_entity_poly_seq.entity_id 
_entity_poly_seq.num 
_entity_poly_seq.mon_id 
_entity_poly_seq.hetero 
1 1   MET n 
1 2   HIS n 
1 3   HIS n 
1 4   HIS n 
1 5   HIS n 
1 6   HIS n 
1 7   HIS n 
1 8   GLU n 
1 9   ASN n 
1 10  LEU n 
1 11  TYR n 
1 12  PHE n 
1 13  GLN n 
1 14  SER n 
1 15  THR n 
1 16  SER n 
1 17  THR n 
1 18  GLN n 
1 19  PHE n 
1 20  TYR n 
1 21  TYR n 
1 22  LYS n 
1 23  LEU n 
1 24  SER n 
1 25  GLN n 
1 26  GLU n 
1 27  LEU n 
1 28  ASN n 
1 29  GLY n 
1 30  ASP n 
1 31  MET n 
1 32  GLU n 
1 33  ARG n 
1 34  VAL n 
1 35  ALA n 
1 36  ASP n 
1 37  SER n 
1 38  LEU n 
1 39  VAL n 
1 40  THR n 
1 41  LEU n 
1 42  GLN n 
1 43  ASP n 
1 44  GLN n 
1 45  LEU n 
1 46  ASN n 
1 47  SER n 
1 48  LEU n 
1 49  ALA n 
1 50  ALA n 
1 51  VAL n 
1 52  VAL n 
1 53  LEU n 
1 54  GLN n 
1 55  ASN n 
1 56  ARG n 
1 57  ARG n 
1 58  ALA n 
1 59  LEU n 
1 60  ASP n 
1 61  LEU n 
1 62  LEU n 
1 63  THR n 
1 64  ALA n 
1 65  GLU n 
1 66  ARG n 
1 67  GLY n 
1 68  GLY n 
1 69  THR n 
1 70  CYS n 
1 71  LEU n 
1 72  PHE n 
1 73  LEU n 
1 74  GLY n 
1 75  GLU n 
1 76  GLU n 
1 77  CYS n 
1 78  CYS n 
1 79  TYR n 
1 80  TYR n 
1 81  VAL n 
1 82  ASN n 
1 83  GLN n 
1 84  SER n 
1 85  GLY n 
1 86  ILE n 
1 87  VAL n 
1 88  THR n 
1 89  GLU n 
1 90  LYS n 
1 91  VAL n 
1 92  LYS n 
1 93  GLU n 
1 94  ILE n 
1 95  ARG n 
1 96  ASP n 
1 97  ARG n 
1 98  ILE n 
1 99  GLN n 
1 100 ARG n 
1 101 ARG n 
1 102 ALA n 
1 103 GLU n 
1 104 GLU n 
1 105 LEU n 
1 106 ARG n 
1 107 ASN n 
1 108 THR n 
# 
_entity_src_gen.entity_id                          1 
_entity_src_gen.pdbx_src_id                        1 
_entity_src_gen.pdbx_alt_source_flag               sample 
_entity_src_gen.pdbx_seq_type                      'Biological sequence' 
_entity_src_gen.pdbx_beg_seq_num                   1 
_entity_src_gen.pdbx_end_seq_num                   108 
_entity_src_gen.gene_src_common_name               Human 
_entity_src_gen.gene_src_genus                     ? 
_entity_src_gen.pdbx_gene_src_gene                 'ERVW-1, ERVWE1' 
_entity_src_gen.gene_src_species                   ? 
_entity_src_gen.gene_src_strain                    ? 
_entity_src_gen.gene_src_tissue                    ? 
_entity_src_gen.gene_src_tissue_fraction           ? 
_entity_src_gen.gene_src_details                   ? 
_entity_src_gen.pdbx_gene_src_fragment             ? 
_entity_src_gen.pdbx_gene_src_scientific_name      'Homo sapiens' 
_entity_src_gen.pdbx_gene_src_ncbi_taxonomy_id     9606 
_entity_src_gen.pdbx_gene_src_variant              ? 
_entity_src_gen.pdbx_gene_src_cell_line            ? 
_entity_src_gen.pdbx_gene_src_atcc                 ? 
_entity_src_gen.pdbx_gene_src_organ                ? 
_entity_src_gen.pdbx_gene_src_organelle            ? 
_entity_src_gen.pdbx_gene_src_cell                 ? 
_entity_src_gen.pdbx_gene_src_cellular_location    ? 
_entity_src_gen.host_org_common_name               ? 
_entity_src_gen.pdbx_host_org_scientific_name      'Escherichia coli BL21(DE3)' 
_entity_src_gen.pdbx_host_org_ncbi_taxonomy_id     469008 
_entity_src_gen.host_org_genus                     ? 
_entity_src_gen.pdbx_host_org_gene                 ? 
_entity_src_gen.pdbx_host_org_organ                ? 
_entity_src_gen.host_org_species                   ? 
_entity_src_gen.pdbx_host_org_tissue               ? 
_entity_src_gen.pdbx_host_org_tissue_fraction      ? 
_entity_src_gen.pdbx_host_org_strain               ? 
_entity_src_gen.pdbx_host_org_variant              ? 
_entity_src_gen.pdbx_host_org_cell_line            ? 
_entity_src_gen.pdbx_host_org_atcc                 ? 
_entity_src_gen.pdbx_host_org_culture_collection   ? 
_entity_src_gen.pdbx_host_org_cell                 ? 
_entity_src_gen.pdbx_host_org_organelle            ? 
_entity_src_gen.pdbx_host_org_cellular_location    ? 
_entity_src_gen.pdbx_host_org_vector_type          PLASMID 
_entity_src_gen.pdbx_host_org_vector               ? 
_entity_src_gen.host_org_details                   ? 
_entity_src_gen.expression_system_id               ? 
_entity_src_gen.plasmid_name                       PET28a 
_entity_src_gen.plasmid_details                    ? 
_entity_src_gen.pdbx_description                   ? 
# 
loop_
_chem_comp.id 
_chem_comp.type 
_chem_comp.mon_nstd_flag 
_chem_comp.name 
_chem_comp.pdbx_synonyms 
_chem_comp.formula 
_chem_comp.formula_weight 
ALA 'L-peptide linking' y ALANINE         ?                               'C3 H7 N O2'     89.093  
ARG 'L-peptide linking' y ARGININE        ?                               'C6 H15 N4 O2 1' 175.209 
ASN 'L-peptide linking' y ASPARAGINE      ?                               'C4 H8 N2 O3'    132.118 
ASP 'L-peptide linking' y 'ASPARTIC ACID' ?                               'C4 H7 N O4'     133.103 
CL  non-polymer         . 'CHLORIDE ION'  ?                               'Cl -1'          35.453  
CYS 'L-peptide linking' y CYSTEINE        ?                               'C3 H7 N O2 S'   121.158 
GLN 'L-peptide linking' y GLUTAMINE       ?                               'C5 H10 N2 O3'   146.144 
GLU 'L-peptide linking' y 'GLUTAMIC ACID' ?                               'C5 H9 N O4'     147.129 
GLY 'peptide linking'   y GLYCINE         ?                               'C2 H5 N O2'     75.067  
GOL non-polymer         . GLYCEROL        'GLYCERIN; PROPANE-1,2,3-TRIOL' 'C3 H8 O3'       92.094  
HIS 'L-peptide linking' y HISTIDINE       ?                               'C6 H10 N3 O2 1' 156.162 
HOH non-polymer         . WATER           ?                               'H2 O'           18.015  
ILE 'L-peptide linking' y ISOLEUCINE      ?                               'C6 H13 N O2'    131.173 
LEU 'L-peptide linking' y LEUCINE         ?                               'C6 H13 N O2'    131.173 
LYS 'L-peptide linking' y LYSINE          ?                               'C6 H15 N2 O2 1' 147.195 
MET 'L-peptide linking' y METHIONINE      ?                               'C5 H11 N O2 S'  149.211 
PHE 'L-peptide linking' y PHENYLALANINE   ?                               'C9 H11 N O2'    165.189 
SER 'L-peptide linking' y SERINE          ?                               'C3 H7 N O3'     105.093 
THR 'L-peptide linking' y THREONINE       ?                               'C4 H9 N O3'     119.119 
TYR 'L-peptide linking' y TYROSINE        ?                               'C9 H11 N O3'    181.189 
VAL 'L-peptide linking' y VALINE          ?                               'C5 H11 N O2'    117.146 
# 
loop_
_pdbx_poly_seq_scheme.asym_id 
_pdbx_poly_seq_scheme.entity_id 
_pdbx_poly_seq_scheme.seq_id 
_pdbx_poly_seq_scheme.mon_id 
_pdbx_poly_seq_scheme.ndb_seq_num 
_pdbx_poly_seq_scheme.pdb_seq_num 
_pdbx_poly_seq_scheme.auth_seq_num 
_pdbx_poly_seq_scheme.pdb_mon_id 
_pdbx_poly_seq_scheme.auth_mon_id 
_pdbx_poly_seq_scheme.pdb_strand_id 
_pdbx_poly_seq_scheme.pdb_ins_code 
_pdbx_poly_seq_scheme.hetero 
A 1 1   MET 1   328 ?   ?   ?   A . n 
A 1 2   HIS 2   329 ?   ?   ?   A . n 
A 1 3   HIS 3   330 ?   ?   ?   A . n 
A 1 4   HIS 4   331 ?   ?   ?   A . n 
A 1 5   HIS 5   332 ?   ?   ?   A . n 
A 1 6   HIS 6   333 ?   ?   ?   A . n 
A 1 7   HIS 7   334 ?   ?   ?   A . n 
A 1 8   GLU 8   335 ?   ?   ?   A . n 
A 1 9   ASN 9   336 ?   ?   ?   A . n 
A 1 10  LEU 10  337 ?   ?   ?   A . n 
A 1 11  TYR 11  338 ?   ?   ?   A . n 
A 1 12  PHE 12  339 ?   ?   ?   A . n 
A 1 13  GLN 13  340 ?   ?   ?   A . n 
A 1 14  SER 14  341 ?   ?   ?   A . n 
A 1 15  THR 15  342 ?   ?   ?   A . n 
A 1 16  SER 16  343 ?   ?   ?   A . n 
A 1 17  THR 17  344 ?   ?   ?   A . n 
A 1 18  GLN 18  345 345 GLN GLN A . n 
A 1 19  PHE 19  346 346 PHE PHE A . n 
A 1 20  TYR 20  347 347 TYR TYR A . n 
A 1 21  TYR 21  348 348 TYR TYR A . n 
A 1 22  LYS 22  349 349 LYS LYS A . n 
A 1 23  LEU 23  350 350 LEU LEU A . n 
A 1 24  SER 24  351 351 SER SER A . n 
A 1 25  GLN 25  352 352 GLN GLN A . n 
A 1 26  GLU 26  353 353 GLU GLU A . n 
A 1 27  LEU 27  354 354 LEU LEU A . n 
A 1 28  ASN 28  355 355 ASN ASN A . n 
A 1 29  GLY 29  356 356 GLY GLY A . n 
A 1 30  ASP 30  357 357 ASP ASP A . n 
A 1 31  MET 31  358 358 MET MET A . n 
A 1 32  GLU 32  359 359 GLU GLU A . n 
A 1 33  ARG 33  360 360 ARG ARG A . n 
A 1 34  VAL 34  361 361 VAL VAL A . n 
A 1 35  ALA 35  362 362 ALA ALA A . n 
A 1 36  ASP 36  363 363 ASP ASP A . n 
A 1 37  SER 37  364 364 SER SER A . n 
A 1 38  LEU 38  365 365 LEU LEU A . n 
A 1 39  VAL 39  366 366 VAL VAL A . n 
A 1 40  THR 40  367 367 THR THR A . n 
A 1 41  LEU 41  368 368 LEU LEU A . n 
A 1 42  GLN 42  369 369 GLN GLN A . n 
A 1 43  ASP 43  370 370 ASP ASP A . n 
A 1 44  GLN 44  371 371 GLN GLN A . n 
A 1 45  LEU 45  372 372 LEU LEU A . n 
A 1 46  ASN 46  373 373 ASN ASN A . n 
A 1 47  SER 47  374 374 SER SER A . n 
A 1 48  LEU 48  375 375 LEU LEU A . n 
A 1 49  ALA 49  376 376 ALA ALA A . n 
A 1 50  ALA 50  377 377 ALA ALA A . n 
A 1 51  VAL 51  378 378 VAL VAL A . n 
A 1 52  VAL 52  379 379 VAL VAL A . n 
A 1 53  LEU 53  380 380 LEU LEU A . n 
A 1 54  GLN 54  381 381 GLN GLN A . n 
A 1 55  ASN 55  382 382 ASN ASN A . n 
A 1 56  ARG 56  383 383 ARG ARG A . n 
A 1 57  ARG 57  384 384 ARG ARG A . n 
A 1 58  ALA 58  385 385 ALA ALA A . n 
A 1 59  LEU 59  386 386 LEU LEU A . n 
A 1 60  ASP 60  387 387 ASP ASP A . n 
A 1 61  LEU 61  388 388 LEU LEU A . n 
A 1 62  LEU 62  389 389 LEU LEU A . n 
A 1 63  THR 63  390 390 THR THR A . n 
A 1 64  ALA 64  391 391 ALA ALA A . n 
A 1 65  GLU 65  392 392 GLU GLU A . n 
A 1 66  ARG 66  393 393 ARG ARG A . n 
A 1 67  GLY 67  394 394 GLY GLY A . n 
A 1 68  GLY 68  395 395 GLY GLY A . n 
A 1 69  THR 69  396 396 THR THR A . n 
A 1 70  CYS 70  397 397 CYS CYS A . n 
A 1 71  LEU 71  398 398 LEU LEU A . n 
A 1 72  PHE 72  399 399 PHE PHE A . n 
A 1 73  LEU 73  400 400 LEU LEU A . n 
A 1 74  GLY 74  401 401 GLY GLY A . n 
A 1 75  GLU 75  402 402 GLU GLU A . n 
A 1 76  GLU 76  403 403 GLU GLU A . n 
A 1 77  CYS 77  404 404 CYS CYS A . n 
A 1 78  CYS 78  405 405 CYS CYS A . n 
A 1 79  TYR 79  406 406 TYR TYR A . n 
A 1 80  TYR 80  407 407 TYR TYR A . n 
A 1 81  VAL 81  408 408 VAL VAL A . n 
A 1 82  ASN 82  409 409 ASN ASN A . n 
A 1 83  GLN 83  410 410 GLN GLN A . n 
A 1 84  SER 84  411 411 SER SER A . n 
A 1 85  GLY 85  412 412 GLY GLY A . n 
A 1 86  ILE 86  413 413 ILE ILE A . n 
A 1 87  VAL 87  414 414 VAL VAL A . n 
A 1 88  THR 88  415 415 THR THR A . n 
A 1 89  GLU 89  416 416 GLU GLU A . n 
A 1 90  LYS 90  417 417 LYS LYS A . n 
A 1 91  VAL 91  418 418 VAL VAL A . n 
A 1 92  LYS 92  419 419 LYS LYS A . n 
A 1 93  GLU 93  420 420 GLU GLU A . n 
A 1 94  ILE 94  421 421 ILE ILE A . n 
A 1 95  ARG 95  422 422 ARG ARG A . n 
A 1 96  ASP 96  423 423 ASP ASP A . n 
A 1 97  ARG 97  424 424 ARG ARG A . n 
A 1 98  ILE 98  425 425 ILE ILE A . n 
A 1 99  GLN 99  426 426 GLN GLN A . n 
A 1 100 ARG 100 427 427 ARG ARG A . n 
A 1 101 ARG 101 428 428 ARG ARG A . n 
A 1 102 ALA 102 429 429 ALA ALA A . n 
A 1 103 GLU 103 430 430 GLU GLU A . n 
A 1 104 GLU 104 431 431 GLU GLU A . n 
A 1 105 LEU 105 432 432 LEU LEU A . n 
A 1 106 ARG 106 433 433 ARG ARG A . n 
A 1 107 ASN 107 434 ?   ?   ?   A . n 
A 1 108 THR 108 435 ?   ?   ?   A . n 
# 
_pdbx_entity_instance_feature.ordinal        1 
_pdbx_entity_instance_feature.comp_id        GOL 
_pdbx_entity_instance_feature.asym_id        ? 
_pdbx_entity_instance_feature.seq_num        ? 
_pdbx_entity_instance_feature.auth_comp_id   GOL 
_pdbx_entity_instance_feature.auth_asym_id   ? 
_pdbx_entity_instance_feature.auth_seq_num   ? 
_pdbx_entity_instance_feature.feature_type   'SUBJECT OF INVESTIGATION' 
_pdbx_entity_instance_feature.details        ? 
# 
loop_
_pdbx_nonpoly_scheme.asym_id 
_pdbx_nonpoly_scheme.entity_id 
_pdbx_nonpoly_scheme.mon_id 
_pdbx_nonpoly_scheme.ndb_seq_num 
_pdbx_nonpoly_scheme.pdb_seq_num 
_pdbx_nonpoly_scheme.auth_seq_num 
_pdbx_nonpoly_scheme.pdb_mon_id 
_pdbx_nonpoly_scheme.auth_mon_id 
_pdbx_nonpoly_scheme.pdb_strand_id 
_pdbx_nonpoly_scheme.pdb_ins_code 
B 2 GOL 1  501 501  GOL GOL A . 
C 3 CL  1  502 600  CL  CL  A . 
D 4 HOH 1  601 1015 HOH HOH A . 
D 4 HOH 2  602 1005 HOH HOH A . 
D 4 HOH 3  603 1052 HOH HOH A . 
D 4 HOH 4  604 1039 HOH HOH A . 
D 4 HOH 5  605 1040 HOH HOH A . 
D 4 HOH 6  606 1007 HOH HOH A . 
D 4 HOH 7  607 1024 HOH HOH A . 
D 4 HOH 8  608 1002 HOH HOH A . 
D 4 HOH 9  609 1061 HOH HOH A . 
D 4 HOH 10 610 1033 HOH HOH A . 
D 4 HOH 11 611 1001 HOH HOH A . 
D 4 HOH 12 612 1023 HOH HOH A . 
D 4 HOH 13 613 1046 HOH HOH A . 
D 4 HOH 14 614 1028 HOH HOH A . 
D 4 HOH 15 615 1059 HOH HOH A . 
D 4 HOH 16 616 1038 HOH HOH A . 
D 4 HOH 17 617 1027 HOH HOH A . 
D 4 HOH 18 618 1042 HOH HOH A . 
D 4 HOH 19 619 1004 HOH HOH A . 
D 4 HOH 20 620 1034 HOH HOH A . 
D 4 HOH 21 621 1022 HOH HOH A . 
D 4 HOH 22 622 1009 HOH HOH A . 
D 4 HOH 23 623 1016 HOH HOH A . 
D 4 HOH 24 624 1013 HOH HOH A . 
D 4 HOH 25 625 1010 HOH HOH A . 
D 4 HOH 26 626 1030 HOH HOH A . 
D 4 HOH 27 627 1017 HOH HOH A . 
D 4 HOH 28 628 1029 HOH HOH A . 
D 4 HOH 29 629 1011 HOH HOH A . 
D 4 HOH 30 630 1037 HOH HOH A . 
D 4 HOH 31 631 1070 HOH HOH A . 
D 4 HOH 32 632 1003 HOH HOH A . 
D 4 HOH 33 633 1019 HOH HOH A . 
D 4 HOH 34 634 1044 HOH HOH A . 
D 4 HOH 35 635 1026 HOH HOH A . 
D 4 HOH 36 636 1006 HOH HOH A . 
D 4 HOH 37 637 1008 HOH HOH A . 
D 4 HOH 38 638 1021 HOH HOH A . 
D 4 HOH 39 639 1049 HOH HOH A . 
D 4 HOH 40 640 1064 HOH HOH A . 
D 4 HOH 41 641 1065 HOH HOH A . 
D 4 HOH 42 642 1050 HOH HOH A . 
D 4 HOH 43 643 1012 HOH HOH A . 
D 4 HOH 44 644 1025 HOH HOH A . 
D 4 HOH 45 645 1020 HOH HOH A . 
D 4 HOH 46 646 1060 HOH HOH A . 
D 4 HOH 47 647 1018 HOH HOH A . 
D 4 HOH 48 648 1055 HOH HOH A . 
D 4 HOH 49 649 1066 HOH HOH A . 
D 4 HOH 50 650 1035 HOH HOH A . 
D 4 HOH 51 651 1032 HOH HOH A . 
D 4 HOH 52 652 1057 HOH HOH A . 
D 4 HOH 53 653 1054 HOH HOH A . 
D 4 HOH 54 654 1058 HOH HOH A . 
D 4 HOH 55 655 1031 HOH HOH A . 
D 4 HOH 56 656 1043 HOH HOH A . 
D 4 HOH 57 657 1036 HOH HOH A . 
D 4 HOH 58 658 1069 HOH HOH A . 
D 4 HOH 59 659 1047 HOH HOH A . 
D 4 HOH 60 660 1068 HOH HOH A . 
D 4 HOH 61 661 1067 HOH HOH A . 
D 4 HOH 62 662 1045 HOH HOH A . 
D 4 HOH 63 663 1056 HOH HOH A . 
D 4 HOH 64 664 1014 HOH HOH A . 
D 4 HOH 65 665 1051 HOH HOH A . 
D 4 HOH 66 666 1062 HOH HOH A . 
D 4 HOH 67 667 1048 HOH HOH A . 
D 4 HOH 68 668 1041 HOH HOH A . 
D 4 HOH 69 669 1063 HOH HOH A . 
D 4 HOH 70 670 1053 HOH HOH A . 
# 
loop_
_software.citation_id 
_software.classification 
_software.compiler_name 
_software.compiler_version 
_software.contact_author 
_software.contact_author_email 
_software.date 
_software.description 
_software.dependencies 
_software.hardware 
_software.language 
_software.location 
_software.mods 
_software.name 
_software.os 
_software.os_version 
_software.type 
_software.version 
_software.pdbx_ordinal 
? refinement       ? ? ? ? ? ? ? ? ? ? ? BUSTER  ? ? ? 2.10.3 1 
? 'data reduction' ? ? ? ? ? ? ? ? ? ? ? XDS     ? ? ? v2016  2 
? 'data scaling'   ? ? ? ? ? ? ? ? ? ? ? Aimless ? ? ? 0.5.28 3 
? phasing          ? ? ? ? ? ? ? ? ? ? ? PHASER  ? ? ? 2.6.1  4 
# 
_cell.angle_alpha                  90.000 
_cell.angle_alpha_esd              ? 
_cell.angle_beta                   90.000 
_cell.angle_beta_esd               ? 
_cell.angle_gamma                  120.000 
_cell.angle_gamma_esd              ? 
_cell.entry_id                     6RX1 
_cell.details                      ? 
_cell.formula_units_Z              ? 
_cell.length_a                     50.416 
_cell.length_a_esd                 ? 
_cell.length_b                     50.416 
_cell.length_b_esd                 ? 
_cell.length_c                     260.199 
_cell.length_c_esd                 ? 
_cell.volume                       ? 
_cell.volume_esd                   ? 
_cell.Z_PDB                        18 
_cell.reciprocal_angle_alpha       ? 
_cell.reciprocal_angle_beta        ? 
_cell.reciprocal_angle_gamma       ? 
_cell.reciprocal_angle_alpha_esd   ? 
_cell.reciprocal_angle_beta_esd    ? 
_cell.reciprocal_angle_gamma_esd   ? 
_cell.reciprocal_length_a          ? 
_cell.reciprocal_length_b          ? 
_cell.reciprocal_length_c          ? 
_cell.reciprocal_length_a_esd      ? 
_cell.reciprocal_length_b_esd      ? 
_cell.reciprocal_length_c_esd      ? 
_cell.pdbx_unique_axis             ? 
# 
_symmetry.entry_id                         6RX1 
_symmetry.cell_setting                     ? 
_symmetry.Int_Tables_number                155 
_symmetry.space_group_name_Hall            ? 
_symmetry.space_group_name_H-M             'H 3 2' 
_symmetry.pdbx_full_space_group_name_H-M   ? 
# 
_exptl.absorpt_coefficient_mu     ? 
_exptl.absorpt_correction_T_max   ? 
_exptl.absorpt_correction_T_min   ? 
_exptl.absorpt_correction_type    ? 
_exptl.absorpt_process_details    ? 
_exptl.entry_id                   6RX1 
_exptl.crystals_number            1 
_exptl.details                    ? 
_exptl.method                     'X-RAY DIFFRACTION' 
_exptl.method_details             ? 
# 
_exptl_crystal.colour                      ? 
_exptl_crystal.density_diffrn              ? 
_exptl_crystal.density_Matthews            2.52 
_exptl_crystal.density_method              ? 
_exptl_crystal.density_percent_sol         51.16 
_exptl_crystal.description                 ? 
_exptl_crystal.F_000                       ? 
_exptl_crystal.id                          1 
_exptl_crystal.preparation                 ? 
_exptl_crystal.size_max                    ? 
_exptl_crystal.size_mid                    ? 
_exptl_crystal.size_min                    ? 
_exptl_crystal.size_rad                    ? 
_exptl_crystal.colour_lustre               ? 
_exptl_crystal.colour_modifier             ? 
_exptl_crystal.colour_primary              ? 
_exptl_crystal.density_meas                ? 
_exptl_crystal.density_meas_esd            ? 
_exptl_crystal.density_meas_gt             ? 
_exptl_crystal.density_meas_lt             ? 
_exptl_crystal.density_meas_temp           ? 
_exptl_crystal.density_meas_temp_esd       ? 
_exptl_crystal.density_meas_temp_gt        ? 
_exptl_crystal.density_meas_temp_lt        ? 
_exptl_crystal.pdbx_crystal_image_url      ? 
_exptl_crystal.pdbx_crystal_image_format   ? 
_exptl_crystal.pdbx_mosaicity              ? 
_exptl_crystal.pdbx_mosaicity_esd          ? 
# 
_exptl_crystal_grow.apparatus       ? 
_exptl_crystal_grow.atmosphere      ? 
_exptl_crystal_grow.crystal_id      1 
_exptl_crystal_grow.details         ? 
_exptl_crystal_grow.method          'VAPOR DIFFUSION, SITTING DROP' 
_exptl_crystal_grow.method_ref      ? 
_exptl_crystal_grow.pH              7.5 
_exptl_crystal_grow.pressure        ? 
_exptl_crystal_grow.pressure_esd    ? 
_exptl_crystal_grow.seeding         ? 
_exptl_crystal_grow.seeding_ref     ? 
_exptl_crystal_grow.temp            295 
_exptl_crystal_grow.temp_details    ? 
_exptl_crystal_grow.temp_esd        ? 
_exptl_crystal_grow.time            ? 
_exptl_crystal_grow.pdbx_details    '0.1 M HEPES pH 7.5, 30% v/v 2-propanol, 0.2 M MgCl2' 
_exptl_crystal_grow.pdbx_pH_range   ? 
# 
_diffrn.ambient_environment              ? 
_diffrn.ambient_temp                     100 
_diffrn.ambient_temp_details             ? 
_diffrn.ambient_temp_esd                 ? 
_diffrn.crystal_id                       1 
_diffrn.crystal_support                  ? 
_diffrn.crystal_treatment                ? 
_diffrn.details                          ? 
_diffrn.id                               1 
_diffrn.ambient_pressure                 ? 
_diffrn.ambient_pressure_esd             ? 
_diffrn.ambient_pressure_gt              ? 
_diffrn.ambient_pressure_lt              ? 
_diffrn.ambient_temp_gt                  ? 
_diffrn.ambient_temp_lt                  ? 
_diffrn.pdbx_serial_crystal_experiment   N 
# 
_diffrn_detector.details                      ? 
_diffrn_detector.detector                     PIXEL 
_diffrn_detector.diffrn_id                    1 
_diffrn_detector.type                         'DECTRIS EIGER X 9M' 
_diffrn_detector.area_resol_mean              ? 
_diffrn_detector.dtime                        ? 
_diffrn_detector.pdbx_frames_total            ? 
_diffrn_detector.pdbx_collection_time_total   ? 
_diffrn_detector.pdbx_collection_date         2016-12-17 
_diffrn_detector.pdbx_frequency               ? 
# 
_diffrn_radiation.collimation                      ? 
_diffrn_radiation.diffrn_id                        1 
_diffrn_radiation.filter_edge                      ? 
_diffrn_radiation.inhomogeneity                    ? 
_diffrn_radiation.monochromator                    
;cryogenically cooled channel cut crystal monochromator, a convex prefocussing mirror and a KirkpatrickBaez pair of focussing mirrors
;
_diffrn_radiation.polarisn_norm                    ? 
_diffrn_radiation.polarisn_ratio                   ? 
_diffrn_radiation.probe                            ? 
_diffrn_radiation.type                             ? 
_diffrn_radiation.xray_symbol                      ? 
_diffrn_radiation.wavelength_id                    1 
_diffrn_radiation.pdbx_monochromatic_or_laue_m_l   M 
_diffrn_radiation.pdbx_wavelength_list             ? 
_diffrn_radiation.pdbx_wavelength                  ? 
_diffrn_radiation.pdbx_diffrn_protocol             'SINGLE WAVELENGTH' 
_diffrn_radiation.pdbx_analyzer                    ? 
_diffrn_radiation.pdbx_scattering_type             x-ray 
# 
_diffrn_radiation_wavelength.id           1 
_diffrn_radiation_wavelength.wavelength   1.070638 
_diffrn_radiation_wavelength.wt           1.0 
# 
_diffrn_source.current                     ? 
_diffrn_source.details                     ? 
_diffrn_source.diffrn_id                   1 
_diffrn_source.power                       ? 
_diffrn_source.size                        ? 
_diffrn_source.source                      SYNCHROTRON 
_diffrn_source.target                      ? 
_diffrn_source.type                        'SOLEIL BEAMLINE PROXIMA 2' 
_diffrn_source.voltage                     ? 
_diffrn_source.take-off_angle              ? 
_diffrn_source.pdbx_wavelength_list        1.070638 
_diffrn_source.pdbx_wavelength             ? 
_diffrn_source.pdbx_synchrotron_beamline   'PROXIMA 2' 
_diffrn_source.pdbx_synchrotron_site       SOLEIL 
# 
_reflns.B_iso_Wilson_estimate            30.00 
_reflns.entry_id                         6RX1 
_reflns.data_reduction_details           ? 
_reflns.data_reduction_method            ? 
_reflns.d_resolution_high                2.1 
_reflns.d_resolution_low                 43.1 
_reflns.details                          ? 
_reflns.limit_h_max                      ? 
_reflns.limit_h_min                      ? 
_reflns.limit_k_max                      ? 
_reflns.limit_k_min                      ? 
_reflns.limit_l_max                      ? 
_reflns.limit_l_min                      ? 
_reflns.number_all                       ? 
_reflns.number_obs                       7752 
_reflns.observed_criterion               ? 
_reflns.observed_criterion_F_max         ? 
_reflns.observed_criterion_F_min         ? 
_reflns.observed_criterion_I_max         ? 
_reflns.observed_criterion_I_min         ? 
_reflns.observed_criterion_sigma_F       ? 
_reflns.observed_criterion_sigma_I       ? 
_reflns.percent_possible_obs             99.1 
_reflns.R_free_details                   ? 
_reflns.Rmerge_F_all                     ? 
_reflns.Rmerge_F_obs                     ? 
_reflns.Friedel_coverage                 ? 
_reflns.number_gt                        ? 
_reflns.threshold_expression             ? 
_reflns.pdbx_redundancy                  5.8 
_reflns.pdbx_Rmerge_I_obs                0.12 
_reflns.pdbx_Rmerge_I_all                ? 
_reflns.pdbx_Rsym_value                  ? 
_reflns.pdbx_netI_over_av_sigmaI         ? 
_reflns.pdbx_netI_over_sigmaI            7.0 
_reflns.pdbx_res_netI_over_av_sigmaI_2   ? 
_reflns.pdbx_res_netI_over_sigmaI_2      ? 
_reflns.pdbx_chi_squared                 ? 
_reflns.pdbx_scaling_rejects             ? 
_reflns.pdbx_d_res_high_opt              ? 
_reflns.pdbx_d_res_low_opt               ? 
_reflns.pdbx_d_res_opt_method            ? 
_reflns.phase_calculation_details        ? 
_reflns.pdbx_Rrim_I_all                  0.15 
_reflns.pdbx_Rpim_I_all                  0.08 
_reflns.pdbx_d_opt                       ? 
_reflns.pdbx_number_measured_all         ? 
_reflns.pdbx_diffrn_id                   1 
_reflns.pdbx_ordinal                     1 
_reflns.pdbx_CC_half                     0.99 
_reflns.pdbx_CC_star                     ? 
_reflns.pdbx_R_split                     ? 
# 
_reflns_shell.d_res_high                  2.10 
_reflns_shell.d_res_low                   2.16 
_reflns_shell.meanI_over_sigI_all         ? 
_reflns_shell.meanI_over_sigI_obs         1.1 
_reflns_shell.number_measured_all         ? 
_reflns_shell.number_measured_obs         ? 
_reflns_shell.number_possible             ? 
_reflns_shell.number_unique_all           ? 
_reflns_shell.number_unique_obs           622 
_reflns_shell.percent_possible_all        99.9 
_reflns_shell.percent_possible_obs        ? 
_reflns_shell.Rmerge_F_all                ? 
_reflns_shell.Rmerge_F_obs                ? 
_reflns_shell.Rmerge_I_all                ? 
_reflns_shell.Rmerge_I_obs                1.25 
_reflns_shell.meanI_over_sigI_gt          ? 
_reflns_shell.meanI_over_uI_all           ? 
_reflns_shell.meanI_over_uI_gt            ? 
_reflns_shell.number_measured_gt          ? 
_reflns_shell.number_unique_gt            ? 
_reflns_shell.percent_possible_gt         ? 
_reflns_shell.Rmerge_F_gt                 ? 
_reflns_shell.Rmerge_I_gt                 ? 
_reflns_shell.pdbx_redundancy             6.1 
_reflns_shell.pdbx_Rsym_value             ? 
_reflns_shell.pdbx_chi_squared            ? 
_reflns_shell.pdbx_netI_over_sigmaI_all   ? 
_reflns_shell.pdbx_netI_over_sigmaI_obs   ? 
_reflns_shell.pdbx_Rrim_I_all             1.5 
_reflns_shell.pdbx_Rpim_I_all             0.81 
_reflns_shell.pdbx_rejects                ? 
_reflns_shell.pdbx_ordinal                1 
_reflns_shell.pdbx_diffrn_id              1 
_reflns_shell.pdbx_CC_half                0.47 
_reflns_shell.pdbx_CC_star                ? 
_reflns_shell.pdbx_R_split                ? 
# 
_refine.aniso_B[1][1]                            -0.8860 
_refine.aniso_B[1][2]                            0.0000 
_refine.aniso_B[1][3]                            0.0000 
_refine.aniso_B[2][2]                            -0.8860 
_refine.aniso_B[2][3]                            0.0000 
_refine.aniso_B[3][3]                            1.7719 
_refine.B_iso_max                                154.080 
_refine.B_iso_mean                               50.3800 
_refine.B_iso_min                                30.200 
_refine.correlation_coeff_Fo_to_Fc               0.9410 
_refine.correlation_coeff_Fo_to_Fc_free          0.9350 
_refine.details                                  ? 
_refine.diff_density_max                         ? 
_refine.diff_density_max_esd                     ? 
_refine.diff_density_min                         ? 
_refine.diff_density_min_esd                     ? 
_refine.diff_density_rms                         ? 
_refine.diff_density_rms_esd                     ? 
_refine.entry_id                                 6RX1 
_refine.pdbx_refine_id                           'X-RAY DIFFRACTION' 
_refine.ls_abs_structure_details                 ? 
_refine.ls_abs_structure_Flack                   ? 
_refine.ls_abs_structure_Flack_esd               ? 
_refine.ls_abs_structure_Rogers                  ? 
_refine.ls_abs_structure_Rogers_esd              ? 
_refine.ls_d_res_high                            2.1000 
_refine.ls_d_res_low                             20.0000 
_refine.ls_extinction_coef                       ? 
_refine.ls_extinction_coef_esd                   ? 
_refine.ls_extinction_expression                 ? 
_refine.ls_extinction_method                     ? 
_refine.ls_goodness_of_fit_all                   ? 
_refine.ls_goodness_of_fit_all_esd               ? 
_refine.ls_goodness_of_fit_obs                   ? 
_refine.ls_goodness_of_fit_obs_esd               ? 
_refine.ls_hydrogen_treatment                    ? 
_refine.ls_matrix_type                           ? 
_refine.ls_number_constraints                    ? 
_refine.ls_number_parameters                     ? 
_refine.ls_number_reflns_all                     ? 
_refine.ls_number_reflns_obs                     7735 
_refine.ls_number_reflns_R_free                  369 
_refine.ls_number_reflns_R_work                  ? 
_refine.ls_number_restraints                     ? 
_refine.ls_percent_reflns_obs                    98.3000 
_refine.ls_percent_reflns_R_free                 4.7700 
_refine.ls_R_factor_all                          ? 
_refine.ls_R_factor_obs                          0.2170 
_refine.ls_R_factor_R_free                       0.2420 
_refine.ls_R_factor_R_free_error                 ? 
_refine.ls_R_factor_R_free_error_details         ? 
_refine.ls_R_factor_R_work                       0.2160 
_refine.ls_R_Fsqd_factor_obs                     ? 
_refine.ls_R_I_factor_obs                        ? 
_refine.ls_redundancy_reflns_all                 ? 
_refine.ls_redundancy_reflns_obs                 ? 
_refine.ls_restrained_S_all                      ? 
_refine.ls_restrained_S_obs                      ? 
_refine.ls_shift_over_esd_max                    ? 
_refine.ls_shift_over_esd_mean                   ? 
_refine.ls_structure_factor_coef                 ? 
_refine.ls_weighting_details                     ? 
_refine.ls_weighting_scheme                      ? 
_refine.ls_wR_factor_all                         ? 
_refine.ls_wR_factor_obs                         ? 
_refine.ls_wR_factor_R_free                      ? 
_refine.ls_wR_factor_R_work                      ? 
_refine.occupancy_max                            ? 
_refine.occupancy_min                            ? 
_refine.solvent_model_details                    ? 
_refine.solvent_model_param_bsol                 ? 
_refine.solvent_model_param_ksol                 ? 
_refine.pdbx_R_complete                          ? 
_refine.ls_R_factor_gt                           ? 
_refine.ls_goodness_of_fit_gt                    ? 
_refine.ls_goodness_of_fit_ref                   ? 
_refine.ls_shift_over_su_max                     ? 
_refine.ls_shift_over_su_max_lt                  ? 
_refine.ls_shift_over_su_mean                    ? 
_refine.ls_shift_over_su_mean_lt                 ? 
_refine.pdbx_ls_sigma_I                          ? 
_refine.pdbx_ls_sigma_F                          0.000 
_refine.pdbx_ls_sigma_Fsqd                       ? 
_refine.pdbx_data_cutoff_high_absF               ? 
_refine.pdbx_data_cutoff_high_rms_absF           ? 
_refine.pdbx_data_cutoff_low_absF                ? 
_refine.pdbx_isotropic_thermal_model             ? 
_refine.pdbx_ls_cross_valid_method               THROUGHOUT 
_refine.pdbx_method_to_determine_struct          'MOLECULAR REPLACEMENT' 
_refine.pdbx_starting_model                      1Y4M 
_refine.pdbx_stereochemistry_target_values       ? 
_refine.pdbx_R_Free_selection_details            RANDOM 
_refine.pdbx_stereochem_target_val_spec_case     ? 
_refine.pdbx_overall_ESU_R                       ? 
_refine.pdbx_overall_ESU_R_Free                  ? 
_refine.pdbx_solvent_vdw_probe_radii             ? 
_refine.pdbx_solvent_ion_probe_radii             ? 
_refine.pdbx_solvent_shrinkage_radii             ? 
_refine.pdbx_real_space_R                        ? 
_refine.pdbx_density_correlation                 ? 
_refine.pdbx_pd_number_of_powder_patterns        ? 
_refine.pdbx_pd_number_of_points                 ? 
_refine.pdbx_pd_meas_number_of_points            ? 
_refine.pdbx_pd_proc_ls_prof_R_factor            ? 
_refine.pdbx_pd_proc_ls_prof_wR_factor           ? 
_refine.pdbx_pd_Marquardt_correlation_coeff      ? 
_refine.pdbx_pd_Fsqrd_R_factor                   ? 
_refine.pdbx_pd_ls_matrix_band_width             ? 
_refine.pdbx_overall_phase_error                 ? 
_refine.pdbx_overall_SU_R_free_Cruickshank_DPI   0.1640 
_refine.pdbx_overall_SU_R_free_Blow_DPI          0.1720 
_refine.pdbx_overall_SU_R_Blow_DPI               0.2120 
_refine.pdbx_TLS_residual_ADP_flag               ? 
_refine.pdbx_diffrn_id                           1 
_refine.overall_SU_B                             ? 
_refine.overall_SU_ML                            ? 
_refine.overall_SU_R_Cruickshank_DPI             0.1900 
_refine.overall_SU_R_free                        ? 
_refine.overall_FOM_free_R_set                   ? 
_refine.overall_FOM_work_R_set                   ? 
_refine.pdbx_average_fsc_overall                 ? 
_refine.pdbx_average_fsc_work                    ? 
_refine.pdbx_average_fsc_free                    ? 
# 
_refine_analyze.entry_id                        6RX1 
_refine_analyze.pdbx_refine_id                  'X-RAY DIFFRACTION' 
_refine_analyze.Luzzati_coordinate_error_free   ? 
_refine_analyze.Luzzati_coordinate_error_obs    0.330 
_refine_analyze.Luzzati_d_res_low_free          ? 
_refine_analyze.Luzzati_d_res_low_obs           ? 
_refine_analyze.Luzzati_sigma_a_free            ? 
_refine_analyze.Luzzati_sigma_a_free_details    ? 
_refine_analyze.Luzzati_sigma_a_obs             ? 
_refine_analyze.Luzzati_sigma_a_obs_details     ? 
_refine_analyze.number_disordered_residues      ? 
_refine_analyze.occupancy_sum_hydrogen          ? 
_refine_analyze.occupancy_sum_non_hydrogen      ? 
_refine_analyze.RG_d_res_high                   ? 
_refine_analyze.RG_d_res_low                    ? 
_refine_analyze.RG_free                         ? 
_refine_analyze.RG_work                         ? 
_refine_analyze.RG_free_work_ratio              ? 
_refine_analyze.pdbx_Luzzati_d_res_high_obs     ? 
# 
_refine_hist.pdbx_refine_id                   'X-RAY DIFFRACTION' 
_refine_hist.cycle_id                         final 
_refine_hist.details                          ? 
_refine_hist.d_res_high                       2.1000 
_refine_hist.d_res_low                        20.0000 
_refine_hist.number_atoms_solvent             70 
_refine_hist.number_atoms_total               794 
_refine_hist.number_reflns_all                ? 
_refine_hist.number_reflns_obs                ? 
_refine_hist.number_reflns_R_free             ? 
_refine_hist.number_reflns_R_work             ? 
_refine_hist.R_factor_all                     ? 
_refine_hist.R_factor_obs                     ? 
_refine_hist.R_factor_R_free                  ? 
_refine_hist.R_factor_R_work                  ? 
_refine_hist.pdbx_number_residues_total       89 
_refine_hist.pdbx_B_iso_mean_ligand           79.45 
_refine_hist.pdbx_B_iso_mean_solvent          59.81 
_refine_hist.pdbx_number_atoms_protein        717 
_refine_hist.pdbx_number_atoms_nucleic_acid   0 
_refine_hist.pdbx_number_atoms_ligand         7 
_refine_hist.pdbx_number_atoms_lipid          ? 
_refine_hist.pdbx_number_atoms_carb           ? 
_refine_hist.pdbx_pseudo_atom_details         ? 
# 
loop_
_refine_ls_restr.pdbx_refine_id 
_refine_ls_restr.criterion 
_refine_ls_restr.dev_ideal 
_refine_ls_restr.dev_ideal_target 
_refine_ls_restr.number 
_refine_ls_restr.rejects 
_refine_ls_restr.type 
_refine_ls_restr.weight 
_refine_ls_restr.pdbx_restraint_function 
'X-RAY DIFFRACTION' ? ?      ? 278 ? t_dihedral_angle_d        2.000  SINUSOIDAL   
'X-RAY DIFFRACTION' ? ?      ? 25  ? t_trig_c_planes           2.000  HARMONIC     
'X-RAY DIFFRACTION' ? ?      ? 103 ? t_gen_planes              5.000  HARMONIC     
'X-RAY DIFFRACTION' ? ?      ? 728 ? t_it                      20.000 HARMONIC     
'X-RAY DIFFRACTION' ? ?      ? ?   ? t_nbd                     ?      ?            
'X-RAY DIFFRACTION' ? ?      ? ?   ? t_improper_torsion        ?      ?            
'X-RAY DIFFRACTION' ? ?      ? ?   ? t_pseud_angle             ?      ?            
'X-RAY DIFFRACTION' ? ?      ? 91  ? t_chiral_improper_torsion 5.000  SEMIHARMONIC 
'X-RAY DIFFRACTION' ? ?      ? ?   ? t_sum_occupancies         ?      ?            
'X-RAY DIFFRACTION' ? ?      ? ?   ? t_utility_distance        ?      ?            
'X-RAY DIFFRACTION' ? ?      ? ?   ? t_utility_angle           ?      ?            
'X-RAY DIFFRACTION' ? ?      ? ?   ? t_utility_torsion         ?      ?            
'X-RAY DIFFRACTION' ? ?      ? 900 ? t_ideal_dist_contact      4.000  SEMIHARMONIC 
'X-RAY DIFFRACTION' ? 0.010  ? 728 ? t_bond_d                  2.000  HARMONIC     
'X-RAY DIFFRACTION' ? 0.940  ? 977 ? t_angle_deg               2.000  HARMONIC     
'X-RAY DIFFRACTION' ? 2.730  ? ?   ? t_omega_torsion           ?      ?            
'X-RAY DIFFRACTION' ? 16.550 ? ?   ? t_other_torsion           ?      ?            
# 
_refine_ls_shell.pdbx_refine_id                   'X-RAY DIFFRACTION' 
_refine_ls_shell.d_res_high                       2.1000 
_refine_ls_shell.d_res_low                        2.3500 
_refine_ls_shell.number_reflns_all                2167 
_refine_ls_shell.number_reflns_obs                ? 
_refine_ls_shell.number_reflns_R_free             103 
_refine_ls_shell.number_reflns_R_work             2064 
_refine_ls_shell.percent_reflns_obs               99.5000 
_refine_ls_shell.percent_reflns_R_free            4.7500 
_refine_ls_shell.R_factor_all                     0.2136 
_refine_ls_shell.R_factor_obs                     ? 
_refine_ls_shell.R_factor_R_free                  0.2544 
_refine_ls_shell.R_factor_R_free_error            0.0000 
_refine_ls_shell.R_factor_R_work                  0.2116 
_refine_ls_shell.redundancy_reflns_all            ? 
_refine_ls_shell.redundancy_reflns_obs            ? 
_refine_ls_shell.wR_factor_all                    ? 
_refine_ls_shell.wR_factor_obs                    ? 
_refine_ls_shell.wR_factor_R_free                 ? 
_refine_ls_shell.wR_factor_R_work                 ? 
_refine_ls_shell.pdbx_R_complete                  ? 
_refine_ls_shell.pdbx_total_number_of_bins_used   5 
_refine_ls_shell.pdbx_phase_error                 ? 
_refine_ls_shell.pdbx_fsc_work                    ? 
_refine_ls_shell.pdbx_fsc_free                    ? 
# 
_struct.entry_id                     6RX1 
_struct.title                        'Crystal structure of human syncytin 1 in post-fusion conformation' 
_struct.pdbx_model_details           ? 
_struct.pdbx_formula_weight          ? 
_struct.pdbx_formula_weight_method   ? 
_struct.pdbx_model_type_details      ? 
_struct.pdbx_CASP_flag               N 
# 
_struct_keywords.entry_id        6RX1 
_struct_keywords.text            
'HUMAN PLACENTAL PROTEIN, MEMBRANE FUSION, ENDOGENOUS RETROVIRUS, MEMBRANE PROTEIN, HERV-W, SYNCYTIN' 
_struct_keywords.pdbx_keywords   'MEMBRANE PROTEIN' 
# 
loop_
_struct_asym.id 
_struct_asym.pdbx_blank_PDB_chainid_flag 
_struct_asym.pdbx_modified 
_struct_asym.entity_id 
_struct_asym.details 
A N N 1 ? 
B N N 2 ? 
C N N 3 ? 
D N N 4 ? 
# 
_struct_ref.id                         1 
_struct_ref.db_name                    UNP 
_struct_ref.db_code                    SYCY1_HUMAN 
_struct_ref.pdbx_db_accession          Q9UQF0 
_struct_ref.pdbx_db_isoform            ? 
_struct_ref.entity_id                  1 
_struct_ref.pdbx_seq_one_letter_code   
;TSTQFYYKLSQELNGDMERVADSLVTLQDQLNSLAAVVLQNRRALDLLTAERGGTCLFLGEECCYYVNQSGIVTEKVKEI
RDRIQRRAEELRNT
;
_struct_ref.pdbx_align_begin           342 
# 
_struct_ref_seq.align_id                      1 
_struct_ref_seq.ref_id                        1 
_struct_ref_seq.pdbx_PDB_id_code              6RX1 
_struct_ref_seq.pdbx_strand_id                A 
_struct_ref_seq.seq_align_beg                 15 
_struct_ref_seq.pdbx_seq_align_beg_ins_code   ? 
_struct_ref_seq.seq_align_end                 108 
_struct_ref_seq.pdbx_seq_align_end_ins_code   ? 
_struct_ref_seq.pdbx_db_accession             Q9UQF0 
_struct_ref_seq.db_align_beg                  342 
_struct_ref_seq.pdbx_db_align_beg_ins_code    ? 
_struct_ref_seq.db_align_end                  435 
_struct_ref_seq.pdbx_db_align_end_ins_code    ? 
_struct_ref_seq.pdbx_auth_seq_align_beg       342 
_struct_ref_seq.pdbx_auth_seq_align_end       435 
# 
loop_
_struct_ref_seq_dif.align_id 
_struct_ref_seq_dif.pdbx_pdb_id_code 
_struct_ref_seq_dif.mon_id 
_struct_ref_seq_dif.pdbx_pdb_strand_id 
_struct_ref_seq_dif.seq_num 
_struct_ref_seq_dif.pdbx_pdb_ins_code 
_struct_ref_seq_dif.pdbx_seq_db_name 
_struct_ref_seq_dif.pdbx_seq_db_accession_code 
_struct_ref_seq_dif.db_mon_id 
_struct_ref_seq_dif.pdbx_seq_db_seq_num 
_struct_ref_seq_dif.details 
_struct_ref_seq_dif.pdbx_auth_seq_num 
_struct_ref_seq_dif.pdbx_ordinal 
1 6RX1 MET A 1  ? UNP Q9UQF0 ? ? 'initiating methionine' 328 1  
1 6RX1 HIS A 2  ? UNP Q9UQF0 ? ? 'expression tag'        329 2  
1 6RX1 HIS A 3  ? UNP Q9UQF0 ? ? 'expression tag'        330 3  
1 6RX1 HIS A 4  ? UNP Q9UQF0 ? ? 'expression tag'        331 4  
1 6RX1 HIS A 5  ? UNP Q9UQF0 ? ? 'expression tag'        332 5  
1 6RX1 HIS A 6  ? UNP Q9UQF0 ? ? 'expression tag'        333 6  
1 6RX1 HIS A 7  ? UNP Q9UQF0 ? ? 'expression tag'        334 7  
1 6RX1 GLU A 8  ? UNP Q9UQF0 ? ? 'expression tag'        335 8  
1 6RX1 ASN A 9  ? UNP Q9UQF0 ? ? 'expression tag'        336 9  
1 6RX1 LEU A 10 ? UNP Q9UQF0 ? ? 'expression tag'        337 10 
1 6RX1 TYR A 11 ? UNP Q9UQF0 ? ? 'expression tag'        338 11 
1 6RX1 PHE A 12 ? UNP Q9UQF0 ? ? 'expression tag'        339 12 
1 6RX1 GLN A 13 ? UNP Q9UQF0 ? ? 'expression tag'        340 13 
1 6RX1 SER A 14 ? UNP Q9UQF0 ? ? 'expression tag'        341 14 
# 
_pdbx_struct_assembly.id                   1 
_pdbx_struct_assembly.details              author_and_software_defined_assembly 
_pdbx_struct_assembly.method_details       PISA 
_pdbx_struct_assembly.oligomeric_details   trimeric 
_pdbx_struct_assembly.oligomeric_count     3 
# 
loop_
_pdbx_struct_assembly_prop.biol_id 
_pdbx_struct_assembly_prop.type 
_pdbx_struct_assembly_prop.value 
_pdbx_struct_assembly_prop.details 
1 'ABSA (A^2)' 9760  ? 
1 MORE         -94   ? 
1 'SSA (A^2)'  13460 ? 
# 
_pdbx_struct_assembly_gen.assembly_id       1 
_pdbx_struct_assembly_gen.oper_expression   1,2,3 
_pdbx_struct_assembly_gen.asym_id_list      A,B,C,D 
# 
_pdbx_struct_assembly_auth_evidence.id                     1 
_pdbx_struct_assembly_auth_evidence.assembly_id            1 
_pdbx_struct_assembly_auth_evidence.experimental_support   'gel filtration' 
_pdbx_struct_assembly_auth_evidence.details                'TRIMER DETERMINED BY SIZE EXCLUSION CHROMATOGRAPHY' 
# 
loop_
_pdbx_struct_oper_list.id 
_pdbx_struct_oper_list.type 
_pdbx_struct_oper_list.name 
_pdbx_struct_oper_list.symmetry_operation 
_pdbx_struct_oper_list.matrix[1][1] 
_pdbx_struct_oper_list.matrix[1][2] 
_pdbx_struct_oper_list.matrix[1][3] 
_pdbx_struct_oper_list.vector[1] 
_pdbx_struct_oper_list.matrix[2][1] 
_pdbx_struct_oper_list.matrix[2][2] 
_pdbx_struct_oper_list.matrix[2][3] 
_pdbx_struct_oper_list.vector[2] 
_pdbx_struct_oper_list.matrix[3][1] 
_pdbx_struct_oper_list.matrix[3][2] 
_pdbx_struct_oper_list.matrix[3][3] 
_pdbx_struct_oper_list.vector[3] 
1 'identity operation'         1_555 x,y,z       1.0000000000  0.0000000000  0.0000000000  0.0000000000   0.0000000000  1.0000000000 0.0000000000  0.0000000000  0.0000000000  0.0000000000  1.0000000000  0.0000000000  
2 'crystal symmetry operation' 2_565 -y,x-y+1,z  -0.4179296822 0.0754965016  0.9053369864  -10.0034809845 -0.6843553422 0.6292422700 -0.3683910033 -3.2803385810 -0.5974885324 -0.7735337380 -0.2113125878 -1.1540919379 
3 'crystal symmetry operation' 3_455 -x+y-1,-x,z -0.4179296822 -0.6843553422 -0.5974885324 -7.1152255600  0.0754965016  0.6292422700 -0.7735337380 1.9266264625  0.9053369864  -0.3683910033 -0.2113125878 7.6041999530 
# 
loop_
_struct_conf.conf_type_id 
_struct_conf.id 
_struct_conf.pdbx_PDB_helix_id 
_struct_conf.beg_label_comp_id 
_struct_conf.beg_label_asym_id 
_struct_conf.beg_label_seq_id 
_struct_conf.pdbx_beg_PDB_ins_code 
_struct_conf.end_label_comp_id 
_struct_conf.end_label_asym_id 
_struct_conf.end_label_seq_id 
_struct_conf.pdbx_end_PDB_ins_code 
_struct_conf.beg_auth_comp_id 
_struct_conf.beg_auth_asym_id 
_struct_conf.beg_auth_seq_id 
_struct_conf.end_auth_comp_id 
_struct_conf.end_auth_asym_id 
_struct_conf.end_auth_seq_id 
_struct_conf.pdbx_PDB_helix_class 
_struct_conf.details 
_struct_conf.pdbx_PDB_helix_length 
HELX_P HELX_P1 AA1 GLN A 18 ? THR A 63  ? GLN A 345 THR A 390 1 ? 46 
HELX_P HELX_P2 AA2 ALA A 64 ? GLY A 67  ? ALA A 391 GLY A 394 5 ? 4  
HELX_P HELX_P3 AA3 GLY A 68 ? GLY A 74  ? GLY A 395 GLY A 401 1 ? 7  
HELX_P HELX_P4 AA4 GLN A 83 ? ARG A 106 ? GLN A 410 ARG A 433 1 ? 24 
# 
_struct_conf_type.id          HELX_P 
_struct_conf_type.criteria    ? 
_struct_conf_type.reference   ? 
# 
_struct_conn.id                            disulf1 
_struct_conn.conn_type_id                  disulf 
_struct_conn.pdbx_leaving_atom_flag        ? 
_struct_conn.pdbx_PDB_id                   ? 
_struct_conn.ptnr1_label_asym_id           A 
_struct_conn.ptnr1_label_comp_id           CYS 
_struct_conn.ptnr1_label_seq_id            70 
_struct_conn.ptnr1_label_atom_id           SG 
_struct_conn.pdbx_ptnr1_label_alt_id       ? 
_struct_conn.pdbx_ptnr1_PDB_ins_code       ? 
_struct_conn.pdbx_ptnr1_standard_comp_id   ? 
_struct_conn.ptnr1_symmetry                1_555 
_struct_conn.ptnr2_label_asym_id           A 
_struct_conn.ptnr2_label_comp_id           CYS 
_struct_conn.ptnr2_label_seq_id            77 
_struct_conn.ptnr2_label_atom_id           SG 
_struct_conn.pdbx_ptnr2_label_alt_id       ? 
_struct_conn.pdbx_ptnr2_PDB_ins_code       ? 
_struct_conn.ptnr1_auth_asym_id            A 
_struct_conn.ptnr1_auth_comp_id            CYS 
_struct_conn.ptnr1_auth_seq_id             397 
_struct_conn.ptnr2_auth_asym_id            A 
_struct_conn.ptnr2_auth_comp_id            CYS 
_struct_conn.ptnr2_auth_seq_id             404 
_struct_conn.ptnr2_symmetry                1_555 
_struct_conn.pdbx_ptnr3_label_atom_id      ? 
_struct_conn.pdbx_ptnr3_label_seq_id       ? 
_struct_conn.pdbx_ptnr3_label_comp_id      ? 
_struct_conn.pdbx_ptnr3_label_asym_id      ? 
_struct_conn.pdbx_ptnr3_label_alt_id       ? 
_struct_conn.pdbx_ptnr3_PDB_ins_code       ? 
_struct_conn.details                       ? 
_struct_conn.pdbx_dist_value               2.043 
_struct_conn.pdbx_value_order              ? 
_struct_conn.pdbx_role                     ? 
# 
_struct_conn_type.id          disulf 
_struct_conn_type.criteria    ? 
_struct_conn_type.reference   ? 
# 
_pdbx_modification_feature.ordinal                            1 
_pdbx_modification_feature.label_comp_id                      CYS 
_pdbx_modification_feature.label_asym_id                      A 
_pdbx_modification_feature.label_seq_id                       70 
_pdbx_modification_feature.label_alt_id                       ? 
_pdbx_modification_feature.modified_residue_label_comp_id     CYS 
_pdbx_modification_feature.modified_residue_label_asym_id     A 
_pdbx_modification_feature.modified_residue_label_seq_id      77 
_pdbx_modification_feature.modified_residue_label_alt_id      ? 
_pdbx_modification_feature.auth_comp_id                       CYS 
_pdbx_modification_feature.auth_asym_id                       A 
_pdbx_modification_feature.auth_seq_id                        397 
_pdbx_modification_feature.PDB_ins_code                       ? 
_pdbx_modification_feature.symmetry                           1_555 
_pdbx_modification_feature.modified_residue_auth_comp_id      CYS 
_pdbx_modification_feature.modified_residue_auth_asym_id      A 
_pdbx_modification_feature.modified_residue_auth_seq_id       404 
_pdbx_modification_feature.modified_residue_PDB_ins_code      ? 
_pdbx_modification_feature.modified_residue_symmetry          1_555 
_pdbx_modification_feature.comp_id_linking_atom               SG 
_pdbx_modification_feature.modified_residue_id_linking_atom   SG 
_pdbx_modification_feature.modified_residue_id                . 
_pdbx_modification_feature.ref_pcm_id                         . 
_pdbx_modification_feature.ref_comp_id                        . 
_pdbx_modification_feature.type                               None 
_pdbx_modification_feature.category                           'Disulfide bridge' 
# 
loop_
_struct_site.id 
_struct_site.pdbx_evidence_code 
_struct_site.pdbx_auth_asym_id 
_struct_site.pdbx_auth_comp_id 
_struct_site.pdbx_auth_seq_id 
_struct_site.pdbx_auth_ins_code 
_struct_site.pdbx_num_residues 
_struct_site.details 
AC1 Software A GOL 501 ? 7 'binding site for residue GOL A 501' 
AC2 Software A CL  502 ? 3 'binding site for residue CL A 502'  
# 
loop_
_struct_site_gen.id 
_struct_site_gen.site_id 
_struct_site_gen.pdbx_num_res 
_struct_site_gen.label_comp_id 
_struct_site_gen.label_asym_id 
_struct_site_gen.label_seq_id 
_struct_site_gen.pdbx_auth_ins_code 
_struct_site_gen.auth_comp_id 
_struct_site_gen.auth_asym_id 
_struct_site_gen.auth_seq_id 
_struct_site_gen.label_atom_id 
_struct_site_gen.label_alt_id 
_struct_site_gen.symmetry 
_struct_site_gen.details 
1  AC1 7 GLN A 25  ? GLN A 352 . ? 1_555 ? 
2  AC1 7 GLU A 26  ? GLU A 353 . ? 1_555 ? 
3  AC1 7 GLY A 85  ? GLY A 412 . ? 4_565 ? 
4  AC1 7 GLU A 89  ? GLU A 416 . ? 4_565 ? 
5  AC1 7 ARG A 97  ? ARG A 424 . ? 2_565 ? 
6  AC1 7 ARG A 100 ? ARG A 427 . ? 2_565 ? 
7  AC1 7 HOH D .   ? HOH A 618 . ? 1_555 ? 
8  AC2 3 ASN A 55  ? ASN A 382 . ? 2_565 ? 
9  AC2 3 ASN A 55  ? ASN A 382 . ? 3_455 ? 
10 AC2 3 ASN A 55  ? ASN A 382 . ? 1_555 ? 
# 
_pdbx_entry_details.entry_id                   6RX1 
_pdbx_entry_details.has_ligand_of_interest     N 
_pdbx_entry_details.compound_details           ? 
_pdbx_entry_details.source_details             ? 
_pdbx_entry_details.nonpolymer_details         ? 
_pdbx_entry_details.sequence_details           ? 
_pdbx_entry_details.has_protein_modification   Y 
# 
loop_
_pdbx_struct_special_symmetry.id 
_pdbx_struct_special_symmetry.PDB_model_num 
_pdbx_struct_special_symmetry.auth_asym_id 
_pdbx_struct_special_symmetry.auth_comp_id 
_pdbx_struct_special_symmetry.auth_seq_id 
_pdbx_struct_special_symmetry.PDB_ins_code 
_pdbx_struct_special_symmetry.label_asym_id 
_pdbx_struct_special_symmetry.label_comp_id 
_pdbx_struct_special_symmetry.label_seq_id 
1 1 A CL  502 ? C CL  . 
2 1 A HOH 603 ? D HOH . 
# 
loop_
_pdbx_unobs_or_zero_occ_residues.id 
_pdbx_unobs_or_zero_occ_residues.PDB_model_num 
_pdbx_unobs_or_zero_occ_residues.polymer_flag 
_pdbx_unobs_or_zero_occ_residues.occupancy_flag 
_pdbx_unobs_or_zero_occ_residues.auth_asym_id 
_pdbx_unobs_or_zero_occ_residues.auth_comp_id 
_pdbx_unobs_or_zero_occ_residues.auth_seq_id 
_pdbx_unobs_or_zero_occ_residues.PDB_ins_code 
_pdbx_unobs_or_zero_occ_residues.label_asym_id 
_pdbx_unobs_or_zero_occ_residues.label_comp_id 
_pdbx_unobs_or_zero_occ_residues.label_seq_id 
1  1 Y 1 A MET 328 ? A MET 1   
2  1 Y 1 A HIS 329 ? A HIS 2   
3  1 Y 1 A HIS 330 ? A HIS 3   
4  1 Y 1 A HIS 331 ? A HIS 4   
5  1 Y 1 A HIS 332 ? A HIS 5   
6  1 Y 1 A HIS 333 ? A HIS 6   
7  1 Y 1 A HIS 334 ? A HIS 7   
8  1 Y 1 A GLU 335 ? A GLU 8   
9  1 Y 1 A ASN 336 ? A ASN 9   
10 1 Y 1 A LEU 337 ? A LEU 10  
11 1 Y 1 A TYR 338 ? A TYR 11  
12 1 Y 1 A PHE 339 ? A PHE 12  
13 1 Y 1 A GLN 340 ? A GLN 13  
14 1 Y 1 A SER 341 ? A SER 14  
15 1 Y 1 A THR 342 ? A THR 15  
16 1 Y 1 A SER 343 ? A SER 16  
17 1 Y 1 A THR 344 ? A THR 17  
18 1 Y 1 A ASN 434 ? A ASN 107 
19 1 Y 1 A THR 435 ? A THR 108 
# 
loop_
_chem_comp_atom.comp_id 
_chem_comp_atom.atom_id 
_chem_comp_atom.type_symbol 
_chem_comp_atom.pdbx_aromatic_flag 
_chem_comp_atom.pdbx_stereo_config 
_chem_comp_atom.pdbx_ordinal 
ALA N    N  N N 1   
ALA CA   C  N S 2   
ALA C    C  N N 3   
ALA O    O  N N 4   
ALA CB   C  N N 5   
ALA OXT  O  N N 6   
ALA H    H  N N 7   
ALA H2   H  N N 8   
ALA HA   H  N N 9   
ALA HB1  H  N N 10  
ALA HB2  H  N N 11  
ALA HB3  H  N N 12  
ALA HXT  H  N N 13  
ARG N    N  N N 14  
ARG CA   C  N S 15  
ARG C    C  N N 16  
ARG O    O  N N 17  
ARG CB   C  N N 18  
ARG CG   C  N N 19  
ARG CD   C  N N 20  
ARG NE   N  N N 21  
ARG CZ   C  N N 22  
ARG NH1  N  N N 23  
ARG NH2  N  N N 24  
ARG OXT  O  N N 25  
ARG H    H  N N 26  
ARG H2   H  N N 27  
ARG HA   H  N N 28  
ARG HB2  H  N N 29  
ARG HB3  H  N N 30  
ARG HG2  H  N N 31  
ARG HG3  H  N N 32  
ARG HD2  H  N N 33  
ARG HD3  H  N N 34  
ARG HE   H  N N 35  
ARG HH11 H  N N 36  
ARG HH12 H  N N 37  
ARG HH21 H  N N 38  
ARG HH22 H  N N 39  
ARG HXT  H  N N 40  
ASN N    N  N N 41  
ASN CA   C  N S 42  
ASN C    C  N N 43  
ASN O    O  N N 44  
ASN CB   C  N N 45  
ASN CG   C  N N 46  
ASN OD1  O  N N 47  
ASN ND2  N  N N 48  
ASN OXT  O  N N 49  
ASN H    H  N N 50  
ASN H2   H  N N 51  
ASN HA   H  N N 52  
ASN HB2  H  N N 53  
ASN HB3  H  N N 54  
ASN HD21 H  N N 55  
ASN HD22 H  N N 56  
ASN HXT  H  N N 57  
ASP N    N  N N 58  
ASP CA   C  N S 59  
ASP C    C  N N 60  
ASP O    O  N N 61  
ASP CB   C  N N 62  
ASP CG   C  N N 63  
ASP OD1  O  N N 64  
ASP OD2  O  N N 65  
ASP OXT  O  N N 66  
ASP H    H  N N 67  
ASP H2   H  N N 68  
ASP HA   H  N N 69  
ASP HB2  H  N N 70  
ASP HB3  H  N N 71  
ASP HD2  H  N N 72  
ASP HXT  H  N N 73  
CL  CL   CL N N 74  
CYS N    N  N N 75  
CYS CA   C  N R 76  
CYS C    C  N N 77  
CYS O    O  N N 78  
CYS CB   C  N N 79  
CYS SG   S  N N 80  
CYS OXT  O  N N 81  
CYS H    H  N N 82  
CYS H2   H  N N 83  
CYS HA   H  N N 84  
CYS HB2  H  N N 85  
CYS HB3  H  N N 86  
CYS HG   H  N N 87  
CYS HXT  H  N N 88  
GLN N    N  N N 89  
GLN CA   C  N S 90  
GLN C    C  N N 91  
GLN O    O  N N 92  
GLN CB   C  N N 93  
GLN CG   C  N N 94  
GLN CD   C  N N 95  
GLN OE1  O  N N 96  
GLN NE2  N  N N 97  
GLN OXT  O  N N 98  
GLN H    H  N N 99  
GLN H2   H  N N 100 
GLN HA   H  N N 101 
GLN HB2  H  N N 102 
GLN HB3  H  N N 103 
GLN HG2  H  N N 104 
GLN HG3  H  N N 105 
GLN HE21 H  N N 106 
GLN HE22 H  N N 107 
GLN HXT  H  N N 108 
GLU N    N  N N 109 
GLU CA   C  N S 110 
GLU C    C  N N 111 
GLU O    O  N N 112 
GLU CB   C  N N 113 
GLU CG   C  N N 114 
GLU CD   C  N N 115 
GLU OE1  O  N N 116 
GLU OE2  O  N N 117 
GLU OXT  O  N N 118 
GLU H    H  N N 119 
GLU H2   H  N N 120 
GLU HA   H  N N 121 
GLU HB2  H  N N 122 
GLU HB3  H  N N 123 
GLU HG2  H  N N 124 
GLU HG3  H  N N 125 
GLU HE2  H  N N 126 
GLU HXT  H  N N 127 
GLY N    N  N N 128 
GLY CA   C  N N 129 
GLY C    C  N N 130 
GLY O    O  N N 131 
GLY OXT  O  N N 132 
GLY H    H  N N 133 
GLY H2   H  N N 134 
GLY HA2  H  N N 135 
GLY HA3  H  N N 136 
GLY HXT  H  N N 137 
GOL C1   C  N N 138 
GOL O1   O  N N 139 
GOL C2   C  N N 140 
GOL O2   O  N N 141 
GOL C3   C  N N 142 
GOL O3   O  N N 143 
GOL H11  H  N N 144 
GOL H12  H  N N 145 
GOL HO1  H  N N 146 
GOL H2   H  N N 147 
GOL HO2  H  N N 148 
GOL H31  H  N N 149 
GOL H32  H  N N 150 
GOL HO3  H  N N 151 
HIS N    N  N N 152 
HIS CA   C  N S 153 
HIS C    C  N N 154 
HIS O    O  N N 155 
HIS CB   C  N N 156 
HIS CG   C  Y N 157 
HIS ND1  N  Y N 158 
HIS CD2  C  Y N 159 
HIS CE1  C  Y N 160 
HIS NE2  N  Y N 161 
HIS OXT  O  N N 162 
HIS H    H  N N 163 
HIS H2   H  N N 164 
HIS HA   H  N N 165 
HIS HB2  H  N N 166 
HIS HB3  H  N N 167 
HIS HD1  H  N N 168 
HIS HD2  H  N N 169 
HIS HE1  H  N N 170 
HIS HE2  H  N N 171 
HIS HXT  H  N N 172 
HOH O    O  N N 173 
HOH H1   H  N N 174 
HOH H2   H  N N 175 
ILE N    N  N N 176 
ILE CA   C  N S 177 
ILE C    C  N N 178 
ILE O    O  N N 179 
ILE CB   C  N S 180 
ILE CG1  C  N N 181 
ILE CG2  C  N N 182 
ILE CD1  C  N N 183 
ILE OXT  O  N N 184 
ILE H    H  N N 185 
ILE H2   H  N N 186 
ILE HA   H  N N 187 
ILE HB   H  N N 188 
ILE HG12 H  N N 189 
ILE HG13 H  N N 190 
ILE HG21 H  N N 191 
ILE HG22 H  N N 192 
ILE HG23 H  N N 193 
ILE HD11 H  N N 194 
ILE HD12 H  N N 195 
ILE HD13 H  N N 196 
ILE HXT  H  N N 197 
LEU N    N  N N 198 
LEU CA   C  N S 199 
LEU C    C  N N 200 
LEU O    O  N N 201 
LEU CB   C  N N 202 
LEU CG   C  N N 203 
LEU CD1  C  N N 204 
LEU CD2  C  N N 205 
LEU OXT  O  N N 206 
LEU H    H  N N 207 
LEU H2   H  N N 208 
LEU HA   H  N N 209 
LEU HB2  H  N N 210 
LEU HB3  H  N N 211 
LEU HG   H  N N 212 
LEU HD11 H  N N 213 
LEU HD12 H  N N 214 
LEU HD13 H  N N 215 
LEU HD21 H  N N 216 
LEU HD22 H  N N 217 
LEU HD23 H  N N 218 
LEU HXT  H  N N 219 
LYS N    N  N N 220 
LYS CA   C  N S 221 
LYS C    C  N N 222 
LYS O    O  N N 223 
LYS CB   C  N N 224 
LYS CG   C  N N 225 
LYS CD   C  N N 226 
LYS CE   C  N N 227 
LYS NZ   N  N N 228 
LYS OXT  O  N N 229 
LYS H    H  N N 230 
LYS H2   H  N N 231 
LYS HA   H  N N 232 
LYS HB2  H  N N 233 
LYS HB3  H  N N 234 
LYS HG2  H  N N 235 
LYS HG3  H  N N 236 
LYS HD2  H  N N 237 
LYS HD3  H  N N 238 
LYS HE2  H  N N 239 
LYS HE3  H  N N 240 
LYS HZ1  H  N N 241 
LYS HZ2  H  N N 242 
LYS HZ3  H  N N 243 
LYS HXT  H  N N 244 
MET N    N  N N 245 
MET CA   C  N S 246 
MET C    C  N N 247 
MET O    O  N N 248 
MET CB   C  N N 249 
MET CG   C  N N 250 
MET SD   S  N N 251 
MET CE   C  N N 252 
MET OXT  O  N N 253 
MET H    H  N N 254 
MET H2   H  N N 255 
MET HA   H  N N 256 
MET HB2  H  N N 257 
MET HB3  H  N N 258 
MET HG2  H  N N 259 
MET HG3  H  N N 260 
MET HE1  H  N N 261 
MET HE2  H  N N 262 
MET HE3  H  N N 263 
MET HXT  H  N N 264 
PHE N    N  N N 265 
PHE CA   C  N S 266 
PHE C    C  N N 267 
PHE O    O  N N 268 
PHE CB   C  N N 269 
PHE CG   C  Y N 270 
PHE CD1  C  Y N 271 
PHE CD2  C  Y N 272 
PHE CE1  C  Y N 273 
PHE CE2  C  Y N 274 
PHE CZ   C  Y N 275 
PHE OXT  O  N N 276 
PHE H    H  N N 277 
PHE H2   H  N N 278 
PHE HA   H  N N 279 
PHE HB2  H  N N 280 
PHE HB3  H  N N 281 
PHE HD1  H  N N 282 
PHE HD2  H  N N 283 
PHE HE1  H  N N 284 
PHE HE2  H  N N 285 
PHE HZ   H  N N 286 
PHE HXT  H  N N 287 
SER N    N  N N 288 
SER CA   C  N S 289 
SER C    C  N N 290 
SER O    O  N N 291 
SER CB   C  N N 292 
SER OG   O  N N 293 
SER OXT  O  N N 294 
SER H    H  N N 295 
SER H2   H  N N 296 
SER HA   H  N N 297 
SER HB2  H  N N 298 
SER HB3  H  N N 299 
SER HG   H  N N 300 
SER HXT  H  N N 301 
THR N    N  N N 302 
THR CA   C  N S 303 
THR C    C  N N 304 
THR O    O  N N 305 
THR CB   C  N R 306 
THR OG1  O  N N 307 
THR CG2  C  N N 308 
THR OXT  O  N N 309 
THR H    H  N N 310 
THR H2   H  N N 311 
THR HA   H  N N 312 
THR HB   H  N N 313 
THR HG1  H  N N 314 
THR HG21 H  N N 315 
THR HG22 H  N N 316 
THR HG23 H  N N 317 
THR HXT  H  N N 318 
TYR N    N  N N 319 
TYR CA   C  N S 320 
TYR C    C  N N 321 
TYR O    O  N N 322 
TYR CB   C  N N 323 
TYR CG   C  Y N 324 
TYR CD1  C  Y N 325 
TYR CD2  C  Y N 326 
TYR CE1  C  Y N 327 
TYR CE2  C  Y N 328 
TYR CZ   C  Y N 329 
TYR OH   O  N N 330 
TYR OXT  O  N N 331 
TYR H    H  N N 332 
TYR H2   H  N N 333 
TYR HA   H  N N 334 
TYR HB2  H  N N 335 
TYR HB3  H  N N 336 
TYR HD1  H  N N 337 
TYR HD2  H  N N 338 
TYR HE1  H  N N 339 
TYR HE2  H  N N 340 
TYR HH   H  N N 341 
TYR HXT  H  N N 342 
VAL N    N  N N 343 
VAL CA   C  N S 344 
VAL C    C  N N 345 
VAL O    O  N N 346 
VAL CB   C  N N 347 
VAL CG1  C  N N 348 
VAL CG2  C  N N 349 
VAL OXT  O  N N 350 
VAL H    H  N N 351 
VAL H2   H  N N 352 
VAL HA   H  N N 353 
VAL HB   H  N N 354 
VAL HG11 H  N N 355 
VAL HG12 H  N N 356 
VAL HG13 H  N N 357 
VAL HG21 H  N N 358 
VAL HG22 H  N N 359 
VAL HG23 H  N N 360 
VAL HXT  H  N N 361 
# 
loop_
_chem_comp_bond.comp_id 
_chem_comp_bond.atom_id_1 
_chem_comp_bond.atom_id_2 
_chem_comp_bond.value_order 
_chem_comp_bond.pdbx_aromatic_flag 
_chem_comp_bond.pdbx_stereo_config 
_chem_comp_bond.pdbx_ordinal 
ALA N   CA   sing N N 1   
ALA N   H    sing N N 2   
ALA N   H2   sing N N 3   
ALA CA  C    sing N N 4   
ALA CA  CB   sing N N 5   
ALA CA  HA   sing N N 6   
ALA C   O    doub N N 7   
ALA C   OXT  sing N N 8   
ALA CB  HB1  sing N N 9   
ALA CB  HB2  sing N N 10  
ALA CB  HB3  sing N N 11  
ALA OXT HXT  sing N N 12  
ARG N   CA   sing N N 13  
ARG N   H    sing N N 14  
ARG N   H2   sing N N 15  
ARG CA  C    sing N N 16  
ARG CA  CB   sing N N 17  
ARG CA  HA   sing N N 18  
ARG C   O    doub N N 19  
ARG C   OXT  sing N N 20  
ARG CB  CG   sing N N 21  
ARG CB  HB2  sing N N 22  
ARG CB  HB3  sing N N 23  
ARG CG  CD   sing N N 24  
ARG CG  HG2  sing N N 25  
ARG CG  HG3  sing N N 26  
ARG CD  NE   sing N N 27  
ARG CD  HD2  sing N N 28  
ARG CD  HD3  sing N N 29  
ARG NE  CZ   sing N N 30  
ARG NE  HE   sing N N 31  
ARG CZ  NH1  sing N N 32  
ARG CZ  NH2  doub N N 33  
ARG NH1 HH11 sing N N 34  
ARG NH1 HH12 sing N N 35  
ARG NH2 HH21 sing N N 36  
ARG NH2 HH22 sing N N 37  
ARG OXT HXT  sing N N 38  
ASN N   CA   sing N N 39  
ASN N   H    sing N N 40  
ASN N   H2   sing N N 41  
ASN CA  C    sing N N 42  
ASN CA  CB   sing N N 43  
ASN CA  HA   sing N N 44  
ASN C   O    doub N N 45  
ASN C   OXT  sing N N 46  
ASN CB  CG   sing N N 47  
ASN CB  HB2  sing N N 48  
ASN CB  HB3  sing N N 49  
ASN CG  OD1  doub N N 50  
ASN CG  ND2  sing N N 51  
ASN ND2 HD21 sing N N 52  
ASN ND2 HD22 sing N N 53  
ASN OXT HXT  sing N N 54  
ASP N   CA   sing N N 55  
ASP N   H    sing N N 56  
ASP N   H2   sing N N 57  
ASP CA  C    sing N N 58  
ASP CA  CB   sing N N 59  
ASP CA  HA   sing N N 60  
ASP C   O    doub N N 61  
ASP C   OXT  sing N N 62  
ASP CB  CG   sing N N 63  
ASP CB  HB2  sing N N 64  
ASP CB  HB3  sing N N 65  
ASP CG  OD1  doub N N 66  
ASP CG  OD2  sing N N 67  
ASP OD2 HD2  sing N N 68  
ASP OXT HXT  sing N N 69  
CYS N   CA   sing N N 70  
CYS N   H    sing N N 71  
CYS N   H2   sing N N 72  
CYS CA  C    sing N N 73  
CYS CA  CB   sing N N 74  
CYS CA  HA   sing N N 75  
CYS C   O    doub N N 76  
CYS C   OXT  sing N N 77  
CYS CB  SG   sing N N 78  
CYS CB  HB2  sing N N 79  
CYS CB  HB3  sing N N 80  
CYS SG  HG   sing N N 81  
CYS OXT HXT  sing N N 82  
GLN N   CA   sing N N 83  
GLN N   H    sing N N 84  
GLN N   H2   sing N N 85  
GLN CA  C    sing N N 86  
GLN CA  CB   sing N N 87  
GLN CA  HA   sing N N 88  
GLN C   O    doub N N 89  
GLN C   OXT  sing N N 90  
GLN CB  CG   sing N N 91  
GLN CB  HB2  sing N N 92  
GLN CB  HB3  sing N N 93  
GLN CG  CD   sing N N 94  
GLN CG  HG2  sing N N 95  
GLN CG  HG3  sing N N 96  
GLN CD  OE1  doub N N 97  
GLN CD  NE2  sing N N 98  
GLN NE2 HE21 sing N N 99  
GLN NE2 HE22 sing N N 100 
GLN OXT HXT  sing N N 101 
GLU N   CA   sing N N 102 
GLU N   H    sing N N 103 
GLU N   H2   sing N N 104 
GLU CA  C    sing N N 105 
GLU CA  CB   sing N N 106 
GLU CA  HA   sing N N 107 
GLU C   O    doub N N 108 
GLU C   OXT  sing N N 109 
GLU CB  CG   sing N N 110 
GLU CB  HB2  sing N N 111 
GLU CB  HB3  sing N N 112 
GLU CG  CD   sing N N 113 
GLU CG  HG2  sing N N 114 
GLU CG  HG3  sing N N 115 
GLU CD  OE1  doub N N 116 
GLU CD  OE2  sing N N 117 
GLU OE2 HE2  sing N N 118 
GLU OXT HXT  sing N N 119 
GLY N   CA   sing N N 120 
GLY N   H    sing N N 121 
GLY N   H2   sing N N 122 
GLY CA  C    sing N N 123 
GLY CA  HA2  sing N N 124 
GLY CA  HA3  sing N N 125 
GLY C   O    doub N N 126 
GLY C   OXT  sing N N 127 
GLY OXT HXT  sing N N 128 
GOL C1  O1   sing N N 129 
GOL C1  C2   sing N N 130 
GOL C1  H11  sing N N 131 
GOL C1  H12  sing N N 132 
GOL O1  HO1  sing N N 133 
GOL C2  O2   sing N N 134 
GOL C2  C3   sing N N 135 
GOL C2  H2   sing N N 136 
GOL O2  HO2  sing N N 137 
GOL C3  O3   sing N N 138 
GOL C3  H31  sing N N 139 
GOL C3  H32  sing N N 140 
GOL O3  HO3  sing N N 141 
HIS N   CA   sing N N 142 
HIS N   H    sing N N 143 
HIS N   H2   sing N N 144 
HIS CA  C    sing N N 145 
HIS CA  CB   sing N N 146 
HIS CA  HA   sing N N 147 
HIS C   O    doub N N 148 
HIS C   OXT  sing N N 149 
HIS CB  CG   sing N N 150 
HIS CB  HB2  sing N N 151 
HIS CB  HB3  sing N N 152 
HIS CG  ND1  sing Y N 153 
HIS CG  CD2  doub Y N 154 
HIS ND1 CE1  doub Y N 155 
HIS ND1 HD1  sing N N 156 
HIS CD2 NE2  sing Y N 157 
HIS CD2 HD2  sing N N 158 
HIS CE1 NE2  sing Y N 159 
HIS CE1 HE1  sing N N 160 
HIS NE2 HE2  sing N N 161 
HIS OXT HXT  sing N N 162 
HOH O   H1   sing N N 163 
HOH O   H2   sing N N 164 
ILE N   CA   sing N N 165 
ILE N   H    sing N N 166 
ILE N   H2   sing N N 167 
ILE CA  C    sing N N 168 
ILE CA  CB   sing N N 169 
ILE CA  HA   sing N N 170 
ILE C   O    doub N N 171 
ILE C   OXT  sing N N 172 
ILE CB  CG1  sing N N 173 
ILE CB  CG2  sing N N 174 
ILE CB  HB   sing N N 175 
ILE CG1 CD1  sing N N 176 
ILE CG1 HG12 sing N N 177 
ILE CG1 HG13 sing N N 178 
ILE CG2 HG21 sing N N 179 
ILE CG2 HG22 sing N N 180 
ILE CG2 HG23 sing N N 181 
ILE CD1 HD11 sing N N 182 
ILE CD1 HD12 sing N N 183 
ILE CD1 HD13 sing N N 184 
ILE OXT HXT  sing N N 185 
LEU N   CA   sing N N 186 
LEU N   H    sing N N 187 
LEU N   H2   sing N N 188 
LEU CA  C    sing N N 189 
LEU CA  CB   sing N N 190 
LEU CA  HA   sing N N 191 
LEU C   O    doub N N 192 
LEU C   OXT  sing N N 193 
LEU CB  CG   sing N N 194 
LEU CB  HB2  sing N N 195 
LEU CB  HB3  sing N N 196 
LEU CG  CD1  sing N N 197 
LEU CG  CD2  sing N N 198 
LEU CG  HG   sing N N 199 
LEU CD1 HD11 sing N N 200 
LEU CD1 HD12 sing N N 201 
LEU CD1 HD13 sing N N 202 
LEU CD2 HD21 sing N N 203 
LEU CD2 HD22 sing N N 204 
LEU CD2 HD23 sing N N 205 
LEU OXT HXT  sing N N 206 
LYS N   CA   sing N N 207 
LYS N   H    sing N N 208 
LYS N   H2   sing N N 209 
LYS CA  C    sing N N 210 
LYS CA  CB   sing N N 211 
LYS CA  HA   sing N N 212 
LYS C   O    doub N N 213 
LYS C   OXT  sing N N 214 
LYS CB  CG   sing N N 215 
LYS CB  HB2  sing N N 216 
LYS CB  HB3  sing N N 217 
LYS CG  CD   sing N N 218 
LYS CG  HG2  sing N N 219 
LYS CG  HG3  sing N N 220 
LYS CD  CE   sing N N 221 
LYS CD  HD2  sing N N 222 
LYS CD  HD3  sing N N 223 
LYS CE  NZ   sing N N 224 
LYS CE  HE2  sing N N 225 
LYS CE  HE3  sing N N 226 
LYS NZ  HZ1  sing N N 227 
LYS NZ  HZ2  sing N N 228 
LYS NZ  HZ3  sing N N 229 
LYS OXT HXT  sing N N 230 
MET N   CA   sing N N 231 
MET N   H    sing N N 232 
MET N   H2   sing N N 233 
MET CA  C    sing N N 234 
MET CA  CB   sing N N 235 
MET CA  HA   sing N N 236 
MET C   O    doub N N 237 
MET C   OXT  sing N N 238 
MET CB  CG   sing N N 239 
MET CB  HB2  sing N N 240 
MET CB  HB3  sing N N 241 
MET CG  SD   sing N N 242 
MET CG  HG2  sing N N 243 
MET CG  HG3  sing N N 244 
MET SD  CE   sing N N 245 
MET CE  HE1  sing N N 246 
MET CE  HE2  sing N N 247 
MET CE  HE3  sing N N 248 
MET OXT HXT  sing N N 249 
PHE N   CA   sing N N 250 
PHE N   H    sing N N 251 
PHE N   H2   sing N N 252 
PHE CA  C    sing N N 253 
PHE CA  CB   sing N N 254 
PHE CA  HA   sing N N 255 
PHE C   O    doub N N 256 
PHE C   OXT  sing N N 257 
PHE CB  CG   sing N N 258 
PHE CB  HB2  sing N N 259 
PHE CB  HB3  sing N N 260 
PHE CG  CD1  doub Y N 261 
PHE CG  CD2  sing Y N 262 
PHE CD1 CE1  sing Y N 263 
PHE CD1 HD1  sing N N 264 
PHE CD2 CE2  doub Y N 265 
PHE CD2 HD2  sing N N 266 
PHE CE1 CZ   doub Y N 267 
PHE CE1 HE1  sing N N 268 
PHE CE2 CZ   sing Y N 269 
PHE CE2 HE2  sing N N 270 
PHE CZ  HZ   sing N N 271 
PHE OXT HXT  sing N N 272 
SER N   CA   sing N N 273 
SER N   H    sing N N 274 
SER N   H2   sing N N 275 
SER CA  C    sing N N 276 
SER CA  CB   sing N N 277 
SER CA  HA   sing N N 278 
SER C   O    doub N N 279 
SER C   OXT  sing N N 280 
SER CB  OG   sing N N 281 
SER CB  HB2  sing N N 282 
SER CB  HB3  sing N N 283 
SER OG  HG   sing N N 284 
SER OXT HXT  sing N N 285 
THR N   CA   sing N N 286 
THR N   H    sing N N 287 
THR N   H2   sing N N 288 
THR CA  C    sing N N 289 
THR CA  CB   sing N N 290 
THR CA  HA   sing N N 291 
THR C   O    doub N N 292 
THR C   OXT  sing N N 293 
THR CB  OG1  sing N N 294 
THR CB  CG2  sing N N 295 
THR CB  HB   sing N N 296 
THR OG1 HG1  sing N N 297 
THR CG2 HG21 sing N N 298 
THR CG2 HG22 sing N N 299 
THR CG2 HG23 sing N N 300 
THR OXT HXT  sing N N 301 
TYR N   CA   sing N N 302 
TYR N   H    sing N N 303 
TYR N   H2   sing N N 304 
TYR CA  C    sing N N 305 
TYR CA  CB   sing N N 306 
TYR CA  HA   sing N N 307 
TYR C   O    doub N N 308 
TYR C   OXT  sing N N 309 
TYR CB  CG   sing N N 310 
TYR CB  HB2  sing N N 311 
TYR CB  HB3  sing N N 312 
TYR CG  CD1  doub Y N 313 
TYR CG  CD2  sing Y N 314 
TYR CD1 CE1  sing Y N 315 
TYR CD1 HD1  sing N N 316 
TYR CD2 CE2  doub Y N 317 
TYR CD2 HD2  sing N N 318 
TYR CE1 CZ   doub Y N 319 
TYR CE1 HE1  sing N N 320 
TYR CE2 CZ   sing Y N 321 
TYR CE2 HE2  sing N N 322 
TYR CZ  OH   sing N N 323 
TYR OH  HH   sing N N 324 
TYR OXT HXT  sing N N 325 
VAL N   CA   sing N N 326 
VAL N   H    sing N N 327 
VAL N   H2   sing N N 328 
VAL CA  C    sing N N 329 
VAL CA  CB   sing N N 330 
VAL CA  HA   sing N N 331 
VAL C   O    doub N N 332 
VAL C   OXT  sing N N 333 
VAL CB  CG1  sing N N 334 
VAL CB  CG2  sing N N 335 
VAL CB  HB   sing N N 336 
VAL CG1 HG11 sing N N 337 
VAL CG1 HG12 sing N N 338 
VAL CG1 HG13 sing N N 339 
VAL CG2 HG21 sing N N 340 
VAL CG2 HG22 sing N N 341 
VAL CG2 HG23 sing N N 342 
VAL OXT HXT  sing N N 343 
# 
_pdbx_audit_support.funding_organization   'European Research Council' 
_pdbx_audit_support.country                France 
_pdbx_audit_support.grant_number           340371 
_pdbx_audit_support.ordinal                1 
# 
_pdbx_initial_refinement_model.id               1 
_pdbx_initial_refinement_model.entity_id_list   ? 
_pdbx_initial_refinement_model.type             'experimental model' 
_pdbx_initial_refinement_model.source_name      PDB 
_pdbx_initial_refinement_model.accession_code   1Y4M 
_pdbx_initial_refinement_model.details          ? 
# 
_atom_sites.entry_id                    6RX1 
_atom_sites.Cartn_transf_matrix[1][1]   ? 
_atom_sites.Cartn_transf_matrix[1][2]   ? 
_atom_sites.Cartn_transf_matrix[1][3]   ? 
_atom_sites.Cartn_transf_matrix[2][1]   ? 
_atom_sites.Cartn_transf_matrix[2][2]   ? 
_atom_sites.Cartn_transf_matrix[2][3]   ? 
_atom_sites.Cartn_transf_matrix[3][1]   ? 
_atom_sites.Cartn_transf_matrix[3][2]   ? 
_atom_sites.Cartn_transf_matrix[3][3]   ? 
_atom_sites.Cartn_transf_vector[1]      ? 
_atom_sites.Cartn_transf_vector[2]      ? 
_atom_sites.Cartn_transf_vector[3]      ? 
_atom_sites.fract_transf_matrix[1][1]   -0.00401619 
_atom_sites.fract_transf_matrix[1][2]   -0.01102733 
_atom_sites.fract_transf_matrix[1][3]   -0.01966834 
_atom_sites.fract_transf_matrix[2][1]   -0.02097607 
_atom_sites.fract_transf_matrix[2][2]   -0.00797192 
_atom_sites.fract_transf_matrix[2][3]   -0.00458260 
_atom_sites.fract_transf_matrix[3][1]   -0.00089891 
_atom_sites.fract_transf_matrix[3][2]   0.00333440 
_atom_sites.fract_transf_matrix[3][3]   -0.00168593 
_atom_sites.fract_transf_vector[1]      -0.318936 
_atom_sites.fract_transf_vector[2]      0.219888 
_atom_sites.fract_transf_vector[3]      0.050821 
_atom_sites.solution_primary            ? 
_atom_sites.solution_secondary          ? 
_atom_sites.solution_hydrogens          ? 
_atom_sites.special_details             ? 
# 
loop_
_atom_type.symbol 
C  
CL 
N  
O  
S  
# 
loop_
_atom_site.group_PDB 
_atom_site.id 
_atom_site.type_symbol 
_atom_site.label_atom_id 
_atom_site.label_alt_id 
_atom_site.label_comp_id 
_atom_site.label_asym_id 
_atom_site.label_entity_id 
_atom_site.label_seq_id 
_atom_site.pdbx_PDB_ins_code 
_atom_site.Cartn_x 
_atom_site.Cartn_y 
_atom_site.Cartn_z 
_atom_site.occupancy 
_atom_site.B_iso_or_equiv 
_atom_site.pdbx_formal_charge 
_atom_site.auth_seq_id 
_atom_site.auth_comp_id 
_atom_site.auth_asym_id 
_atom_site.auth_atom_id 
_atom_site.pdbx_PDB_model_num 
ATOM   1   N  N   . GLN A 1 18  ? 3.685   -34.619 11.609  1.00 68.84  ? 345 GLN A N   1 
ATOM   2   C  CA  . GLN A 1 18  ? 2.454   -34.715 10.820  1.00 68.84  ? 345 GLN A CA  1 
ATOM   3   C  C   . GLN A 1 18  ? 1.530   -33.523 11.097  1.00 71.84  ? 345 GLN A C   1 
ATOM   4   O  O   . GLN A 1 18  ? 0.973   -32.951 10.158  1.00 72.21  ? 345 GLN A O   1 
ATOM   5   C  CB  . GLN A 1 18  ? 1.728   -36.056 11.049  1.00 70.27  ? 345 GLN A CB  1 
ATOM   6   C  CG  . GLN A 1 18  ? 0.859   -36.477 9.861   1.00 89.55  ? 345 GLN A CG  1 
ATOM   7   C  CD  . GLN A 1 18  ? 0.191   -37.824 10.040  1.00 110.23 ? 345 GLN A CD  1 
ATOM   8   O  OE1 . GLN A 1 18  ? -0.621  -38.036 10.950  1.00 104.95 ? 345 GLN A OE1 1 
ATOM   9   N  NE2 . GLN A 1 18  ? 0.472   -38.747 9.128   1.00 101.41 ? 345 GLN A NE2 1 
ATOM   10  N  N   . PHE A 1 19  ? 1.375   -33.149 12.376  1.00 66.37  ? 346 PHE A N   1 
ATOM   11  C  CA  . PHE A 1 19  ? 0.576   -31.994 12.774  1.00 65.15  ? 346 PHE A CA  1 
ATOM   12  C  C   . PHE A 1 19  ? 1.340   -30.688 12.493  1.00 64.20  ? 346 PHE A C   1 
ATOM   13  O  O   . PHE A 1 19  ? 0.723   -29.685 12.135  1.00 61.64  ? 346 PHE A O   1 
ATOM   14  C  CB  . PHE A 1 19  ? 0.119   -32.103 14.244  1.00 67.19  ? 346 PHE A CB  1 
ATOM   15  C  CG  . PHE A 1 19  ? -1.116  -32.950 14.489  1.00 69.37  ? 346 PHE A CG  1 
ATOM   16  C  CD1 . PHE A 1 19  ? -2.065  -33.139 13.485  1.00 72.77  ? 346 PHE A CD1 1 
ATOM   17  C  CD2 . PHE A 1 19  ? -1.357  -33.512 15.739  1.00 72.42  ? 346 PHE A CD2 1 
ATOM   18  C  CE1 . PHE A 1 19  ? -3.222  -33.884 13.725  1.00 74.15  ? 346 PHE A CE1 1 
ATOM   19  C  CE2 . PHE A 1 19  ? -2.520  -34.254 15.981  1.00 75.28  ? 346 PHE A CE2 1 
ATOM   20  C  CZ  . PHE A 1 19  ? -3.444  -34.435 14.973  1.00 73.53  ? 346 PHE A CZ  1 
ATOM   21  N  N   . TYR A 1 20  ? 2.685   -30.722 12.632  1.00 59.78  ? 347 TYR A N   1 
ATOM   22  C  CA  . TYR A 1 20  ? 3.580   -29.604 12.332  1.00 59.36  ? 347 TYR A CA  1 
ATOM   23  C  C   . TYR A 1 20  ? 3.525   -29.310 10.812  1.00 61.20  ? 347 TYR A C   1 
ATOM   24  O  O   . TYR A 1 20  ? 3.479   -28.151 10.429  1.00 60.22  ? 347 TYR A O   1 
ATOM   25  C  CB  . TYR A 1 20  ? 5.027   -29.910 12.792  1.00 60.78  ? 347 TYR A CB  1 
ATOM   26  C  CG  . TYR A 1 20  ? 6.060   -28.934 12.265  1.00 63.30  ? 347 TYR A CG  1 
ATOM   27  C  CD1 . TYR A 1 20  ? 6.285   -27.717 12.900  1.00 66.05  ? 347 TYR A CD1 1 
ATOM   28  C  CD2 . TYR A 1 20  ? 6.785   -29.213 11.109  1.00 64.28  ? 347 TYR A CD2 1 
ATOM   29  C  CE1 . TYR A 1 20  ? 7.204   -26.797 12.397  1.00 67.81  ? 347 TYR A CE1 1 
ATOM   30  C  CE2 . TYR A 1 20  ? 7.701   -28.298 10.593  1.00 65.57  ? 347 TYR A CE2 1 
ATOM   31  C  CZ  . TYR A 1 20  ? 7.917   -27.096 11.247  1.00 76.98  ? 347 TYR A CZ  1 
ATOM   32  O  OH  . TYR A 1 20  ? 8.834   -26.197 10.754  1.00 83.36  ? 347 TYR A OH  1 
ATOM   33  N  N   . TYR A 1 21  ? 3.528   -30.368 9.975   1.00 57.25  ? 348 TYR A N   1 
ATOM   34  C  CA  . TYR A 1 21  ? 3.451   -30.313 8.516   1.00 57.31  ? 348 TYR A CA  1 
ATOM   35  C  C   . TYR A 1 21  ? 2.136   -29.653 8.087   1.00 56.83  ? 348 TYR A C   1 
ATOM   36  O  O   . TYR A 1 21  ? 2.159   -28.749 7.247   1.00 54.23  ? 348 TYR A O   1 
ATOM   37  C  CB  . TYR A 1 21  ? 3.544   -31.741 7.929   1.00 60.29  ? 348 TYR A CB  1 
ATOM   38  C  CG  . TYR A 1 21  ? 3.415   -31.834 6.420   1.00 64.82  ? 348 TYR A CG  1 
ATOM   39  C  CD1 . TYR A 1 21  ? 2.165   -31.959 5.810   1.00 67.27  ? 348 TYR A CD1 1 
ATOM   40  C  CD2 . TYR A 1 21  ? 4.546   -31.885 5.606   1.00 66.42  ? 348 TYR A CD2 1 
ATOM   41  C  CE1 . TYR A 1 21  ? 2.041   -32.061 4.423   1.00 68.89  ? 348 TYR A CE1 1 
ATOM   42  C  CE2 . TYR A 1 21  ? 4.435   -32.012 4.218   1.00 67.82  ? 348 TYR A CE2 1 
ATOM   43  C  CZ  . TYR A 1 21  ? 3.180   -32.101 3.632   1.00 76.99  ? 348 TYR A CZ  1 
ATOM   44  O  OH  . TYR A 1 21  ? 3.064   -32.212 2.266   1.00 78.93  ? 348 TYR A OH  1 
ATOM   45  N  N   . LYS A 1 22  ? 0.999   -30.130 8.648   1.00 51.84  ? 349 LYS A N   1 
ATOM   46  C  CA  . LYS A 1 22  ? -0.327  -29.621 8.327   1.00 51.64  ? 349 LYS A CA  1 
ATOM   47  C  C   . LYS A 1 22  ? -0.495  -28.138 8.711   1.00 53.61  ? 349 LYS A C   1 
ATOM   48  O  O   . LYS A 1 22  ? -0.901  -27.355 7.863   1.00 53.78  ? 349 LYS A O   1 
ATOM   49  C  CB  . LYS A 1 22  ? -1.440  -30.485 8.946   1.00 54.81  ? 349 LYS A CB  1 
ATOM   50  C  CG  . LYS A 1 22  ? -2.788  -30.233 8.258   1.00 70.74  ? 349 LYS A CG  1 
ATOM   51  C  CD  . LYS A 1 22  ? -3.967  -30.800 9.008   1.00 81.52  ? 349 LYS A CD  1 
ATOM   52  C  CE  . LYS A 1 22  ? -5.260  -30.540 8.274   1.00 89.49  ? 349 LYS A CE  1 
ATOM   53  N  NZ  . LYS A 1 22  ? -5.720  -29.136 8.437   1.00 95.73  ? 349 LYS A NZ  1 
ATOM   54  N  N   . LEU A 1 23  ? -0.156  -27.762 9.963   1.00 48.68  ? 350 LEU A N   1 
ATOM   55  C  CA  . LEU A 1 23  ? -0.265  -26.389 10.478  1.00 47.75  ? 350 LEU A CA  1 
ATOM   56  C  C   . LEU A 1 23  ? 0.632   -25.403 9.706   1.00 48.37  ? 350 LEU A C   1 
ATOM   57  O  O   . LEU A 1 23  ? 0.208   -24.286 9.420   1.00 46.24  ? 350 LEU A O   1 
ATOM   58  C  CB  . LEU A 1 23  ? 0.059   -26.362 11.978  1.00 48.11  ? 350 LEU A CB  1 
ATOM   59  C  CG  . LEU A 1 23  ? -1.040  -25.991 12.990  1.00 54.44  ? 350 LEU A CG  1 
ATOM   60  C  CD1 . LEU A 1 23  ? -2.451  -25.937 12.382  1.00 54.28  ? 350 LEU A CD1 1 
ATOM   61  C  CD2 . LEU A 1 23  ? -1.001  -26.926 14.168  1.00 59.35  ? 350 LEU A CD2 1 
ATOM   62  N  N   . SER A 1 24  ? 1.850   -25.844 9.337   1.00 43.65  ? 351 SER A N   1 
ATOM   63  C  CA  . SER A 1 24  ? 2.786   -25.056 8.545   1.00 43.48  ? 351 SER A CA  1 
ATOM   64  C  C   . SER A 1 24  ? 2.168   -24.771 7.153   1.00 44.62  ? 351 SER A C   1 
ATOM   65  O  O   . SER A 1 24  ? 2.252   -23.641 6.670   1.00 43.85  ? 351 SER A O   1 
ATOM   66  C  CB  . SER A 1 24  ? 4.127   -25.782 8.425   1.00 48.06  ? 351 SER A CB  1 
ATOM   67  O  OG  . SER A 1 24  ? 5.110   -24.968 7.805   1.00 61.85  ? 351 SER A OG  1 
ATOM   68  N  N   . GLN A 1 25  ? 1.501   -25.778 6.552   1.00 40.19  ? 352 GLN A N   1 
ATOM   69  C  CA  . GLN A 1 25  ? 0.818   -25.656 5.257   1.00 40.06  ? 352 GLN A CA  1 
ATOM   70  C  C   . GLN A 1 25  ? -0.426  -24.735 5.367   1.00 42.75  ? 352 GLN A C   1 
ATOM   71  O  O   . GLN A 1 25  ? -0.728  -23.985 4.429   1.00 42.83  ? 352 GLN A O   1 
ATOM   72  C  CB  . GLN A 1 25  ? 0.373   -27.032 4.752   1.00 41.45  ? 352 GLN A CB  1 
ATOM   73  C  CG  . GLN A 1 25  ? 1.391   -27.717 3.859   1.00 66.05  ? 352 GLN A CG  1 
ATOM   74  C  CD  . GLN A 1 25  ? 0.759   -28.488 2.717   1.00 91.41  ? 352 GLN A CD  1 
ATOM   75  O  OE1 . GLN A 1 25  ? -0.403  -28.924 2.771   1.00 86.52  ? 352 GLN A OE1 1 
ATOM   76  N  NE2 . GLN A 1 25  ? 1.523   -28.677 1.649   1.00 85.43  ? 352 GLN A NE2 1 
ATOM   77  N  N   . GLU A 1 26  ? -1.153  -24.830 6.495   1.00 37.44  ? 353 GLU A N   1 
ATOM   78  C  CA  . GLU A 1 26  ? -2.324  -23.997 6.773   1.00 37.75  ? 353 GLU A CA  1 
ATOM   79  C  C   . GLU A 1 26  ? -1.939  -22.517 6.870   1.00 40.35  ? 353 GLU A C   1 
ATOM   80  O  O   . GLU A 1 26  ? -2.608  -21.668 6.275   1.00 39.20  ? 353 GLU A O   1 
ATOM   81  C  CB  . GLU A 1 26  ? -3.052  -24.464 8.051   1.00 38.70  ? 353 GLU A CB  1 
ATOM   82  C  CG  . GLU A 1 26  ? -3.782  -25.788 7.879   1.00 44.99  ? 353 GLU A CG  1 
ATOM   83  C  CD  . GLU A 1 26  ? -5.009  -25.826 6.982   1.00 53.37  ? 353 GLU A CD  1 
ATOM   84  O  OE1 . GLU A 1 26  ? -5.518  -24.755 6.578   1.00 40.57  ? 353 GLU A OE1 1 
ATOM   85  O  OE2 . GLU A 1 26  ? -5.484  -26.949 6.708   1.00 50.46  ? 353 GLU A OE2 1 
ATOM   86  N  N   . LEU A 1 27  ? -0.840  -22.232 7.597   1.00 36.67  ? 354 LEU A N   1 
ATOM   87  C  CA  . LEU A 1 27  ? -0.292  -20.899 7.793   1.00 36.30  ? 354 LEU A CA  1 
ATOM   88  C  C   . LEU A 1 27  ? 0.186   -20.301 6.448   1.00 39.60  ? 354 LEU A C   1 
ATOM   89  O  O   . LEU A 1 27  ? -0.144  -19.153 6.147   1.00 40.31  ? 354 LEU A O   1 
ATOM   90  C  CB  . LEU A 1 27  ? 0.861   -20.943 8.818   1.00 35.72  ? 354 LEU A CB  1 
ATOM   91  C  CG  . LEU A 1 27  ? 1.645   -19.625 9.033   1.00 38.92  ? 354 LEU A CG  1 
ATOM   92  C  CD1 . LEU A 1 27  ? 0.750   -18.538 9.692   1.00 37.34  ? 354 LEU A CD1 1 
ATOM   93  C  CD2 . LEU A 1 27  ? 2.894   -19.868 9.861   1.00 39.53  ? 354 LEU A CD2 1 
ATOM   94  N  N   . ASN A 1 28  ? 0.929   -21.082 5.652   1.00 34.38  ? 355 ASN A N   1 
ATOM   95  C  CA  . ASN A 1 28  ? 1.428   -20.649 4.347   1.00 35.16  ? 355 ASN A CA  1 
ATOM   96  C  C   . ASN A 1 28  ? 0.309   -20.307 3.372   1.00 38.86  ? 355 ASN A C   1 
ATOM   97  O  O   . ASN A 1 28  ? 0.433   -19.315 2.659   1.00 40.24  ? 355 ASN A O   1 
ATOM   98  C  CB  . ASN A 1 28  ? 2.380   -21.691 3.729   1.00 36.78  ? 355 ASN A CB  1 
ATOM   99  C  CG  . ASN A 1 28  ? 3.763   -21.705 4.325   1.00 48.76  ? 355 ASN A CG  1 
ATOM   100 O  OD1 . ASN A 1 28  ? 4.139   -20.859 5.144   1.00 42.61  ? 355 ASN A OD1 1 
ATOM   101 N  ND2 . ASN A 1 28  ? 4.549   -22.681 3.930   1.00 41.92  ? 355 ASN A ND2 1 
ATOM   102 N  N   . GLY A 1 29  ? -0.759  -21.113 3.362   1.00 33.71  ? 356 GLY A N   1 
ATOM   103 C  CA  . GLY A 1 29  ? -1.914  -20.887 2.502   1.00 33.14  ? 356 GLY A CA  1 
ATOM   104 C  C   . GLY A 1 29  ? -2.657  -19.611 2.863   1.00 35.52  ? 356 GLY A C   1 
ATOM   105 O  O   . GLY A 1 29  ? -3.020  -18.833 1.977   1.00 33.76  ? 356 GLY A O   1 
ATOM   106 N  N   . ASP A 1 30  ? -2.842  -19.363 4.174   1.00 32.88  ? 357 ASP A N   1 
ATOM   107 C  CA  . ASP A 1 30  ? -3.516  -18.144 4.652   1.00 33.44  ? 357 ASP A CA  1 
ATOM   108 C  C   . ASP A 1 30  ? -2.702  -16.892 4.314   1.00 36.73  ? 357 ASP A C   1 
ATOM   109 O  O   . ASP A 1 30  ? -3.244  -15.941 3.760   1.00 36.13  ? 357 ASP A O   1 
ATOM   110 C  CB  . ASP A 1 30  ? -3.749  -18.213 6.181   1.00 35.13  ? 357 ASP A CB  1 
ATOM   111 C  CG  . ASP A 1 30  ? -4.890  -19.095 6.636   1.00 43.08  ? 357 ASP A CG  1 
ATOM   112 O  OD1 . ASP A 1 30  ? -5.271  -20.022 5.882   1.00 45.77  ? 357 ASP A OD1 1 
ATOM   113 O  OD2 . ASP A 1 30  ? -5.342  -18.923 7.778   1.00 48.27  ? 357 ASP A OD2 1 
ATOM   114 N  N   . MET A 1 31  ? -1.395  -16.925 4.631   1.00 34.73  ? 358 MET A N   1 
ATOM   115 C  CA  . MET A 1 31  ? -0.421  -15.842 4.470   1.00 33.78  ? 358 MET A CA  1 
ATOM   116 C  C   . MET A 1 31  ? -0.161  -15.467 3.024   1.00 36.84  ? 358 MET A C   1 
ATOM   117 O  O   . MET A 1 31  ? 0.104   -14.304 2.743   1.00 34.68  ? 358 MET A O   1 
ATOM   118 C  CB  . MET A 1 31  ? 0.889   -16.179 5.214   1.00 35.73  ? 358 MET A CB  1 
ATOM   119 C  CG  . MET A 1 31  ? 0.748   -16.085 6.729   1.00 39.26  ? 358 MET A CG  1 
ATOM   120 S  SD  . MET A 1 31  ? 0.134   -14.498 7.390   1.00 42.69  ? 358 MET A SD  1 
ATOM   121 C  CE  . MET A 1 31  ? 1.321   -13.444 6.757   1.00 39.23  ? 358 MET A CE  1 
ATOM   122 N  N   . GLU A 1 32  ? -0.206  -16.453 2.110   1.00 36.40  ? 359 GLU A N   1 
ATOM   123 C  CA  . GLU A 1 32  ? -0.082  -16.217 0.660   1.00 36.66  ? 359 GLU A CA  1 
ATOM   124 C  C   . GLU A 1 32  ? -1.245  -15.289 0.219   1.00 36.63  ? 359 GLU A C   1 
ATOM   125 O  O   . GLU A 1 32  ? -1.042  -14.370 -0.569  1.00 34.45  ? 359 GLU A O   1 
ATOM   126 C  CB  . GLU A 1 32  ? -0.242  -17.542 -0.107  1.00 38.34  ? 359 GLU A CB  1 
ATOM   127 C  CG  . GLU A 1 32  ? 1.039   -18.287 -0.420  1.00 58.12  ? 359 GLU A CG  1 
ATOM   128 C  CD  . GLU A 1 32  ? 0.815   -19.753 -0.760  1.00 91.10  ? 359 GLU A CD  1 
ATOM   129 O  OE1 . GLU A 1 32  ? -0.190  -20.072 -1.441  1.00 79.78  ? 359 GLU A OE1 1 
ATOM   130 O  OE2 . GLU A 1 32  ? 1.639   -20.590 -0.321  1.00 88.65  ? 359 GLU A OE2 1 
ATOM   131 N  N   . ARG A 1 33  ? -2.466  -15.591 0.701   1.00 33.62  ? 360 ARG A N   1 
ATOM   132 C  CA  . ARG A 1 33  ? -3.688  -14.852 0.375   1.00 33.93  ? 360 ARG A CA  1 
ATOM   133 C  C   . ARG A 1 33  ? -3.669  -13.447 0.981   1.00 35.32  ? 360 ARG A C   1 
ATOM   134 O  O   . ARG A 1 33  ? -4.038  -12.491 0.295   1.00 34.02  ? 360 ARG A O   1 
ATOM   135 C  CB  . ARG A 1 33  ? -4.937  -15.659 0.785   1.00 32.30  ? 360 ARG A CB  1 
ATOM   136 C  CG  . ARG A 1 33  ? -5.149  -16.884 -0.111  1.00 33.59  ? 360 ARG A CG  1 
ATOM   137 C  CD  . ARG A 1 33  ? -6.052  -17.920 0.527   1.00 34.68  ? 360 ARG A CD  1 
ATOM   138 N  NE  . ARG A 1 33  ? -6.376  -18.988 -0.420  1.00 39.88  ? 360 ARG A NE  1 
ATOM   139 C  CZ  . ARG A 1 33  ? -5.677  -20.107 -0.584  1.00 45.49  ? 360 ARG A CZ  1 
ATOM   140 N  NH1 . ARG A 1 33  ? -4.584  -20.332 0.138   1.00 38.24  ? 360 ARG A NH1 1 
ATOM   141 N  NH2 . ARG A 1 33  ? -6.061  -21.008 -1.472  1.00 33.13  ? 360 ARG A NH2 1 
ATOM   142 N  N   . VAL A 1 34  ? -3.164  -13.330 2.230   1.00 32.15  ? 361 VAL A N   1 
ATOM   143 C  CA  . VAL A 1 34  ? -3.001  -12.064 2.956   1.00 32.34  ? 361 VAL A CA  1 
ATOM   144 C  C   . VAL A 1 34  ? -1.979  -11.174 2.228   1.00 36.40  ? 361 VAL A C   1 
ATOM   145 O  O   . VAL A 1 34  ? -2.272  -9.999  2.004   1.00 36.52  ? 361 VAL A O   1 
ATOM   146 C  CB  . VAL A 1 34  ? -2.599  -12.271 4.444   1.00 35.74  ? 361 VAL A CB  1 
ATOM   147 C  CG1 . VAL A 1 34  ? -2.289  -10.926 5.144   1.00 34.34  ? 361 VAL A CG1 1 
ATOM   148 C  CG2 . VAL A 1 34  ? -3.677  -13.038 5.196   1.00 35.18  ? 361 VAL A CG2 1 
ATOM   149 N  N   . ALA A 1 35  ? -0.801  -11.736 1.862   1.00 33.85  ? 362 ALA A N   1 
ATOM   150 C  CA  . ALA A 1 35  ? 0.263   -11.008 1.159   1.00 34.50  ? 362 ALA A CA  1 
ATOM   151 C  C   . ALA A 1 35  ? -0.246  -10.472 -0.187  1.00 37.46  ? 362 ALA A C   1 
ATOM   152 O  O   . ALA A 1 35  ? 0.022   -9.309  -0.487  1.00 35.93  ? 362 ALA A O   1 
ATOM   153 C  CB  . ALA A 1 35  ? 1.512   -11.890 0.960   1.00 35.01  ? 362 ALA A CB  1 
ATOM   154 N  N   . ASP A 1 36  ? -1.020  -11.290 -0.956  1.00 34.44  ? 363 ASP A N   1 
ATOM   155 C  CA  . ASP A 1 36  ? -1.647  -10.872 -2.230  1.00 34.63  ? 363 ASP A CA  1 
ATOM   156 C  C   . ASP A 1 36  ? -2.627  -9.700  -2.025  1.00 37.66  ? 363 ASP A C   1 
ATOM   157 O  O   . ASP A 1 36  ? -2.661  -8.799  -2.848  1.00 38.62  ? 363 ASP A O   1 
ATOM   158 C  CB  . ASP A 1 36  ? -2.415  -12.029 -2.897  1.00 36.16  ? 363 ASP A CB  1 
ATOM   159 C  CG  . ASP A 1 36  ? -1.559  -13.122 -3.495  1.00 44.90  ? 363 ASP A CG  1 
ATOM   160 O  OD1 . ASP A 1 36  ? -0.322  -12.923 -3.599  1.00 47.42  ? 363 ASP A OD1 1 
ATOM   161 O  OD2 . ASP A 1 36  ? -2.108  -14.204 -3.793  1.00 47.59  ? 363 ASP A OD2 1 
ATOM   162 N  N   . SER A 1 37  ? -3.413  -9.727  -0.944  1.00 33.71  ? 364 SER A N   1 
ATOM   163 C  CA  . SER A 1 37  ? -4.396  -8.681  -0.597  1.00 33.59  ? 364 SER A CA  1 
ATOM   164 C  C   . SER A 1 37  ? -3.713  -7.364  -0.231  1.00 35.67  ? 364 SER A C   1 
ATOM   165 O  O   . SER A 1 37  ? -4.170  -6.317  -0.662  1.00 35.39  ? 364 SER A O   1 
ATOM   166 C  CB  . SER A 1 37  ? -5.269  -9.132  0.573   1.00 35.91  ? 364 SER A CB  1 
ATOM   167 O  OG  . SER A 1 37  ? -5.956  -10.337 0.278   1.00 44.64  ? 364 SER A OG  1 
ATOM   168 N  N   . LEU A 1 38  ? -2.632  -7.431  0.568   1.00 33.41  ? 365 LEU A N   1 
ATOM   169 C  CA  . LEU A 1 38  ? -1.837  -6.281  1.026   1.00 33.35  ? 365 LEU A CA  1 
ATOM   170 C  C   . LEU A 1 38  ? -1.219  -5.523  -0.152  1.00 38.20  ? 365 LEU A C   1 
ATOM   171 O  O   . LEU A 1 38  ? -1.292  -4.295  -0.188  1.00 38.25  ? 365 LEU A O   1 
ATOM   172 C  CB  . LEU A 1 38  ? -0.755  -6.725  2.046   1.00 31.93  ? 365 LEU A CB  1 
ATOM   173 C  CG  . LEU A 1 38  ? -1.242  -7.286  3.395   1.00 34.18  ? 365 LEU A CG  1 
ATOM   174 C  CD1 . LEU A 1 38  ? -0.085  -7.950  4.180   1.00 33.59  ? 365 LEU A CD1 1 
ATOM   175 C  CD2 . LEU A 1 38  ? -1.974  -6.206  4.252   1.00 32.73  ? 365 LEU A CD2 1 
ATOM   176 N  N   . VAL A 1 39  ? -0.647  -6.268  -1.111  1.00 36.23  ? 366 VAL A N   1 
ATOM   177 C  CA  . VAL A 1 39  ? -0.044  -5.775  -2.362  1.00 37.28  ? 366 VAL A CA  1 
ATOM   178 C  C   . VAL A 1 39  ? -1.134  -5.026  -3.171  1.00 38.34  ? 366 VAL A C   1 
ATOM   179 O  O   . VAL A 1 39  ? -0.916  -3.892  -3.625  1.00 35.97  ? 366 VAL A O   1 
ATOM   180 C  CB  . VAL A 1 39  ? 0.559   -6.959  -3.209  1.00 41.04  ? 366 VAL A CB  1 
ATOM   181 C  CG1 . VAL A 1 39  ? 0.822   -6.548  -4.663  1.00 41.28  ? 366 VAL A CG1 1 
ATOM   182 C  CG2 . VAL A 1 39  ? 1.833   -7.469  -2.591  1.00 40.63  ? 366 VAL A CG2 1 
ATOM   183 N  N   . THR A 1 40  ? -2.285  -5.695  -3.347  1.00 34.90  ? 367 THR A N   1 
ATOM   184 C  CA  . THR A 1 40  ? -3.448  -5.183  -4.084  1.00 35.10  ? 367 THR A CA  1 
ATOM   185 C  C   . THR A 1 40  ? -4.038  -3.925  -3.413  1.00 36.57  ? 367 THR A C   1 
ATOM   186 O  O   . THR A 1 40  ? -4.422  -2.995  -4.117  1.00 34.62  ? 367 THR A O   1 
ATOM   187 C  CB  . THR A 1 40  ? -4.470  -6.307  -4.305  1.00 41.45  ? 367 THR A CB  1 
ATOM   188 O  OG1 . THR A 1 40  ? -3.790  -7.424  -4.889  1.00 43.63  ? 367 THR A OG1 1 
ATOM   189 C  CG2 . THR A 1 40  ? -5.658  -5.876  -5.186  1.00 37.90  ? 367 THR A CG2 1 
ATOM   190 N  N   . LEU A 1 41  ? -4.092  -3.889  -2.071  1.00 32.88  ? 368 LEU A N   1 
ATOM   191 C  CA  . LEU A 1 41  ? -4.594  -2.689  -1.388  1.00 32.79  ? 368 LEU A CA  1 
ATOM   192 C  C   . LEU A 1 41  ? -3.639  -1.522  -1.594  1.00 37.02  ? 368 LEU A C   1 
ATOM   193 O  O   . LEU A 1 41  ? -4.094  -0.423  -1.870  1.00 37.54  ? 368 LEU A O   1 
ATOM   194 C  CB  . LEU A 1 41  ? -4.857  -2.929  0.101   1.00 32.20  ? 368 LEU A CB  1 
ATOM   195 C  CG  . LEU A 1 41  ? -6.047  -3.835  0.406   1.00 34.32  ? 368 LEU A CG  1 
ATOM   196 C  CD1 . LEU A 1 41  ? -5.953  -4.392  1.815   1.00 32.88  ? 368 LEU A CD1 1 
ATOM   197 C  CD2 . LEU A 1 41  ? -7.391  -3.124  0.154   1.00 32.37  ? 368 LEU A CD2 1 
ATOM   198 N  N   . GLN A 1 42  ? -2.318  -1.787  -1.548  1.00 33.88  ? 369 GLN A N   1 
ATOM   199 C  CA  . GLN A 1 42  ? -1.281  -0.770  -1.764  1.00 33.17  ? 369 GLN A CA  1 
ATOM   200 C  C   . GLN A 1 42  ? -1.286  -0.283  -3.222  1.00 36.16  ? 369 GLN A C   1 
ATOM   201 O  O   . GLN A 1 42  ? -1.215  0.924   -3.442  1.00 37.88  ? 369 GLN A O   1 
ATOM   202 C  CB  . GLN A 1 42  ? 0.115   -1.296  -1.348  1.00 33.32  ? 369 GLN A CB  1 
ATOM   203 C  CG  . GLN A 1 42  ? 1.213   -0.230  -1.376  1.00 33.16  ? 369 GLN A CG  1 
ATOM   204 C  CD  . GLN A 1 42  ? 0.948   0.890   -0.397  1.00 37.35  ? 369 GLN A CD  1 
ATOM   205 O  OE1 . GLN A 1 42  ? 0.878   0.678   0.796   1.00 36.66  ? 369 GLN A OE1 1 
ATOM   206 N  NE2 . GLN A 1 42  ? 0.816   2.120   -0.878  1.00 32.23  ? 369 GLN A NE2 1 
ATOM   207 N  N   . ASP A 1 43  ? -1.419  -1.217  -4.190  1.00 32.61  ? 370 ASP A N   1 
ATOM   208 C  CA  . ASP A 1 43  ? -1.528  -0.941  -5.624  1.00 33.60  ? 370 ASP A CA  1 
ATOM   209 C  C   . ASP A 1 43  ? -2.693  0.007   -5.905  1.00 37.91  ? 370 ASP A C   1 
ATOM   210 O  O   . ASP A 1 43  ? -2.501  0.978   -6.629  1.00 36.98  ? 370 ASP A O   1 
ATOM   211 C  CB  . ASP A 1 43  ? -1.685  -2.240  -6.454  1.00 34.89  ? 370 ASP A CB  1 
ATOM   212 C  CG  . ASP A 1 43  ? -0.397  -3.006  -6.685  1.00 44.00  ? 370 ASP A CG  1 
ATOM   213 O  OD1 . ASP A 1 43  ? 0.691   -2.439  -6.412  1.00 43.01  ? 370 ASP A OD1 1 
ATOM   214 O  OD2 . ASP A 1 43  ? -0.475  -4.189  -7.110  1.00 50.42  ? 370 ASP A OD2 1 
ATOM   215 N  N   . GLN A 1 44  ? -3.878  -0.250  -5.291  1.00 35.74  ? 371 GLN A N   1 
ATOM   216 C  CA  . GLN A 1 44  ? -5.040  0.625   -5.453  1.00 35.25  ? 371 GLN A CA  1 
ATOM   217 C  C   . GLN A 1 44  ? -4.804  1.989   -4.823  1.00 37.81  ? 371 GLN A C   1 
ATOM   218 O  O   . GLN A 1 44  ? -5.155  2.973   -5.445  1.00 36.07  ? 371 GLN A O   1 
ATOM   219 C  CB  . GLN A 1 44  ? -6.326  -0.013  -4.951  1.00 36.16  ? 371 GLN A CB  1 
ATOM   220 C  CG  . GLN A 1 44  ? -6.734  -1.246  -5.766  1.00 37.48  ? 371 GLN A CG  1 
ATOM   221 C  CD  . GLN A 1 44  ? -7.828  -2.002  -5.049  1.00 41.83  ? 371 GLN A CD  1 
ATOM   222 O  OE1 . GLN A 1 44  ? -9.000  -1.854  -5.382  1.00 35.24  ? 371 GLN A OE1 1 
ATOM   223 N  NE2 . GLN A 1 44  ? -7.476  -2.773  -4.009  1.00 30.52  ? 371 GLN A NE2 1 
ATOM   224 N  N   . LEU A 1 45  ? -4.168  2.046   -3.621  1.00 35.81  ? 372 LEU A N   1 
ATOM   225 C  CA  . LEU A 1 45  ? -3.804  3.309   -2.979  1.00 37.12  ? 372 LEU A CA  1 
ATOM   226 C  C   . LEU A 1 45  ? -2.844  4.105   -3.888  1.00 38.84  ? 372 LEU A C   1 
ATOM   227 O  O   . LEU A 1 45  ? -3.025  5.301   -4.031  1.00 37.59  ? 372 LEU A O   1 
ATOM   228 C  CB  . LEU A 1 45  ? -3.145  3.099   -1.600  1.00 37.91  ? 372 LEU A CB  1 
ATOM   229 C  CG  . LEU A 1 45  ? -4.038  3.042   -0.365  1.00 43.48  ? 372 LEU A CG  1 
ATOM   230 C  CD1 . LEU A 1 45  ? -3.214  2.609   0.847   1.00 43.87  ? 372 LEU A CD1 1 
ATOM   231 C  CD2 . LEU A 1 45  ? -4.710  4.412   -0.070  1.00 44.20  ? 372 LEU A CD2 1 
ATOM   232 N  N   . ASN A 1 46  ? -1.858  3.436   -4.521  1.00 36.76  ? 373 ASN A N   1 
ATOM   233 C  CA  . ASN A 1 46  ? -0.910  4.100   -5.431  1.00 37.82  ? 373 ASN A CA  1 
ATOM   234 C  C   . ASN A 1 46  ? -1.624  4.675   -6.634  1.00 42.03  ? 373 ASN A C   1 
ATOM   235 O  O   . ASN A 1 46  ? -1.351  5.816   -7.039  1.00 41.55  ? 373 ASN A O   1 
ATOM   236 C  CB  . ASN A 1 46  ? 0.199   3.146   -5.896  1.00 37.51  ? 373 ASN A CB  1 
ATOM   237 C  CG  . ASN A 1 46  ? 1.165   2.748   -4.815  1.00 43.47  ? 373 ASN A CG  1 
ATOM   238 O  OD1 . ASN A 1 46  ? 1.132   3.264   -3.695  1.00 39.42  ? 373 ASN A OD1 1 
ATOM   239 N  ND2 . ASN A 1 46  ? 1.980   1.745   -5.107  1.00 36.46  ? 373 ASN A ND2 1 
ATOM   240 N  N   . SER A 1 47  ? -2.549  3.871   -7.191  1.00 36.73  ? 374 SER A N   1 
ATOM   241 C  CA  . SER A 1 47  ? -3.371  4.235   -8.323  1.00 36.35  ? 374 SER A CA  1 
ATOM   242 C  C   . SER A 1 47  ? -4.292  5.440   -7.977  1.00 40.02  ? 374 SER A C   1 
ATOM   243 O  O   . SER A 1 47  ? -4.342  6.403   -8.738  1.00 38.84  ? 374 SER A O   1 
ATOM   244 C  CB  . SER A 1 47  ? -4.193  3.035   -8.776  1.00 37.23  ? 374 SER A CB  1 
ATOM   245 O  OG  . SER A 1 47  ? -4.892  3.331   -9.970  1.00 43.49  ? 374 SER A OG  1 
ATOM   246 N  N   . LEU A 1 48  ? -5.004  5.377   -6.838  1.00 36.38  ? 375 LEU A N   1 
ATOM   247 C  CA  . LEU A 1 48  ? -5.916  6.439   -6.415  1.00 35.84  ? 375 LEU A CA  1 
ATOM   248 C  C   . LEU A 1 48  ? -5.190  7.775   -6.110  1.00 39.50  ? 375 LEU A C   1 
ATOM   249 O  O   . LEU A 1 48  ? -5.650  8.828   -6.563  1.00 39.35  ? 375 LEU A O   1 
ATOM   250 C  CB  . LEU A 1 48  ? -6.816  5.988   -5.237  1.00 34.89  ? 375 LEU A CB  1 
ATOM   251 C  CG  . LEU A 1 48  ? -8.077  6.869   -4.968  1.00 37.94  ? 375 LEU A CG  1 
ATOM   252 C  CD1 . LEU A 1 48  ? -9.025  6.912   -6.187  1.00 37.39  ? 375 LEU A CD1 1 
ATOM   253 C  CD2 . LEU A 1 48  ? -8.829  6.405   -3.707  1.00 37.56  ? 375 LEU A CD2 1 
ATOM   254 N  N   . ALA A 1 49  ? -4.048  7.709   -5.393  1.00 35.32  ? 376 ALA A N   1 
ATOM   255 C  CA  . ALA A 1 49  ? -3.211  8.853   -5.016  1.00 34.79  ? 376 ALA A CA  1 
ATOM   256 C  C   . ALA A 1 49  ? -2.715  9.645   -6.224  1.00 38.41  ? 376 ALA A C   1 
ATOM   257 O  O   . ALA A 1 49  ? -2.683  10.865  -6.156  1.00 37.03  ? 376 ALA A O   1 
ATOM   258 C  CB  . ALA A 1 49  ? -2.026  8.389   -4.162  1.00 35.62  ? 376 ALA A CB  1 
ATOM   259 N  N   . ALA A 1 50  ? -2.358  8.967   -7.334  1.00 38.20  ? 377 ALA A N   1 
ATOM   260 C  CA  . ALA A 1 50  ? -1.924  9.649   -8.559  1.00 38.55  ? 377 ALA A CA  1 
ATOM   261 C  C   . ALA A 1 50  ? -3.101  10.499  -9.139  1.00 42.01  ? 377 ALA A C   1 
ATOM   262 O  O   . ALA A 1 50  ? -2.886  11.644  -9.545  1.00 40.85  ? 377 ALA A O   1 
ATOM   263 C  CB  . ALA A 1 50  ? -1.422  8.639   -9.588  1.00 38.63  ? 377 ALA A CB  1 
ATOM   264 N  N   . VAL A 1 51  ? -4.340  9.966   -9.085  1.00 38.19  ? 378 VAL A N   1 
ATOM   265 C  CA  . VAL A 1 51  ? -5.547  10.690  -9.534  1.00 37.25  ? 378 VAL A CA  1 
ATOM   266 C  C   . VAL A 1 51  ? -5.825  11.901  -8.611  1.00 40.67  ? 378 VAL A C   1 
ATOM   267 O  O   . VAL A 1 51  ? -6.110  12.985  -9.105  1.00 40.45  ? 378 VAL A O   1 
ATOM   268 C  CB  . VAL A 1 51  ? -6.788  9.767   -9.682  1.00 40.19  ? 378 VAL A CB  1 
ATOM   269 C  CG1 . VAL A 1 51  ? -8.037  10.566  -10.068 1.00 39.89  ? 378 VAL A CG1 1 
ATOM   270 C  CG2 . VAL A 1 51  ? -6.533  8.651   -10.697 1.00 39.44  ? 378 VAL A CG2 1 
ATOM   271 N  N   . VAL A 1 52  ? -5.690  11.712  -7.284  1.00 38.17  ? 379 VAL A N   1 
ATOM   272 C  CA  . VAL A 1 52  ? -5.922  12.737  -6.258  1.00 37.68  ? 379 VAL A CA  1 
ATOM   273 C  C   . VAL A 1 52  ? -4.899  13.873  -6.370  1.00 42.98  ? 379 VAL A C   1 
ATOM   274 O  O   . VAL A 1 52  ? -5.267  15.047  -6.237  1.00 42.60  ? 379 VAL A O   1 
ATOM   275 C  CB  . VAL A 1 52  ? -5.945  12.134  -4.823  1.00 39.82  ? 379 VAL A CB  1 
ATOM   276 C  CG1 . VAL A 1 52  ? -6.212  13.203  -3.756  1.00 39.22  ? 379 VAL A CG1 1 
ATOM   277 C  CG2 . VAL A 1 52  ? -6.953  11.012  -4.710  1.00 38.58  ? 379 VAL A CG2 1 
ATOM   278 N  N   . LEU A 1 53  ? -3.622  13.520  -6.598  1.00 39.88  ? 380 LEU A N   1 
ATOM   279 C  CA  . LEU A 1 53  ? -2.556  14.508  -6.690  1.00 40.16  ? 380 LEU A CA  1 
ATOM   280 C  C   . LEU A 1 53  ? -2.657  15.321  -7.979  1.00 42.39  ? 380 LEU A C   1 
ATOM   281 O  O   . LEU A 1 53  ? -2.391  16.525  -7.966  1.00 41.37  ? 380 LEU A O   1 
ATOM   282 C  CB  . LEU A 1 53  ? -1.164  13.873  -6.478  1.00 40.79  ? 380 LEU A CB  1 
ATOM   283 C  CG  . LEU A 1 53  ? -0.877  13.360  -5.055  1.00 46.60  ? 380 LEU A CG  1 
ATOM   284 C  CD1 . LEU A 1 53  ? 0.456   12.626  -4.987  1.00 47.04  ? 380 LEU A CD1 1 
ATOM   285 C  CD2 . LEU A 1 53  ? -0.971  14.473  -4.012  1.00 49.19  ? 380 LEU A CD2 1 
ATOM   286 N  N   . GLN A 1 54  ? -3.151  14.688  -9.054  1.00 38.27  ? 381 GLN A N   1 
ATOM   287 C  CA  . GLN A 1 54  ? -3.406  15.357  -10.326 1.00 38.44  ? 381 GLN A CA  1 
ATOM   288 C  C   . GLN A 1 54  ? -4.612  16.335  -10.131 1.00 45.57  ? 381 GLN A C   1 
ATOM   289 O  O   . GLN A 1 54  ? -4.567  17.472  -10.617 1.00 46.15  ? 381 GLN A O   1 
ATOM   290 C  CB  . GLN A 1 54  ? -3.655  14.319  -11.439 1.00 38.74  ? 381 GLN A CB  1 
ATOM   291 C  CG  . GLN A 1 54  ? -3.824  14.923  -12.830 1.00 43.21  ? 381 GLN A CG  1 
ATOM   292 C  CD  . GLN A 1 54  ? -3.625  13.922  -13.931 1.00 48.80  ? 381 GLN A CD  1 
ATOM   293 O  OE1 . GLN A 1 54  ? -4.427  13.007  -14.130 1.00 42.74  ? 381 GLN A OE1 1 
ATOM   294 N  NE2 . GLN A 1 54  ? -2.550  14.087  -14.685 1.00 47.28  ? 381 GLN A NE2 1 
ATOM   295 N  N   . ASN A 1 55  ? -5.643  15.899  -9.369  1.00 41.28  ? 382 ASN A N   1 
ATOM   296 C  CA  . ASN A 1 55  ? -6.817  16.703  -9.028  1.00 41.29  ? 382 ASN A CA  1 
ATOM   297 C  C   . ASN A 1 55  ? -6.435  17.962  -8.243  1.00 44.79  ? 382 ASN A C   1 
ATOM   298 O  O   . ASN A 1 55  ? -6.969  19.038  -8.516  1.00 44.66  ? 382 ASN A O   1 
ATOM   299 C  CB  . ASN A 1 55  ? -7.862  15.864  -8.254  1.00 40.64  ? 382 ASN A CB  1 
ATOM   300 C  CG  . ASN A 1 55  ? -8.728  14.979  -9.129  1.00 48.91  ? 382 ASN A CG  1 
ATOM   301 O  OD1 . ASN A 1 55  ? -8.657  14.992  -10.359 1.00 46.83  ? 382 ASN A OD1 1 
ATOM   302 N  ND2 . ASN A 1 55  ? -9.599  14.213  -8.516  1.00 40.06  ? 382 ASN A ND2 1 
ATOM   303 N  N   . ARG A 1 56  ? -5.486  17.826  -7.305  1.00 41.14  ? 383 ARG A N   1 
ATOM   304 C  CA  . ARG A 1 56  ? -4.939  18.908  -6.490  1.00 40.55  ? 383 ARG A CA  1 
ATOM   305 C  C   . ARG A 1 56  ? -4.156  19.908  -7.375  1.00 44.00  ? 383 ARG A C   1 
ATOM   306 O  O   . ARG A 1 56  ? -4.299  21.122  -7.208  1.00 42.98  ? 383 ARG A O   1 
ATOM   307 C  CB  . ARG A 1 56  ? -4.046  18.330  -5.360  1.00 38.64  ? 383 ARG A CB  1 
ATOM   308 C  CG  . ARG A 1 56  ? -3.245  19.376  -4.526  1.00 41.30  ? 383 ARG A CG  1 
ATOM   309 C  CD  . ARG A 1 56  ? -4.093  20.494  -3.930  1.00 43.36  ? 383 ARG A CD  1 
ATOM   310 N  NE  . ARG A 1 56  ? -5.148  19.973  -3.068  1.00 45.49  ? 383 ARG A NE  1 
ATOM   311 C  CZ  . ARG A 1 56  ? -5.094  19.968  -1.744  1.00 56.18  ? 383 ARG A CZ  1 
ATOM   312 N  NH1 . ARG A 1 56  ? -4.054  20.499  -1.113  1.00 47.54  ? 383 ARG A NH1 1 
ATOM   313 N  NH2 . ARG A 1 56  ? -6.089  19.452  -1.039  1.00 40.08  ? 383 ARG A NH2 1 
ATOM   314 N  N   . ARG A 1 57  ? -3.328  19.392  -8.294  1.00 41.46  ? 384 ARG A N   1 
ATOM   315 C  CA  . ARG A 1 57  ? -2.565  20.214  -9.240  1.00 41.93  ? 384 ARG A CA  1 
ATOM   316 C  C   . ARG A 1 57  ? -3.522  21.041  -10.111 1.00 46.96  ? 384 ARG A C   1 
ATOM   317 O  O   . ARG A 1 57  ? -3.279  22.234  -10.300 1.00 46.13  ? 384 ARG A O   1 
ATOM   318 C  CB  . ARG A 1 57  ? -1.608  19.360  -10.087 1.00 41.44  ? 384 ARG A CB  1 
ATOM   319 C  CG  . ARG A 1 57  ? -0.407  18.875  -9.279  1.00 47.14  ? 384 ARG A CG  1 
ATOM   320 C  CD  . ARG A 1 57  ? 0.719   18.293  -10.120 1.00 44.82  ? 384 ARG A CD  1 
ATOM   321 N  NE  . ARG A 1 57  ? 0.289   17.204  -11.003 1.00 44.92  ? 384 ARG A NE  1 
ATOM   322 C  CZ  . ARG A 1 57  ? 0.264   15.915  -10.678 1.00 51.76  ? 384 ARG A CZ  1 
ATOM   323 N  NH1 . ARG A 1 57  ? 0.601   15.523  -9.455  1.00 47.82  ? 384 ARG A NH1 1 
ATOM   324 N  NH2 . ARG A 1 57  ? -0.115  15.013  -11.566 1.00 39.95  ? 384 ARG A NH2 1 
ATOM   325 N  N   . ALA A 1 58  ? -4.642  20.424  -10.576 1.00 44.15  ? 385 ALA A N   1 
ATOM   326 C  CA  . ALA A 1 58  ? -5.669  21.117  -11.365 1.00 44.50  ? 385 ALA A CA  1 
ATOM   327 C  C   . ALA A 1 58  ? -6.345  22.222  -10.539 1.00 49.35  ? 385 ALA A C   1 
ATOM   328 O  O   . ALA A 1 58  ? -6.541  23.322  -11.049 1.00 48.61  ? 385 ALA A O   1 
ATOM   329 C  CB  . ALA A 1 58  ? -6.706  20.133  -11.885 1.00 44.99  ? 385 ALA A CB  1 
ATOM   330 N  N   . LEU A 1 59  ? -6.673  21.933  -9.262  1.00 46.30  ? 386 LEU A N   1 
ATOM   331 C  CA  . LEU A 1 59  ? -7.297  22.892  -8.348  1.00 45.72  ? 386 LEU A CA  1 
ATOM   332 C  C   . LEU A 1 59  ? -6.371  24.062  -8.008  1.00 50.20  ? 386 LEU A C   1 
ATOM   333 O  O   . LEU A 1 59  ? -6.851  25.186  -7.881  1.00 49.26  ? 386 LEU A O   1 
ATOM   334 C  CB  . LEU A 1 59  ? -7.819  22.209  -7.073  1.00 45.22  ? 386 LEU A CB  1 
ATOM   335 C  CG  . LEU A 1 59  ? -9.120  21.436  -7.236  1.00 49.32  ? 386 LEU A CG  1 
ATOM   336 C  CD1 . LEU A 1 59  ? -9.340  20.481  -6.075  1.00 48.82  ? 386 LEU A CD1 1 
ATOM   337 C  CD2 . LEU A 1 59  ? -10.310 22.371  -7.391  1.00 49.80  ? 386 LEU A CD2 1 
ATOM   338 N  N   . ASP A 1 60  ? -5.051  23.795  -7.890  1.00 46.79  ? 387 ASP A N   1 
ATOM   339 C  CA  . ASP A 1 60  ? -4.017  24.795  -7.630  1.00 46.91  ? 387 ASP A CA  1 
ATOM   340 C  C   . ASP A 1 60  ? -3.892  25.776  -8.810  1.00 51.56  ? 387 ASP A C   1 
ATOM   341 O  O   . ASP A 1 60  ? -3.734  26.970  -8.587  1.00 51.79  ? 387 ASP A O   1 
ATOM   342 C  CB  . ASP A 1 60  ? -2.662  24.126  -7.328  1.00 47.87  ? 387 ASP A CB  1 
ATOM   343 C  CG  . ASP A 1 60  ? -2.494  23.620  -5.906  1.00 55.24  ? 387 ASP A CG  1 
ATOM   344 O  OD1 . ASP A 1 60  ? -3.346  23.941  -5.052  1.00 55.81  ? 387 ASP A OD1 1 
ATOM   345 O  OD2 . ASP A 1 60  ? -1.494  22.925  -5.641  1.00 64.53  ? 387 ASP A OD2 1 
ATOM   346 N  N   . LEU A 1 61  ? -3.993  25.272  -10.048 1.00 48.47  ? 388 LEU A N   1 
ATOM   347 C  CA  . LEU A 1 61  ? -3.959  26.089  -11.255 1.00 48.97  ? 388 LEU A CA  1 
ATOM   348 C  C   . LEU A 1 61  ? -5.267  26.914  -11.393 1.00 55.17  ? 388 LEU A C   1 
ATOM   349 O  O   . LEU A 1 61  ? -5.194  28.119  -11.671 1.00 55.54  ? 388 LEU A O   1 
ATOM   350 C  CB  . LEU A 1 61  ? -3.689  25.215  -12.497 1.00 48.68  ? 388 LEU A CB  1 
ATOM   351 C  CG  . LEU A 1 61  ? -3.298  25.919  -13.810 1.00 53.03  ? 388 LEU A CG  1 
ATOM   352 C  CD1 . LEU A 1 61  ? -2.022  26.776  -13.646 1.00 53.49  ? 388 LEU A CD1 1 
ATOM   353 C  CD2 . LEU A 1 61  ? -3.085  24.901  -14.921 1.00 52.37  ? 388 LEU A CD2 1 
ATOM   354 N  N   . LEU A 1 62  ? -6.446  26.288  -11.144 1.00 50.91  ? 389 LEU A N   1 
ATOM   355 C  CA  . LEU A 1 62  ? -7.751  26.966  -11.193 1.00 50.72  ? 389 LEU A CA  1 
ATOM   356 C  C   . LEU A 1 62  ? -7.910  28.081  -10.139 1.00 54.36  ? 389 LEU A C   1 
ATOM   357 O  O   . LEU A 1 62  ? -8.731  28.976  -10.323 1.00 53.84  ? 389 LEU A O   1 
ATOM   358 C  CB  . LEU A 1 62  ? -8.905  25.960  -11.048 1.00 50.77  ? 389 LEU A CB  1 
ATOM   359 C  CG  . LEU A 1 62  ? -9.371  25.249  -12.316 1.00 56.12  ? 389 LEU A CG  1 
ATOM   360 C  CD1 . LEU A 1 62  ? -10.124 23.977  -11.976 1.00 56.65  ? 389 LEU A CD1 1 
ATOM   361 C  CD2 . LEU A 1 62  ? -10.230 26.157  -13.197 1.00 57.16  ? 389 LEU A CD2 1 
ATOM   362 N  N   . THR A 1 63  ? -7.160  28.000  -9.023  1.00 51.13  ? 390 THR A N   1 
ATOM   363 C  CA  . THR A 1 63  ? -7.226  28.966  -7.922  1.00 50.85  ? 390 THR A CA  1 
ATOM   364 C  C   . THR A 1 63  ? -5.880  29.702  -7.716  1.00 55.15  ? 390 THR A C   1 
ATOM   365 O  O   . THR A 1 63  ? -5.622  30.205  -6.621  1.00 53.93  ? 390 THR A O   1 
ATOM   366 C  CB  . THR A 1 63  ? -7.752  28.285  -6.626  1.00 53.45  ? 390 THR A CB  1 
ATOM   367 O  OG1 . THR A 1 63  ? -6.819  27.296  -6.196  1.00 49.05  ? 390 THR A OG1 1 
ATOM   368 C  CG2 . THR A 1 63  ? -9.135  27.669  -6.789  1.00 49.24  ? 390 THR A CG2 1 
ATOM   369 N  N   . ALA A 1 64  ? -5.033  29.752  -8.770  1.00 53.89  ? 391 ALA A N   1 
ATOM   370 C  CA  . ALA A 1 64  ? -3.711  30.399  -8.774  1.00 54.77  ? 391 ALA A CA  1 
ATOM   371 C  C   . ALA A 1 64  ? -3.744  31.868  -8.294  1.00 61.27  ? 391 ALA A C   1 
ATOM   372 O  O   . ALA A 1 64  ? -2.931  32.241  -7.444  1.00 61.08  ? 391 ALA A O   1 
ATOM   373 C  CB  . ALA A 1 64  ? -3.074  30.295  -10.153 1.00 55.45  ? 391 ALA A CB  1 
ATOM   374 N  N   . GLU A 1 65  ? -4.725  32.667  -8.783  1.00 59.82  ? 392 GLU A N   1 
ATOM   375 C  CA  . GLU A 1 65  ? -4.928  34.085  -8.414  1.00 60.24  ? 392 GLU A CA  1 
ATOM   376 C  C   . GLU A 1 65  ? -5.341  34.243  -6.941  1.00 62.10  ? 392 GLU A C   1 
ATOM   377 O  O   . GLU A 1 65  ? -5.184  35.327  -6.363  1.00 61.87  ? 392 GLU A O   1 
ATOM   378 C  CB  . GLU A 1 65  ? -6.009  34.721  -9.307  1.00 62.03  ? 392 GLU A CB  1 
ATOM   379 C  CG  . GLU A 1 65  ? -5.452  35.548  -10.449 1.00 77.34  ? 392 GLU A CG  1 
ATOM   380 C  CD  . GLU A 1 65  ? -5.015  34.742  -11.652 1.00 106.18 ? 392 GLU A CD  1 
ATOM   381 O  OE1 . GLU A 1 65  ? -3.845  34.294  -11.676 1.00 108.51 ? 392 GLU A OE1 1 
ATOM   382 O  OE2 . GLU A 1 65  ? -5.845  34.557  -12.572 1.00 100.78 ? 392 GLU A OE2 1 
ATOM   383 N  N   . ARG A 1 66  ? -5.891  33.161  -6.356  1.00 55.38  ? 393 ARG A N   1 
ATOM   384 C  CA  . ARG A 1 66  ? -6.358  33.090  -4.978  1.00 54.12  ? 393 ARG A CA  1 
ATOM   385 C  C   . ARG A 1 66  ? -5.318  32.435  -4.052  1.00 56.10  ? 393 ARG A C   1 
ATOM   386 O  O   . ARG A 1 66  ? -5.597  32.186  -2.873  1.00 54.71  ? 393 ARG A O   1 
ATOM   387 C  CB  . ARG A 1 66  ? -7.707  32.358  -4.929  1.00 54.78  ? 393 ARG A CB  1 
ATOM   388 C  CG  . ARG A 1 66  ? -8.861  33.154  -5.540  1.00 57.28  ? 393 ARG A CG  1 
ATOM   389 C  CD  . ARG A 1 66  ? -9.501  34.107  -4.550  1.00 64.96  ? 393 ARG A CD  1 
ATOM   390 N  NE  . ARG A 1 66  ? -10.042 33.415  -3.376  1.00 67.97  ? 393 ARG A NE  1 
ATOM   391 C  CZ  . ARG A 1 66  ? -11.326 33.119  -3.201  1.00 76.64  ? 393 ARG A CZ  1 
ATOM   392 N  NH1 . ARG A 1 66  ? -12.223 33.439  -4.130  1.00 62.83  ? 393 ARG A NH1 1 
ATOM   393 N  NH2 . ARG A 1 66  ? -11.728 32.512  -2.091  1.00 61.04  ? 393 ARG A NH2 1 
ATOM   394 N  N   . GLY A 1 67  ? -4.118  32.220  -4.591  1.00 52.55  ? 394 GLY A N   1 
ATOM   395 C  CA  . GLY A 1 67  ? -2.982  31.629  -3.891  1.00 52.21  ? 394 GLY A CA  1 
ATOM   396 C  C   . GLY A 1 67  ? -2.952  30.111  -3.823  1.00 54.78  ? 394 GLY A C   1 
ATOM   397 O  O   . GLY A 1 67  ? -2.204  29.551  -3.014  1.00 54.22  ? 394 GLY A O   1 
ATOM   398 N  N   . GLY A 1 68  ? -3.734  29.446  -4.681  1.00 50.46  ? 395 GLY A N   1 
ATOM   399 C  CA  . GLY A 1 68  ? -3.829  27.986  -4.695  1.00 49.85  ? 395 GLY A CA  1 
ATOM   400 C  C   . GLY A 1 68  ? -4.946  27.478  -3.796  1.00 51.99  ? 395 GLY A C   1 
ATOM   401 O  O   . GLY A 1 68  ? -5.565  28.271  -3.076  1.00 50.35  ? 395 GLY A O   1 
ATOM   402 N  N   . THR A 1 69  ? -5.220  26.145  -3.851  1.00 48.33  ? 396 THR A N   1 
ATOM   403 C  CA  . THR A 1 69  ? -6.308  25.432  -3.144  1.00 47.92  ? 396 THR A CA  1 
ATOM   404 C  C   . THR A 1 69  ? -6.510  25.821  -1.681  1.00 52.19  ? 396 THR A C   1 
ATOM   405 O  O   . THR A 1 69  ? -7.640  26.105  -1.282  1.00 50.35  ? 396 THR A O   1 
ATOM   406 C  CB  . THR A 1 69  ? -6.134  23.880  -3.246  1.00 46.62  ? 396 THR A CB  1 
ATOM   407 O  OG1 . THR A 1 69  ? -5.994  23.522  -4.608  1.00 44.12  ? 396 THR A OG1 1 
ATOM   408 C  CG2 . THR A 1 69  ? -7.321  23.087  -2.647  1.00 41.46  ? 396 THR A CG2 1 
ATOM   409 N  N   . CYS A 1 70  ? -5.437  25.741  -0.884  1.00 52.58  ? 397 CYS A N   1 
ATOM   410 C  CA  . CYS A 1 70  ? -5.460  25.966  0.557   1.00 54.67  ? 397 CYS A CA  1 
ATOM   411 C  C   . CYS A 1 70  ? -5.756  27.420  0.940   1.00 55.43  ? 397 CYS A C   1 
ATOM   412 O  O   . CYS A 1 70  ? -6.639  27.643  1.769   1.00 52.72  ? 397 CYS A O   1 
ATOM   413 C  CB  . CYS A 1 70  ? -4.180  25.448  1.204   1.00 56.98  ? 397 CYS A CB  1 
ATOM   414 S  SG  . CYS A 1 70  ? -3.792  23.724  0.783   1.00 62.34  ? 397 CYS A SG  1 
ATOM   415 N  N   . LEU A 1 71  ? -5.053  28.399  0.316   1.00 52.70  ? 398 LEU A N   1 
ATOM   416 C  CA  . LEU A 1 71  ? -5.301  29.822  0.558   1.00 53.10  ? 398 LEU A CA  1 
ATOM   417 C  C   . LEU A 1 71  ? -6.712  30.205  0.087   1.00 55.95  ? 398 LEU A C   1 
ATOM   418 O  O   . LEU A 1 71  ? -7.391  30.972  0.766   1.00 55.97  ? 398 LEU A O   1 
ATOM   419 C  CB  . LEU A 1 71  ? -4.243  30.712  -0.117  1.00 53.49  ? 398 LEU A CB  1 
ATOM   420 C  CG  . LEU A 1 71  ? -2.885  30.840  0.570   1.00 58.08  ? 398 LEU A CG  1 
ATOM   421 C  CD1 . LEU A 1 71  ? -1.953  31.701  -0.259  1.00 58.28  ? 398 LEU A CD1 1 
ATOM   422 C  CD2 . LEU A 1 71  ? -3.015  31.429  1.956   1.00 59.60  ? 398 LEU A CD2 1 
ATOM   423 N  N   . PHE A 1 72  ? -7.165  29.618  -1.043  1.00 51.12  ? 399 PHE A N   1 
ATOM   424 C  CA  . PHE A 1 72  ? -8.506  29.812  -1.595  1.00 50.49  ? 399 PHE A CA  1 
ATOM   425 C  C   . PHE A 1 72  ? -9.585  29.398  -0.565  1.00 54.10  ? 399 PHE A C   1 
ATOM   426 O  O   . PHE A 1 72  ? -10.565 30.131  -0.378  1.00 53.55  ? 399 PHE A O   1 
ATOM   427 C  CB  . PHE A 1 72  ? -8.641  29.034  -2.923  1.00 52.06  ? 399 PHE A CB  1 
ATOM   428 C  CG  . PHE A 1 72  ? -10.032 28.850  -3.483  1.00 53.42  ? 399 PHE A CG  1 
ATOM   429 C  CD1 . PHE A 1 72  ? -10.668 29.883  -4.165  1.00 56.48  ? 399 PHE A CD1 1 
ATOM   430 C  CD2 . PHE A 1 72  ? -10.683 27.625  -3.380  1.00 54.82  ? 399 PHE A CD2 1 
ATOM   431 C  CE1 . PHE A 1 72  ? -11.941 29.706  -4.706  1.00 56.95  ? 399 PHE A CE1 1 
ATOM   432 C  CE2 . PHE A 1 72  ? -11.950 27.443  -3.936  1.00 57.77  ? 399 PHE A CE2 1 
ATOM   433 C  CZ  . PHE A 1 72  ? -12.570 28.485  -4.597  1.00 56.13  ? 399 PHE A CZ  1 
ATOM   434 N  N   . LEU A 1 73  ? -9.382  28.249  0.123   1.00 49.11  ? 400 LEU A N   1 
ATOM   435 C  CA  . LEU A 1 73  ? -10.306 27.765  1.154   1.00 48.51  ? 400 LEU A CA  1 
ATOM   436 C  C   . LEU A 1 73  ? -10.085 28.456  2.490   1.00 53.75  ? 400 LEU A C   1 
ATOM   437 O  O   . LEU A 1 73  ? -10.974 28.436  3.342   1.00 53.87  ? 400 LEU A O   1 
ATOM   438 C  CB  . LEU A 1 73  ? -10.153 26.248  1.361   1.00 48.12  ? 400 LEU A CB  1 
ATOM   439 C  CG  . LEU A 1 73  ? -10.820 25.336  0.359   1.00 51.25  ? 400 LEU A CG  1 
ATOM   440 C  CD1 . LEU A 1 73  ? -10.269 23.933  0.481   1.00 51.74  ? 400 LEU A CD1 1 
ATOM   441 C  CD2 . LEU A 1 73  ? -12.323 25.353  0.516   1.00 49.68  ? 400 LEU A CD2 1 
ATOM   442 N  N   . GLY A 1 74  ? -8.884  29.004  2.673   1.00 51.04  ? 401 GLY A N   1 
ATOM   443 C  CA  . GLY A 1 74  ? -8.451  29.646  3.904   1.00 50.80  ? 401 GLY A CA  1 
ATOM   444 C  C   . GLY A 1 74  ? -8.151  28.617  4.975   1.00 56.59  ? 401 GLY A C   1 
ATOM   445 O  O   . GLY A 1 74  ? -8.503  28.806  6.141   1.00 56.31  ? 401 GLY A O   1 
ATOM   446 N  N   . GLU A 1 75  ? -7.496  27.505  4.566   1.00 54.05  ? 402 GLU A N   1 
ATOM   447 C  CA  . GLU A 1 75  ? -7.173  26.355  5.414   1.00 53.29  ? 402 GLU A CA  1 
ATOM   448 C  C   . GLU A 1 75  ? -5.696  25.985  5.378   1.00 55.63  ? 402 GLU A C   1 
ATOM   449 O  O   . GLU A 1 75  ? -4.973  26.333  4.433   1.00 54.07  ? 402 GLU A O   1 
ATOM   450 C  CB  . GLU A 1 75  ? -7.943  25.113  4.911   1.00 54.49  ? 402 GLU A CB  1 
ATOM   451 C  CG  . GLU A 1 75  ? -9.458  25.149  5.029   1.00 61.53  ? 402 GLU A CG  1 
ATOM   452 C  CD  . GLU A 1 75  ? -10.164 23.920  4.478   1.00 71.31  ? 402 GLU A CD  1 
ATOM   453 O  OE1 . GLU A 1 75  ? -9.477  22.943  4.101   1.00 58.96  ? 402 GLU A OE1 1 
ATOM   454 O  OE2 . GLU A 1 75  ? -11.414 23.937  4.421   1.00 62.11  ? 402 GLU A OE2 1 
ATOM   455 N  N   . GLU A 1 76  ? -5.281  25.183  6.378   1.00 52.70  ? 403 GLU A N   1 
ATOM   456 C  CA  . GLU A 1 76  ? -3.960  24.564  6.428   1.00 52.82  ? 403 GLU A CA  1 
ATOM   457 C  C   . GLU A 1 76  ? -3.976  23.469  5.326   1.00 56.22  ? 403 GLU A C   1 
ATOM   458 O  O   . GLU A 1 76  ? -4.999  22.791  5.135   1.00 55.08  ? 403 GLU A O   1 
ATOM   459 C  CB  . GLU A 1 76  ? -3.705  23.929  7.803   1.00 54.34  ? 403 GLU A CB  1 
ATOM   460 C  CG  . GLU A 1 76  ? -2.913  24.816  8.746   1.00 71.21  ? 403 GLU A CG  1 
ATOM   461 C  CD  . GLU A 1 76  ? -2.465  24.161  10.040  1.00 102.16 ? 403 GLU A CD  1 
ATOM   462 O  OE1 . GLU A 1 76  ? -1.845  23.074  9.980   1.00 97.95  ? 403 GLU A OE1 1 
ATOM   463 O  OE2 . GLU A 1 76  ? -2.702  24.758  11.116  1.00 103.23 ? 403 GLU A OE2 1 
ATOM   464 N  N   . CYS A 1 77  ? -2.878  23.355  4.580   1.00 52.97  ? 404 CYS A N   1 
ATOM   465 C  CA  . CYS A 1 77  ? -2.716  22.420  3.476   1.00 54.47  ? 404 CYS A CA  1 
ATOM   466 C  C   . CYS A 1 77  ? -2.673  20.960  3.927   1.00 54.19  ? 404 CYS A C   1 
ATOM   467 O  O   . CYS A 1 77  ? -1.944  20.627  4.863   1.00 52.90  ? 404 CYS A O   1 
ATOM   468 C  CB  . CYS A 1 77  ? -1.472  22.769  2.666   1.00 57.05  ? 404 CYS A CB  1 
ATOM   469 S  SG  . CYS A 1 77  ? -1.781  23.700  1.140   1.00 62.66  ? 404 CYS A SG  1 
ATOM   470 N  N   . CYS A 1 78  ? -3.426  20.086  3.232   1.00 48.26  ? 405 CYS A N   1 
ATOM   471 C  CA  . CYS A 1 78  ? -3.371  18.644  3.482   1.00 47.29  ? 405 CYS A CA  1 
ATOM   472 C  C   . CYS A 1 78  ? -2.441  18.075  2.435   1.00 50.51  ? 405 CYS A C   1 
ATOM   473 O  O   . CYS A 1 78  ? -2.592  18.374  1.250   1.00 50.02  ? 405 CYS A O   1 
ATOM   474 C  CB  . CYS A 1 78  ? -4.749  17.983  3.433   1.00 46.66  ? 405 CYS A CB  1 
ATOM   475 S  SG  . CYS A 1 78  ? -5.884  18.521  4.737   1.00 50.02  ? 405 CYS A SG  1 
ATOM   476 N  N   . TYR A 1 79  ? -1.443  17.313  2.878   1.00 48.14  ? 406 TYR A N   1 
ATOM   477 C  CA  . TYR A 1 79  ? -0.479  16.652  2.000   1.00 48.75  ? 406 TYR A CA  1 
ATOM   478 C  C   . TYR A 1 79  ? -0.576  15.138  2.164   1.00 47.99  ? 406 TYR A C   1 
ATOM   479 O  O   . TYR A 1 79  ? -0.868  14.645  3.258   1.00 45.76  ? 406 TYR A O   1 
ATOM   480 C  CB  . TYR A 1 79  ? 0.955   17.116  2.299   1.00 52.19  ? 406 TYR A CB  1 
ATOM   481 C  CG  . TYR A 1 79  ? 1.178   18.599  2.119   1.00 57.67  ? 406 TYR A CG  1 
ATOM   482 C  CD1 . TYR A 1 79  ? 1.394   19.144  0.852   1.00 60.83  ? 406 TYR A CD1 1 
ATOM   483 C  CD2 . TYR A 1 79  ? 1.234   19.454  3.217   1.00 59.34  ? 406 TYR A CD2 1 
ATOM   484 C  CE1 . TYR A 1 79  ? 1.634   20.509  0.682   1.00 62.73  ? 406 TYR A CE1 1 
ATOM   485 C  CE2 . TYR A 1 79  ? 1.494   20.817  3.061   1.00 60.90  ? 406 TYR A CE2 1 
ATOM   486 C  CZ  . TYR A 1 79  ? 1.685   21.342  1.791   1.00 71.81  ? 406 TYR A CZ  1 
ATOM   487 O  OH  . TYR A 1 79  ? 1.919   22.689  1.632   1.00 76.26  ? 406 TYR A OH  1 
ATOM   488 N  N   . TYR A 1 80  ? -0.321  14.403  1.080   1.00 43.09  ? 407 TYR A N   1 
ATOM   489 C  CA  . TYR A 1 80  ? -0.358  12.948  1.121   1.00 41.55  ? 407 TYR A CA  1 
ATOM   490 C  C   . TYR A 1 80  ? 0.990   12.370  1.501   1.00 46.61  ? 407 TYR A C   1 
ATOM   491 O  O   . TYR A 1 80  ? 2.005   12.708  0.884   1.00 46.29  ? 407 TYR A O   1 
ATOM   492 C  CB  . TYR A 1 80  ? -0.858  12.348  -0.203  1.00 40.79  ? 407 TYR A CB  1 
ATOM   493 C  CG  . TYR A 1 80  ? -0.837  10.832  -0.229  1.00 40.19  ? 407 TYR A CG  1 
ATOM   494 C  CD1 . TYR A 1 80  ? -1.556  10.085  0.707   1.00 40.88  ? 407 TYR A CD1 1 
ATOM   495 C  CD2 . TYR A 1 80  ? -0.092  10.142  -1.181  1.00 40.17  ? 407 TYR A CD2 1 
ATOM   496 C  CE1 . TYR A 1 80  ? -1.526  8.690   0.699   1.00 39.31  ? 407 TYR A CE1 1 
ATOM   497 C  CE2 . TYR A 1 80  ? -0.075  8.745   -1.215  1.00 41.12  ? 407 TYR A CE2 1 
ATOM   498 C  CZ  . TYR A 1 80  ? -0.809  8.024   -0.285  1.00 46.71  ? 407 TYR A CZ  1 
ATOM   499 O  OH  . TYR A 1 80  ? -0.795  6.651   -0.325  1.00 45.92  ? 407 TYR A OH  1 
ATOM   500 N  N   . VAL A 1 81  ? 0.984   11.462  2.504   1.00 43.04  ? 408 VAL A N   1 
ATOM   501 C  CA  . VAL A 1 81  ? 2.187   10.768  2.941   1.00 42.30  ? 408 VAL A CA  1 
ATOM   502 C  C   . VAL A 1 81  ? 2.175   9.333   2.382   1.00 45.22  ? 408 VAL A C   1 
ATOM   503 O  O   . VAL A 1 81  ? 1.497   8.439   2.896   1.00 43.47  ? 408 VAL A O   1 
ATOM   504 C  CB  . VAL A 1 81  ? 2.452   10.865  4.474   1.00 45.54  ? 408 VAL A CB  1 
ATOM   505 C  CG1 . VAL A 1 81  ? 3.720   10.095  4.866   1.00 45.19  ? 408 VAL A CG1 1 
ATOM   506 C  CG2 . VAL A 1 81  ? 2.555   12.326  4.915   1.00 44.91  ? 408 VAL A CG2 1 
ATOM   507 N  N   . ASN A 1 82  ? 2.894   9.154   1.286   1.00 42.57  ? 409 ASN A N   1 
ATOM   508 C  CA  . ASN A 1 82  ? 3.050   7.883   0.606   1.00 42.69  ? 409 ASN A CA  1 
ATOM   509 C  C   . ASN A 1 82  ? 4.008   6.990   1.436   1.00 46.63  ? 409 ASN A C   1 
ATOM   510 O  O   . ASN A 1 82  ? 5.138   7.396   1.733   1.00 45.24  ? 409 ASN A O   1 
ATOM   511 C  CB  . ASN A 1 82  ? 3.601   8.132   -0.795  1.00 43.21  ? 409 ASN A CB  1 
ATOM   512 C  CG  . ASN A 1 82  ? 3.954   6.894   -1.573  1.00 54.54  ? 409 ASN A CG  1 
ATOM   513 O  OD1 . ASN A 1 82  ? 3.317   5.848   -1.446  1.00 41.94  ? 409 ASN A OD1 1 
ATOM   514 N  ND2 . ASN A 1 82  ? 4.922   7.022   -2.468  1.00 53.18  ? 409 ASN A ND2 1 
ATOM   515 N  N   . GLN A 1 83  ? 3.514   5.796   1.853   1.00 41.87  ? 410 GLN A N   1 
ATOM   516 C  CA  . GLN A 1 83  ? 4.281   4.848   2.662   1.00 40.15  ? 410 GLN A CA  1 
ATOM   517 C  C   . GLN A 1 83  ? 4.272   3.460   2.026   1.00 40.20  ? 410 GLN A C   1 
ATOM   518 O  O   . GLN A 1 83  ? 4.296   2.459   2.739   1.00 39.45  ? 410 GLN A O   1 
ATOM   519 C  CB  . GLN A 1 83  ? 3.748   4.806   4.097   1.00 40.89  ? 410 GLN A CB  1 
ATOM   520 C  CG  . GLN A 1 83  ? 3.857   6.116   4.842   1.00 49.38  ? 410 GLN A CG  1 
ATOM   521 C  CD  . GLN A 1 83  ? 3.520   5.922   6.295   1.00 57.73  ? 410 GLN A CD  1 
ATOM   522 O  OE1 . GLN A 1 83  ? 4.369   5.556   7.098   1.00 54.04  ? 410 GLN A OE1 1 
ATOM   523 N  NE2 . GLN A 1 83  ? 2.275   6.163   6.660   1.00 43.67  ? 410 GLN A NE2 1 
ATOM   524 N  N   . SER A 1 84  ? 4.228   3.417   0.682   1.00 35.11  ? 411 SER A N   1 
ATOM   525 C  CA  . SER A 1 84  ? 4.192   2.216   -0.152  1.00 35.42  ? 411 SER A CA  1 
ATOM   526 C  C   . SER A 1 84  ? 5.362   1.249   0.092   1.00 37.37  ? 411 SER A C   1 
ATOM   527 O  O   . SER A 1 84  ? 5.161   0.035   0.088   1.00 36.17  ? 411 SER A O   1 
ATOM   528 C  CB  . SER A 1 84  ? 4.137   2.613   -1.629  1.00 40.64  ? 411 SER A CB  1 
ATOM   529 O  OG  . SER A 1 84  ? 3.962   1.490   -2.476  1.00 53.02  ? 411 SER A OG  1 
ATOM   530 N  N   . GLY A 1 85  ? 6.565   1.808   0.263   1.00 34.34  ? 412 GLY A N   1 
ATOM   531 C  CA  . GLY A 1 85  ? 7.801   1.076   0.508   1.00 33.63  ? 412 GLY A CA  1 
ATOM   532 C  C   . GLY A 1 85  ? 7.741   0.226   1.759   1.00 37.76  ? 412 GLY A C   1 
ATOM   533 O  O   . GLY A 1 85  ? 8.324   -0.855  1.789   1.00 36.50  ? 412 GLY A O   1 
ATOM   534 N  N   . ILE A 1 86  ? 7.009   0.693   2.789   1.00 37.14  ? 413 ILE A N   1 
ATOM   535 C  CA  . ILE A 1 86  ? 6.795   -0.061  4.036   1.00 37.87  ? 413 ILE A CA  1 
ATOM   536 C  C   . ILE A 1 86  ? 5.986   -1.366  3.761   1.00 40.03  ? 413 ILE A C   1 
ATOM   537 O  O   . ILE A 1 86  ? 6.426   -2.448  4.157   1.00 39.72  ? 413 ILE A O   1 
ATOM   538 C  CB  . ILE A 1 86  ? 6.139   0.817   5.143   1.00 40.98  ? 413 ILE A CB  1 
ATOM   539 C  CG1 . ILE A 1 86  ? 7.138   1.889   5.672   1.00 41.81  ? 413 ILE A CG1 1 
ATOM   540 C  CG2 . ILE A 1 86  ? 5.573   -0.054  6.301   1.00 40.75  ? 413 ILE A CG2 1 
ATOM   541 C  CD1 . ILE A 1 86  ? 6.475   2.947   6.639   1.00 44.45  ? 413 ILE A CD1 1 
ATOM   542 N  N   . VAL A 1 87  ? 4.827   -1.252  3.086   1.00 36.01  ? 414 VAL A N   1 
ATOM   543 C  CA  . VAL A 1 87  ? 3.957   -2.402  2.794   1.00 35.61  ? 414 VAL A CA  1 
ATOM   544 C  C   . VAL A 1 87  ? 4.670   -3.396  1.839   1.00 40.00  ? 414 VAL A C   1 
ATOM   545 O  O   . VAL A 1 87  ? 4.644   -4.600  2.085   1.00 39.82  ? 414 VAL A O   1 
ATOM   546 C  CB  . VAL A 1 87  ? 2.547   -1.944  2.319   1.00 38.37  ? 414 VAL A CB  1 
ATOM   547 C  CG1 . VAL A 1 87  ? 1.689   -3.120  1.806   1.00 37.17  ? 414 VAL A CG1 1 
ATOM   548 C  CG2 . VAL A 1 87  ? 1.826   -1.189  3.443   1.00 37.91  ? 414 VAL A CG2 1 
ATOM   549 N  N   . THR A 1 88  ? 5.373   -2.869  0.815   1.00 37.70  ? 415 THR A N   1 
ATOM   550 C  CA  . THR A 1 88  ? 6.177   -3.626  -0.152  1.00 37.26  ? 415 THR A CA  1 
ATOM   551 C  C   . THR A 1 88  ? 7.226   -4.476  0.592   1.00 38.30  ? 415 THR A C   1 
ATOM   552 O  O   . THR A 1 88  ? 7.388   -5.651  0.292   1.00 38.01  ? 415 THR A O   1 
ATOM   553 C  CB  . THR A 1 88  ? 6.808   -2.636  -1.177  1.00 43.62  ? 415 THR A CB  1 
ATOM   554 O  OG1 . THR A 1 88  ? 5.750   -2.053  -1.926  1.00 46.06  ? 415 THR A OG1 1 
ATOM   555 C  CG2 . THR A 1 88  ? 7.806   -3.309  -2.144  1.00 42.08  ? 415 THR A CG2 1 
ATOM   556 N  N   . GLU A 1 89  ? 7.924   -3.872  1.553   1.00 35.04  ? 416 GLU A N   1 
ATOM   557 C  CA  . GLU A 1 89  ? 8.938   -4.544  2.368   1.00 34.72  ? 416 GLU A CA  1 
ATOM   558 C  C   . GLU A 1 89  ? 8.308   -5.656  3.260   1.00 36.70  ? 416 GLU A C   1 
ATOM   559 O  O   . GLU A 1 89  ? 8.814   -6.790  3.289   1.00 34.00  ? 416 GLU A O   1 
ATOM   560 C  CB  . GLU A 1 89  ? 9.700   -3.505  3.212   1.00 35.74  ? 416 GLU A CB  1 
ATOM   561 C  CG  . GLU A 1 89  ? 10.614  -4.129  4.252   1.00 46.01  ? 416 GLU A CG  1 
ATOM   562 C  CD  . GLU A 1 89  ? 11.415  -3.132  5.062   1.00 64.31  ? 416 GLU A CD  1 
ATOM   563 O  OE1 . GLU A 1 89  ? 10.856  -2.497  5.987   1.00 68.81  ? 416 GLU A OE1 1 
ATOM   564 O  OE2 . GLU A 1 89  ? 12.624  -3.010  4.780   1.00 52.63  ? 416 GLU A OE2 1 
ATOM   565 N  N   . LYS A 1 90  ? 7.189   -5.345  3.936   1.00 33.55  ? 417 LYS A N   1 
ATOM   566 C  CA  . LYS A 1 90  ? 6.536   -6.362  4.780   1.00 34.32  ? 417 LYS A CA  1 
ATOM   567 C  C   . LYS A 1 90  ? 6.052   -7.559  3.978   1.00 37.68  ? 417 LYS A C   1 
ATOM   568 O  O   . LYS A 1 90  ? 6.208   -8.689  4.435   1.00 38.25  ? 417 LYS A O   1 
ATOM   569 C  CB  . LYS A 1 90  ? 5.394   -5.778  5.634   1.00 35.82  ? 417 LYS A CB  1 
ATOM   570 C  CG  . LYS A 1 90  ? 5.809   -4.650  6.560   1.00 36.37  ? 417 LYS A CG  1 
ATOM   571 C  CD  . LYS A 1 90  ? 6.686   -5.101  7.726   1.00 43.48  ? 417 LYS A CD  1 
ATOM   572 C  CE  . LYS A 1 90  ? 7.210   -3.899  8.479   1.00 46.22  ? 417 LYS A CE  1 
ATOM   573 N  NZ  . LYS A 1 90  ? 8.165   -4.299  9.541   1.00 56.79  ? 417 LYS A NZ  1 
ATOM   574 N  N   . VAL A 1 91  ? 5.534   -7.308  2.761   1.00 33.70  ? 418 VAL A N   1 
ATOM   575 C  CA  . VAL A 1 91  ? 5.045   -8.353  1.866   1.00 33.52  ? 418 VAL A CA  1 
ATOM   576 C  C   . VAL A 1 91  ? 6.207   -9.235  1.408   1.00 36.53  ? 418 VAL A C   1 
ATOM   577 O  O   . VAL A 1 91  ? 6.087   -10.464 1.393   1.00 35.19  ? 418 VAL A O   1 
ATOM   578 C  CB  . VAL A 1 91  ? 4.192   -7.786  0.687   1.00 36.52  ? 418 VAL A CB  1 
ATOM   579 C  CG1 . VAL A 1 91  ? 3.983   -8.842  -0.392  1.00 35.61  ? 418 VAL A CG1 1 
ATOM   580 C  CG2 . VAL A 1 91  ? 2.844   -7.257  1.191   1.00 36.69  ? 418 VAL A CG2 1 
ATOM   581 N  N   . LYS A 1 92  ? 7.338   -8.600  1.062   1.00 33.57  ? 419 LYS A N   1 
ATOM   582 C  CA  . LYS A 1 92  ? 8.553   -9.312  0.670   1.00 32.83  ? 419 LYS A CA  1 
ATOM   583 C  C   . LYS A 1 92  ? 9.040   -10.223 1.828   1.00 36.12  ? 419 LYS A C   1 
ATOM   584 O  O   . LYS A 1 92  ? 9.340   -11.394 1.591   1.00 34.76  ? 419 LYS A O   1 
ATOM   585 C  CB  . LYS A 1 92  ? 9.623   -8.305  0.156   1.00 34.36  ? 419 LYS A CB  1 
ATOM   586 C  CG  . LYS A 1 92  ? 10.944  -8.931  -0.338  1.00 38.62  ? 419 LYS A CG  1 
ATOM   587 C  CD  . LYS A 1 92  ? 11.997  -9.135  0.790   1.00 47.95  ? 419 LYS A CD  1 
ATOM   588 C  CE  . LYS A 1 92  ? 12.328  -7.911  1.647   1.00 58.64  ? 419 LYS A CE  1 
ATOM   589 N  NZ  . LYS A 1 92  ? 13.157  -8.280  2.841   1.00 64.99  ? 419 LYS A NZ  1 
ATOM   590 N  N   . GLU A 1 93  ? 9.041   -9.720  3.081   1.00 35.28  ? 420 GLU A N   1 
ATOM   591 C  CA  . GLU A 1 93  ? 9.446   -10.533 4.262   1.00 34.92  ? 420 GLU A CA  1 
ATOM   592 C  C   . GLU A 1 93  ? 8.501   -11.725 4.504   1.00 38.96  ? 420 GLU A C   1 
ATOM   593 O  O   . GLU A 1 93  ? 8.975   -12.844 4.680   1.00 38.29  ? 420 GLU A O   1 
ATOM   594 C  CB  . GLU A 1 93  ? 9.601   -9.675  5.535   1.00 36.06  ? 420 GLU A CB  1 
ATOM   595 C  CG  . GLU A 1 93  ? 10.628  -8.558  5.399   1.00 40.72  ? 420 GLU A CG  1 
ATOM   596 C  CD  . GLU A 1 93  ? 10.657  -7.577  6.560   1.00 55.13  ? 420 GLU A CD  1 
ATOM   597 O  OE1 . GLU A 1 93  ? 9.874   -7.767  7.517   1.00 44.52  ? 420 GLU A OE1 1 
ATOM   598 O  OE2 . GLU A 1 93  ? 11.489  -6.640  6.532   1.00 45.00  ? 420 GLU A OE2 1 
ATOM   599 N  N   . ILE A 1 94  ? 7.172   -11.488 4.443   1.00 36.25  ? 421 ILE A N   1 
ATOM   600 C  CA  . ILE A 1 94  ? 6.123   -12.519 4.554   1.00 35.39  ? 421 ILE A CA  1 
ATOM   601 C  C   . ILE A 1 94  ? 6.339   -13.649 3.504   1.00 39.35  ? 421 ILE A C   1 
ATOM   602 O  O   . ILE A 1 94  ? 6.316   -14.825 3.848   1.00 37.93  ? 421 ILE A O   1 
ATOM   603 C  CB  . ILE A 1 94  ? 4.699   -11.866 4.435   1.00 37.20  ? 421 ILE A CB  1 
ATOM   604 C  CG1 . ILE A 1 94  ? 4.348   -11.080 5.732   1.00 36.71  ? 421 ILE A CG1 1 
ATOM   605 C  CG2 . ILE A 1 94  ? 3.609   -12.942 4.117   1.00 37.24  ? 421 ILE A CG2 1 
ATOM   606 C  CD1 . ILE A 1 94  ? 3.226   -10.004 5.623   1.00 33.37  ? 421 ILE A CD1 1 
ATOM   607 N  N   . ARG A 1 95  ? 6.530   -13.269 2.234   1.00 37.71  ? 422 ARG A N   1 
ATOM   608 C  CA  . ARG A 1 95  ? 6.749   -14.184 1.109   1.00 37.06  ? 422 ARG A CA  1 
ATOM   609 C  C   . ARG A 1 95  ? 8.043   -14.978 1.274   1.00 40.83  ? 422 ARG A C   1 
ATOM   610 O  O   . ARG A 1 95  ? 8.080   -16.160 0.918   1.00 40.83  ? 422 ARG A O   1 
ATOM   611 C  CB  . ARG A 1 95  ? 6.688   -13.420 -0.228  1.00 34.73  ? 422 ARG A CB  1 
ATOM   612 C  CG  . ARG A 1 95  ? 5.252   -13.076 -0.585  1.00 38.62  ? 422 ARG A CG  1 
ATOM   613 C  CD  . ARG A 1 95  ? 5.138   -12.196 -1.800  1.00 39.46  ? 422 ARG A CD  1 
ATOM   614 N  NE  . ARG A 1 95  ? 3.743   -12.107 -2.241  1.00 38.50  ? 422 ARG A NE  1 
ATOM   615 C  CZ  . ARG A 1 95  ? 3.292   -11.238 -3.137  1.00 46.78  ? 422 ARG A CZ  1 
ATOM   616 N  NH1 . ARG A 1 95  ? 4.120   -10.379 -3.714  1.00 40.60  ? 422 ARG A NH1 1 
ATOM   617 N  NH2 . ARG A 1 95  ? 2.010   -11.220 -3.462  1.00 37.55  ? 422 ARG A NH2 1 
ATOM   618 N  N   . ASP A 1 96  ? 9.084   -14.349 1.846   1.00 37.35  ? 423 ASP A N   1 
ATOM   619 C  CA  . ASP A 1 96  ? 10.358  -15.021 2.178   1.00 37.23  ? 423 ASP A CA  1 
ATOM   620 C  C   . ASP A 1 96  ? 10.157  -16.084 3.259   1.00 39.11  ? 423 ASP A C   1 
ATOM   621 O  O   . ASP A 1 96  ? 10.742  -17.164 3.180   1.00 38.26  ? 423 ASP A O   1 
ATOM   622 C  CB  . ASP A 1 96  ? 11.414  -14.001 2.661   1.00 38.64  ? 423 ASP A CB  1 
ATOM   623 C  CG  . ASP A 1 96  ? 12.156  -13.311 1.534   1.00 47.12  ? 423 ASP A CG  1 
ATOM   624 O  OD1 . ASP A 1 96  ? 11.965  -13.709 0.361   1.00 49.82  ? 423 ASP A OD1 1 
ATOM   625 O  OD2 . ASP A 1 96  ? 12.895  -12.356 1.815   1.00 45.55  ? 423 ASP A OD2 1 
ATOM   626 N  N   . ARG A 1 97  ? 9.333   -15.762 4.272   1.00 35.99  ? 424 ARG A N   1 
ATOM   627 C  CA  . ARG A 1 97  ? 9.001   -16.648 5.393   1.00 35.41  ? 424 ARG A CA  1 
ATOM   628 C  C   . ARG A 1 97  ? 8.176   -17.861 4.939   1.00 38.91  ? 424 ARG A C   1 
ATOM   629 O  O   . ARG A 1 97  ? 8.464   -18.972 5.380   1.00 38.57  ? 424 ARG A O   1 
ATOM   630 C  CB  . ARG A 1 97  ? 8.313   -15.871 6.529   1.00 32.12  ? 424 ARG A CB  1 
ATOM   631 C  CG  . ARG A 1 97  ? 9.232   -14.789 7.124   1.00 31.24  ? 424 ARG A CG  1 
ATOM   632 C  CD  . ARG A 1 97  ? 8.541   -13.826 8.091   1.00 30.20  ? 424 ARG A CD  1 
ATOM   633 N  NE  . ARG A 1 97  ? 7.831   -14.560 9.151   1.00 36.75  ? 424 ARG A NE  1 
ATOM   634 C  CZ  . ARG A 1 97  ? 8.399   -15.120 10.211  1.00 42.77  ? 424 ARG A CZ  1 
ATOM   635 N  NH1 . ARG A 1 97  ? 9.704   -15.013 10.407  1.00 37.04  ? 424 ARG A NH1 1 
ATOM   636 N  NH2 . ARG A 1 97  ? 7.671   -15.822 11.066  1.00 33.43  ? 424 ARG A NH2 1 
ATOM   637 N  N   . ILE A 1 98  ? 7.198   -17.658 4.020   1.00 35.51  ? 425 ILE A N   1 
ATOM   638 C  CA  . ILE A 1 98  ? 6.365   -18.728 3.439   1.00 34.14  ? 425 ILE A CA  1 
ATOM   639 C  C   . ILE A 1 98  ? 7.310   -19.716 2.666   1.00 39.36  ? 425 ILE A C   1 
ATOM   640 O  O   . ILE A 1 98  ? 7.201   -20.932 2.808   1.00 38.51  ? 425 ILE A O   1 
ATOM   641 C  CB  . ILE A 1 98  ? 5.283   -18.128 2.474   1.00 35.76  ? 425 ILE A CB  1 
ATOM   642 C  CG1 . ILE A 1 98  ? 4.175   -17.344 3.237   1.00 36.00  ? 425 ILE A CG1 1 
ATOM   643 C  CG2 . ILE A 1 98  ? 4.670   -19.221 1.546   1.00 34.53  ? 425 ILE A CG2 1 
ATOM   644 C  CD1 . ILE A 1 98  ? 3.324   -16.325 2.299   1.00 31.71  ? 425 ILE A CD1 1 
ATOM   645 N  N   . GLN A 1 99  ? 8.203   -19.154 1.839   1.00 37.92  ? 426 GLN A N   1 
ATOM   646 C  CA  . GLN A 1 99  ? 9.154   -19.865 1.003   1.00 38.99  ? 426 GLN A CA  1 
ATOM   647 C  C   . GLN A 1 99  ? 10.153  -20.645 1.860   1.00 43.56  ? 426 GLN A C   1 
ATOM   648 O  O   . GLN A 1 99  ? 10.422  -21.810 1.576   1.00 42.30  ? 426 GLN A O   1 
ATOM   649 C  CB  . GLN A 1 99  ? 9.857   -18.881 0.033   1.00 40.28  ? 426 GLN A CB  1 
ATOM   650 C  CG  . GLN A 1 99  ? 10.807  -19.553 -0.976  1.00 61.60  ? 426 GLN A CG  1 
ATOM   651 C  CD  . GLN A 1 99  ? 10.155  -20.639 -1.821  1.00 88.93  ? 426 GLN A CD  1 
ATOM   652 O  OE1 . GLN A 1 99  ? 9.022   -20.509 -2.313  1.00 82.90  ? 426 GLN A OE1 1 
ATOM   653 N  NE2 . GLN A 1 99  ? 10.866  -21.744 -2.008  1.00 84.45  ? 426 GLN A NE2 1 
ATOM   654 N  N   . ARG A 1 100 ? 10.663  -20.021 2.930   1.00 41.96  ? 427 ARG A N   1 
ATOM   655 C  CA  . ARG A 1 100 ? 11.572  -20.711 3.843   1.00 42.46  ? 427 ARG A CA  1 
ATOM   656 C  C   . ARG A 1 100 ? 10.836  -21.934 4.471   1.00 45.91  ? 427 ARG A C   1 
ATOM   657 O  O   . ARG A 1 100 ? 11.386  -23.049 4.470   1.00 44.35  ? 427 ARG A O   1 
ATOM   658 C  CB  . ARG A 1 100 ? 12.114  -19.741 4.914   1.00 41.46  ? 427 ARG A CB  1 
ATOM   659 C  CG  . ARG A 1 100 ? 12.894  -20.437 6.024   1.00 44.27  ? 427 ARG A CG  1 
ATOM   660 C  CD  . ARG A 1 100 ? 13.301  -19.530 7.174   1.00 43.51  ? 427 ARG A CD  1 
ATOM   661 N  NE  . ARG A 1 100 ? 12.231  -18.655 7.671   1.00 48.90  ? 427 ARG A NE  1 
ATOM   662 C  CZ  . ARG A 1 100 ? 11.243  -19.041 8.472   1.00 57.37  ? 427 ARG A CZ  1 
ATOM   663 N  NH1 . ARG A 1 100 ? 11.122  -20.314 8.823   1.00 39.87  ? 427 ARG A NH1 1 
ATOM   664 N  NH2 . ARG A 1 100 ? 10.347  -18.161 8.901   1.00 44.54  ? 427 ARG A NH2 1 
ATOM   665 N  N   . ARG A 1 101 ? 9.572   -21.730 4.919   1.00 41.78  ? 428 ARG A N   1 
ATOM   666 C  CA  . ARG A 1 101 ? 8.772   -22.798 5.518   1.00 42.17  ? 428 ARG A CA  1 
ATOM   667 C  C   . ARG A 1 101 ? 8.409   -23.914 4.518   1.00 48.82  ? 428 ARG A C   1 
ATOM   668 O  O   . ARG A 1 101 ? 8.455   -25.084 4.895   1.00 47.84  ? 428 ARG A O   1 
ATOM   669 C  CB  . ARG A 1 101 ? 7.527   -22.256 6.237   1.00 40.13  ? 428 ARG A CB  1 
ATOM   670 C  CG  . ARG A 1 101 ? 7.827   -21.479 7.516   1.00 40.12  ? 428 ARG A CG  1 
ATOM   671 C  CD  . ARG A 1 101 ? 6.548   -21.179 8.285   1.00 41.72  ? 428 ARG A CD  1 
ATOM   672 N  NE  . ARG A 1 101 ? 5.600   -20.413 7.477   1.00 41.51  ? 428 ARG A NE  1 
ATOM   673 C  CZ  . ARG A 1 101 ? 5.433   -19.094 7.521   1.00 44.93  ? 428 ARG A CZ  1 
ATOM   674 N  NH1 . ARG A 1 101 ? 6.123   -18.358 8.382   1.00 34.55  ? 428 ARG A NH1 1 
ATOM   675 N  NH2 . ARG A 1 101 ? 4.556   -18.507 6.724   1.00 39.03  ? 428 ARG A NH2 1 
ATOM   676 N  N   . ALA A 1 102 ? 8.080   -23.558 3.252   1.00 48.20  ? 429 ALA A N   1 
ATOM   677 C  CA  . ALA A 1 102 ? 7.764   -24.517 2.178   1.00 49.32  ? 429 ALA A CA  1 
ATOM   678 C  C   . ALA A 1 102 ? 8.986   -25.417 1.883   1.00 58.84  ? 429 ALA A C   1 
ATOM   679 O  O   . ALA A 1 102 ? 8.816   -26.613 1.617   1.00 58.85  ? 429 ALA A O   1 
ATOM   680 C  CB  . ALA A 1 102 ? 7.336   -23.779 0.909   1.00 49.42  ? 429 ALA A CB  1 
ATOM   681 N  N   . GLU A 1 103 ? 10.206  -24.833 1.950   1.00 58.89  ? 430 GLU A N   1 
ATOM   682 C  CA  . GLU A 1 103 ? 11.485  -25.515 1.737   1.00 60.72  ? 430 GLU A CA  1 
ATOM   683 C  C   . GLU A 1 103 ? 11.807  -26.456 2.900   1.00 67.89  ? 430 GLU A C   1 
ATOM   684 O  O   . GLU A 1 103 ? 12.259  -27.577 2.656   1.00 67.24  ? 430 GLU A O   1 
ATOM   685 C  CB  . GLU A 1 103 ? 12.627  -24.509 1.500   1.00 62.16  ? 430 GLU A CB  1 
ATOM   686 C  CG  . GLU A 1 103 ? 12.618  -23.909 0.101   1.00 73.19  ? 430 GLU A CG  1 
ATOM   687 C  CD  . GLU A 1 103 ? 13.530  -22.718 -0.150  1.00 91.16  ? 430 GLU A CD  1 
ATOM   688 O  OE1 . GLU A 1 103 ? 14.227  -22.278 0.794   1.00 93.52  ? 430 GLU A OE1 1 
ATOM   689 O  OE2 . GLU A 1 103 ? 13.539  -22.217 -1.298  1.00 74.17  ? 430 GLU A OE2 1 
ATOM   690 N  N   . GLU A 1 104 ? 11.549  -26.012 4.159   1.00 66.68  ? 431 GLU A N   1 
ATOM   691 C  CA  . GLU A 1 104 ? 11.753  -26.809 5.380   1.00 67.53  ? 431 GLU A CA  1 
ATOM   692 C  C   . GLU A 1 104 ? 10.948  -28.120 5.303   1.00 74.04  ? 431 GLU A C   1 
ATOM   693 O  O   . GLU A 1 104 ? 11.417  -29.152 5.777   1.00 74.01  ? 431 GLU A O   1 
ATOM   694 C  CB  . GLU A 1 104 ? 11.324  -26.021 6.634   1.00 68.96  ? 431 GLU A CB  1 
ATOM   695 C  CG  . GLU A 1 104 ? 12.311  -24.965 7.114   1.00 78.53  ? 431 GLU A CG  1 
ATOM   696 C  CD  . GLU A 1 104 ? 11.773  -23.970 8.136   1.00 93.64  ? 431 GLU A CD  1 
ATOM   697 O  OE1 . GLU A 1 104 ? 10.674  -24.205 8.694   1.00 83.29  ? 431 GLU A OE1 1 
ATOM   698 O  OE2 . GLU A 1 104 ? 12.461  -22.953 8.385   1.00 78.10  ? 431 GLU A OE2 1 
ATOM   699 N  N   . LEU A 1 105 ? 9.744   -28.060 4.690   1.00 72.33  ? 432 LEU A N   1 
ATOM   700 C  CA  . LEU A 1 105 ? 8.821   -29.174 4.479   1.00 73.35  ? 432 LEU A CA  1 
ATOM   701 C  C   . LEU A 1 105 ? 9.354   -30.155 3.417   1.00 80.55  ? 432 LEU A C   1 
ATOM   702 O  O   . LEU A 1 105 ? 9.316   -31.368 3.639   1.00 80.92  ? 432 LEU A O   1 
ATOM   703 C  CB  . LEU A 1 105 ? 7.459   -28.614 4.043   1.00 73.47  ? 432 LEU A CB  1 
ATOM   704 C  CG  . LEU A 1 105 ? 6.307   -28.653 5.053   1.00 78.16  ? 432 LEU A CG  1 
ATOM   705 C  CD1 . LEU A 1 105 ? 6.634   -27.881 6.332   1.00 78.10  ? 432 LEU A CD1 1 
ATOM   706 C  CD2 . LEU A 1 105 ? 5.052   -28.089 4.433   1.00 80.49  ? 432 LEU A CD2 1 
ATOM   707 N  N   . ARG A 1 106 ? 9.856   -29.620 2.272   1.00 77.93  ? 433 ARG A N   1 
ATOM   708 C  CA  . ARG A 1 106 ? 10.415  -30.374 1.141   1.00 101.58 ? 433 ARG A CA  1 
ATOM   709 C  C   . ARG A 1 106 ? 11.898  -30.676 1.356   1.00 119.14 ? 433 ARG A C   1 
ATOM   710 O  O   . ARG A 1 106 ? 12.293  -31.136 2.424   1.00 79.66  ? 433 ARG A O   1 
ATOM   711 C  CB  . ARG A 1 106 ? 10.231  -29.591 -0.173  1.00 101.78 ? 433 ARG A CB  1 
ATOM   712 C  CG  . ARG A 1 106 ? 8.782   -29.458 -0.624  1.00 113.63 ? 433 ARG A CG  1 
ATOM   713 C  CD  . ARG A 1 106 ? 8.652   -28.565 -1.842  1.00 126.56 ? 433 ARG A CD  1 
ATOM   714 N  NE  . ARG A 1 106 ? 7.264   -28.459 -2.294  1.00 138.12 ? 433 ARG A NE  1 
ATOM   715 C  CZ  . ARG A 1 106 ? 6.874   -27.817 -3.392  1.00 154.08 ? 433 ARG A CZ  1 
ATOM   716 N  NH1 . ARG A 1 106 ? 5.590   -27.775 -3.724  1.00 143.47 ? 433 ARG A NH1 1 
ATOM   717 N  NH2 . ARG A 1 106 ? 7.766   -27.214 -4.170  1.00 139.42 ? 433 ARG A NH2 1 
HETATM 718 C  C1  . GOL B 2 .   ? -5.539  -27.215 2.812   1.00 80.21  ? 501 GOL A C1  1 
HETATM 719 O  O1  . GOL B 2 .   ? -6.035  -26.784 1.549   1.00 77.51  ? 501 GOL A O1  1 
HETATM 720 C  C2  . GOL B 2 .   ? -4.068  -26.901 2.962   1.00 81.38  ? 501 GOL A C2  1 
HETATM 721 O  O2  . GOL B 2 .   ? -3.875  -25.487 3.075   1.00 78.74  ? 501 GOL A O2  1 
HETATM 722 C  C3  . GOL B 2 .   ? -3.467  -27.586 4.169   1.00 83.93  ? 501 GOL A C3  1 
HETATM 723 O  O3  . GOL B 2 .   ? -3.408  -28.995 3.981   1.00 86.04  ? 501 GOL A O3  1 
HETATM 724 CL CL  . CL  C 3 .   ? -9.654  14.196  -5.265  0.33 42.33  ? 502 CL  A CL  1 
HETATM 725 O  O   . HOH D 4 .   ? -0.828  0.943   -8.723  1.00 46.49  ? 601 HOH A O   1 
HETATM 726 O  O   . HOH D 4 .   ? 0.546   7.930   5.360   1.00 42.89  ? 602 HOH A O   1 
HETATM 727 O  O   . HOH D 4 .   ? 14.692  -11.184 0.190   0.50 56.02  ? 603 HOH A O   1 
HETATM 728 O  O   . HOH D 4 .   ? -1.842  18.274  -1.339  1.00 58.86  ? 604 HOH A O   1 
HETATM 729 O  O   . HOH D 4 .   ? 9.637   -6.662  9.972   1.00 45.42  ? 605 HOH A O   1 
HETATM 730 O  O   . HOH D 4 .   ? -6.757  32.735  2.732   1.00 51.38  ? 606 HOH A O   1 
HETATM 731 O  O   . HOH D 4 .   ? -13.069 26.090  4.267   1.00 66.11  ? 607 HOH A O   1 
HETATM 732 O  O   . HOH D 4 .   ? -3.479  6.567   -11.318 1.00 46.33  ? 608 HOH A O   1 
HETATM 733 O  O   . HOH D 4 .   ? 1.727   -5.500  -8.035  1.00 63.70  ? 609 HOH A O   1 
HETATM 734 O  O   . HOH D 4 .   ? 13.418  -6.004  4.713   1.00 38.21  ? 610 HOH A O   1 
HETATM 735 O  O   . HOH D 4 .   ? 0.732   5.633   -2.349  1.00 47.65  ? 611 HOH A O   1 
HETATM 736 O  O   . HOH D 4 .   ? 13.066  -17.480 1.773   1.00 42.73  ? 612 HOH A O   1 
HETATM 737 O  O   . HOH D 4 .   ? 14.539  -19.799 1.912   1.00 67.51  ? 613 HOH A O   1 
HETATM 738 O  O   . HOH D 4 .   ? 2.454   -2.316  -4.321  1.00 66.89  ? 614 HOH A O   1 
HETATM 739 O  O   . HOH D 4 .   ? 3.799   -3.866  -2.561  1.00 68.40  ? 615 HOH A O   1 
HETATM 740 O  O   . HOH D 4 .   ? 1.118   7.006   -7.011  1.00 58.93  ? 616 HOH A O   1 
HETATM 741 O  O   . HOH D 4 .   ? 10.497  -1.417  0.209   1.00 60.27  ? 617 HOH A O   1 
HETATM 742 O  O   . HOH D 4 .   ? -1.859  -24.825 1.315   1.00 65.83  ? 618 HOH A O   1 
HETATM 743 O  O   . HOH D 4 .   ? -2.564  27.502  -1.196  1.00 48.63  ? 619 HOH A O   1 
HETATM 744 O  O   . HOH D 4 .   ? 7.026   -6.960  -2.130  1.00 43.86  ? 620 HOH A O   1 
HETATM 745 O  O   . HOH D 4 .   ? 1.557   0.447   -7.544  1.00 48.23  ? 621 HOH A O   1 
HETATM 746 O  O   . HOH D 4 .   ? 0.252   15.793  -1.276  1.00 52.30  ? 622 HOH A O   1 
HETATM 747 O  O   . HOH D 4 .   ? 6.202   -17.010 -0.969  1.00 52.45  ? 623 HOH A O   1 
HETATM 748 O  O   . HOH D 4 .   ? 7.894   -25.204 7.945   1.00 77.02  ? 624 HOH A O   1 
HETATM 749 O  O   . HOH D 4 .   ? 1.648   16.556  -7.064  1.00 63.94  ? 625 HOH A O   1 
HETATM 750 O  O   . HOH D 4 .   ? 1.188   -14.575 -5.296  1.00 60.46  ? 626 HOH A O   1 
HETATM 751 O  O   . HOH D 4 .   ? 0.716   -10.015 -5.652  1.00 58.79  ? 627 HOH A O   1 
HETATM 752 O  O   . HOH D 4 .   ? -6.091  29.688  -13.838 1.00 77.07  ? 628 HOH A O   1 
HETATM 753 O  O   . HOH D 4 .   ? -0.899  17.232  5.656   1.00 46.16  ? 629 HOH A O   1 
HETATM 754 O  O   . HOH D 4 .   ? -2.727  3.017   -11.794 1.00 54.39  ? 630 HOH A O   1 
HETATM 755 O  O   . HOH D 4 .   ? -1.177  -31.549 1.955   1.00 74.23  ? 631 HOH A O   1 
HETATM 756 O  O   . HOH D 4 .   ? -0.148  12.408  -9.845  1.00 45.95  ? 632 HOH A O   1 
HETATM 757 O  O   . HOH D 4 .   ? -6.746  21.299  6.883   1.00 71.03  ? 633 HOH A O   1 
HETATM 758 O  O   . HOH D 4 .   ? -6.803  31.729  -10.569 1.00 68.55  ? 634 HOH A O   1 
HETATM 759 O  O   . HOH D 4 .   ? -0.736  25.299  5.033   1.00 60.99  ? 635 HOH A O   1 
HETATM 760 O  O   . HOH D 4 .   ? 1.724   -14.168 -1.639  1.00 42.83  ? 636 HOH A O   1 
HETATM 761 O  O   . HOH D 4 .   ? 12.607  -15.991 6.446   1.00 49.99  ? 637 HOH A O   1 
HETATM 762 O  O   . HOH D 4 .   ? 3.486   -8.452  -5.879  1.00 60.66  ? 638 HOH A O   1 
HETATM 763 O  O   . HOH D 4 .   ? -2.582  -6.306  -7.394  1.00 64.13  ? 639 HOH A O   1 
HETATM 764 O  O   . HOH D 4 .   ? 3.574   -22.889 -0.264  1.00 72.38  ? 640 HOH A O   1 
HETATM 765 O  O   . HOH D 4 .   ? 0.634   22.236  -7.668  1.00 71.99  ? 641 HOH A O   1 
HETATM 766 O  O   . HOH D 4 .   ? -7.459  25.016  8.546   1.00 76.28  ? 642 HOH A O   1 
HETATM 767 O  O   . HOH D 4 .   ? -3.341  -23.125 -0.264  1.00 63.26  ? 643 HOH A O   1 
HETATM 768 O  O   . HOH D 4 .   ? -2.574  24.861  -2.202  1.00 61.94  ? 644 HOH A O   1 
HETATM 769 O  O   . HOH D 4 .   ? 3.239   -24.578 1.855   1.00 50.04  ? 645 HOH A O   1 
HETATM 770 O  O   . HOH D 4 .   ? 0.621   14.972  6.002   1.00 66.08  ? 646 HOH A O   1 
HETATM 771 O  O   . HOH D 4 .   ? 6.952   0.573   -3.159  1.00 47.37  ? 647 HOH A O   1 
HETATM 772 O  O   . HOH D 4 .   ? 7.519   4.810   0.331   1.00 58.92  ? 648 HOH A O   1 
HETATM 773 O  O   . HOH D 4 .   ? 3.144   12.142  -2.023  1.00 68.69  ? 649 HOH A O   1 
HETATM 774 O  O   . HOH D 4 .   ? 7.068   -9.567  -2.839  1.00 45.57  ? 650 HOH A O   1 
HETATM 775 O  O   . HOH D 4 .   ? -1.250  21.551  -2.294  1.00 60.35  ? 651 HOH A O   1 
HETATM 776 O  O   . HOH D 4 .   ? -3.886  -31.359 1.785   1.00 49.91  ? 652 HOH A O   1 
HETATM 777 O  O   . HOH D 4 .   ? -0.351  17.764  -5.707  1.00 67.23  ? 653 HOH A O   1 
HETATM 778 O  O   . HOH D 4 .   ? 2.867   5.595   -5.488  1.00 73.80  ? 654 HOH A O   1 
HETATM 779 O  O   . HOH D 4 .   ? 0.559   -23.562 1.183   1.00 59.65  ? 655 HOH A O   1 
HETATM 780 O  O   . HOH D 4 .   ? 2.745   14.925  -1.787  1.00 78.50  ? 656 HOH A O   1 
HETATM 781 O  O   . HOH D 4 .   ? -0.110  3.620   -9.929  1.00 53.49  ? 657 HOH A O   1 
HETATM 782 O  O   . HOH D 4 .   ? 5.181   4.306   -5.000  1.00 72.51  ? 658 HOH A O   1 
HETATM 783 O  O   . HOH D 4 .   ? 1.958   4.883   -8.598  1.00 67.69  ? 659 HOH A O   1 
HETATM 784 O  O   . HOH D 4 .   ? 1.685   7.770   -4.372  1.00 67.44  ? 660 HOH A O   1 
HETATM 785 O  O   . HOH D 4 .   ? 2.927   10.131  -3.846  1.00 60.54  ? 661 HOH A O   1 
HETATM 786 O  O   . HOH D 4 .   ? 11.441  -3.931  -0.258  1.00 61.44  ? 662 HOH A O   1 
HETATM 787 O  O   . HOH D 4 .   ? 14.169  -15.492 4.259   1.00 74.98  ? 663 HOH A O   1 
HETATM 788 O  O   . HOH D 4 .   ? 0.521   9.806   7.509   1.00 54.42  ? 664 HOH A O   1 
HETATM 789 O  O   . HOH D 4 .   ? 0.153   24.069  -1.842  1.00 78.36  ? 665 HOH A O   1 
HETATM 790 O  O   . HOH D 4 .   ? 5.284   -5.778  -3.864  1.00 53.20  ? 666 HOH A O   1 
HETATM 791 O  O   . HOH D 4 .   ? 3.674   -16.560 -1.910  1.00 65.54  ? 667 HOH A O   1 
HETATM 792 O  O   . HOH D 4 .   ? -3.680  15.764  6.873   1.00 54.46  ? 668 HOH A O   1 
HETATM 793 O  O   . HOH D 4 .   ? 16.157  -18.758 4.602   1.00 60.93  ? 669 HOH A O   1 
HETATM 794 O  O   . HOH D 4 .   ? 0.136   18.654  -3.181  1.00 72.22  ? 670 HOH A O   1 
# 
